data_8T4K
#
_entry.id   8T4K
#
_cell.length_a   1.00
_cell.length_b   1.00
_cell.length_c   1.00
_cell.angle_alpha   90.00
_cell.angle_beta   90.00
_cell.angle_gamma   90.00
#
_symmetry.space_group_name_H-M   'P 1'
#
loop_
_entity.id
_entity.type
_entity.pdbx_description
1 polymer 'MD64 N332-GT5 SOSIP gp120'
2 polymer 'MD64 N332-GT5 SOSIP gp41'
3 branched 2-acetamido-2-deoxy-beta-D-glucopyranose-(1-4)-2-acetamido-2-deoxy-beta-D-glucopyranose
4 non-polymer 2-acetamido-2-deoxy-beta-D-glucopyranose
#
loop_
_entity_poly.entity_id
_entity_poly.type
_entity_poly.pdbx_seq_one_letter_code
_entity_poly.pdbx_strand_id
1 'polypeptide(L)'
;AENLWVTVYYGVPVWKDAETTLFCASDAKAYETEKHNVWATHACVPTDPNPQEIHLENVTEEFNMWKNNMVEQMHEDIIS
LWDQSLKPCVKLTPLCVTLQCTNYAPKLRSMMRGEIKNCSFNMTTELRDKKQKVYSLFYRLDVVQINENQGNRSNNSNKE
YRLINCNTSAITQACPKVSFEPIPIHYCAPAGFAILKCKDKKFNGTGPCPSVSTVQCTHGIKPVVSTQLLLNGSLAEEEV
IIRSENITNNAKNILVQLNTPVQINCTRPSNNTVKSIRIGPGQAFYYFGDVLGHVRMAHCNISKATWNETLGKVVKQLRK
HFGNNTIIRFAQSSGGDLEVTTHSFNCGGEFFYCNTSGLFNSTWISNTSVQGSNSTGSNDSLILPCWIKQIINMWQRIGQ
AMYAPPIQGVIRCVSNITGLILTRDGGSTNSTTETFRPGGGDMRDNWRSELYKYKVVKIEPLGVAPTRCKRRVVGRRRRR
R
;
A,C,D
2 'polypeptide(L)'
;AVGIGAVSLGFLGAAGSTMGAASMTLTVQARNLLSGIVQQQSNLLRAPEPQQHLLKDTHWGIKQLQARVLAVEHYLRDQQ
LLGIWGCSGKLICCTNVPWNSSWSNRNLSEIWDNMTWLQWDKEISNYTQIIYGLLEESQNQQEKNEQDLLALDGTKHHHH
HH
;
B,E,F
#
loop_
_chem_comp.id
_chem_comp.type
_chem_comp.name
_chem_comp.formula
NAG D-saccharide, beta linking 2-acetamido-2-deoxy-beta-D-glucopyranose 'C8 H15 N O6'
#
# COMPACT_ATOMS: atom_id res chain seq x y z
N LEU A 4 18.26 -41.00 28.47
CA LEU A 4 18.46 -40.06 27.37
C LEU A 4 17.78 -38.73 27.69
N TRP A 5 18.32 -37.65 27.13
CA TRP A 5 17.82 -36.30 27.38
C TRP A 5 17.43 -35.63 26.08
N VAL A 6 16.45 -34.73 26.17
CA VAL A 6 16.00 -33.95 25.01
C VAL A 6 17.03 -32.88 24.71
N THR A 7 17.54 -32.85 23.48
CA THR A 7 18.48 -31.84 23.04
C THR A 7 17.87 -31.08 21.88
N VAL A 8 17.93 -29.75 21.97
CA VAL A 8 17.36 -28.84 20.99
C VAL A 8 18.46 -28.44 20.00
N TYR A 9 18.17 -28.57 18.71
CA TYR A 9 19.08 -28.23 17.64
C TYR A 9 18.43 -27.15 16.78
N TYR A 10 19.15 -26.05 16.56
CA TYR A 10 18.66 -24.93 15.76
C TYR A 10 19.56 -24.81 14.54
N GLY A 11 18.94 -24.82 13.37
CA GLY A 11 19.64 -24.80 12.10
C GLY A 11 19.55 -26.16 11.42
N VAL A 12 18.54 -26.95 11.76
CA VAL A 12 18.30 -28.29 11.22
C VAL A 12 17.87 -28.21 9.75
N PRO A 13 18.51 -28.99 8.81
CA PRO A 13 18.14 -28.93 7.37
C PRO A 13 16.88 -29.72 7.06
N VAL A 14 15.75 -29.24 7.57
CA VAL A 14 14.43 -29.85 7.43
C VAL A 14 13.44 -28.84 6.90
N TRP A 15 12.48 -29.34 6.12
CA TRP A 15 11.47 -28.46 5.54
C TRP A 15 10.12 -29.18 5.41
N LYS A 16 9.09 -28.36 5.21
CA LYS A 16 7.71 -28.78 4.97
C LYS A 16 7.14 -28.04 3.76
N ASP A 17 6.15 -28.66 3.11
CA ASP A 17 5.48 -28.00 1.99
C ASP A 17 4.88 -26.68 2.47
N ALA A 18 5.02 -25.63 1.67
CA ALA A 18 4.47 -24.33 2.06
C ALA A 18 4.10 -23.50 0.84
N GLU A 19 3.17 -22.57 1.06
CA GLU A 19 2.71 -21.59 0.08
C GLU A 19 3.04 -20.21 0.61
N THR A 20 3.95 -19.49 -0.06
CA THR A 20 4.34 -18.15 0.37
C THR A 20 4.38 -17.21 -0.83
N THR A 21 4.63 -15.94 -0.53
CA THR A 21 4.76 -14.91 -1.55
C THR A 21 6.17 -14.93 -2.12
N LEU A 22 6.28 -15.02 -3.45
CA LEU A 22 7.55 -14.98 -4.15
C LEU A 22 7.75 -13.60 -4.77
N PHE A 23 9.00 -13.19 -4.94
CA PHE A 23 9.32 -11.90 -5.52
C PHE A 23 10.09 -12.07 -6.83
N CYS A 24 10.09 -11.01 -7.63
CA CYS A 24 10.73 -10.99 -8.94
C CYS A 24 12.19 -10.59 -8.89
N ALA A 25 13.01 -11.28 -9.68
CA ALA A 25 14.37 -10.87 -9.98
C ALA A 25 14.57 -10.91 -11.49
N SER A 26 15.35 -9.97 -12.00
CA SER A 26 15.58 -9.86 -13.44
C SER A 26 17.00 -9.35 -13.68
N ASP A 27 17.43 -9.45 -14.93
CA ASP A 27 18.73 -8.93 -15.34
C ASP A 27 18.58 -7.49 -15.81
N HIS A 36 9.79 1.10 -22.34
CA HIS A 36 9.12 0.48 -21.20
C HIS A 36 8.87 -0.98 -21.64
N ASN A 37 8.30 -1.79 -20.76
CA ASN A 37 8.06 -3.20 -21.02
C ASN A 37 6.87 -3.53 -20.12
N VAL A 38 5.86 -4.20 -20.69
CA VAL A 38 4.62 -4.51 -19.99
C VAL A 38 4.80 -5.27 -18.67
N TRP A 39 5.92 -5.98 -18.47
CA TRP A 39 6.11 -6.75 -17.24
C TRP A 39 6.88 -6.04 -16.13
N ALA A 40 7.12 -4.73 -16.26
CA ALA A 40 7.73 -3.90 -15.21
C ALA A 40 9.01 -4.49 -14.62
N THR A 41 9.93 -4.88 -15.49
CA THR A 41 11.18 -5.47 -15.02
C THR A 41 12.10 -4.46 -14.34
N HIS A 42 11.76 -3.16 -14.36
CA HIS A 42 12.56 -2.18 -13.65
C HIS A 42 12.19 -2.09 -12.17
N ALA A 43 10.99 -2.53 -11.79
CA ALA A 43 10.61 -2.55 -10.39
C ALA A 43 11.12 -3.82 -9.74
N CYS A 44 11.31 -4.84 -10.58
CA CYS A 44 11.88 -6.12 -10.22
C CYS A 44 13.34 -5.92 -9.81
N VAL A 45 13.79 -6.64 -8.77
CA VAL A 45 15.14 -6.43 -8.25
C VAL A 45 16.18 -7.05 -9.18
N PRO A 46 17.44 -6.63 -9.13
CA PRO A 46 18.50 -7.33 -9.88
C PRO A 46 18.68 -8.77 -9.42
N THR A 47 18.92 -9.65 -10.39
CA THR A 47 19.19 -11.05 -10.11
C THR A 47 20.53 -11.17 -9.37
N GLN A 52 23.26 -19.74 -6.48
CA GLN A 52 23.98 -21.00 -6.31
C GLN A 52 23.01 -22.17 -6.27
N GLU A 53 23.24 -23.18 -7.10
CA GLU A 53 22.48 -24.41 -7.08
C GLU A 53 23.27 -25.45 -6.28
N ILE A 54 22.66 -25.93 -5.21
CA ILE A 54 23.29 -26.89 -4.29
C ILE A 54 22.59 -28.24 -4.43
N HIS A 55 23.32 -29.25 -4.89
CA HIS A 55 22.75 -30.58 -5.06
C HIS A 55 22.56 -31.28 -3.72
N LEU A 56 21.40 -31.91 -3.55
CA LEU A 56 21.06 -32.66 -2.35
C LEU A 56 21.31 -34.12 -2.70
N GLU A 57 22.46 -34.63 -2.25
CA GLU A 57 22.94 -35.93 -2.74
C GLU A 57 22.02 -37.11 -2.46
N ASN A 58 21.36 -37.15 -1.29
CA ASN A 58 20.48 -38.26 -0.94
C ASN A 58 19.05 -37.84 -0.65
N VAL A 59 18.57 -36.74 -1.22
CA VAL A 59 17.22 -36.25 -0.98
C VAL A 59 16.31 -36.67 -2.12
N THR A 60 15.20 -37.32 -1.77
CA THR A 60 14.14 -37.68 -2.69
C THR A 60 12.94 -36.83 -2.28
N GLU A 61 12.33 -36.13 -3.23
CA GLU A 61 11.23 -35.21 -2.92
C GLU A 61 10.04 -35.48 -3.83
N GLU A 62 8.85 -35.48 -3.24
CA GLU A 62 7.64 -35.70 -4.01
C GLU A 62 7.11 -34.36 -4.53
N PHE A 63 6.93 -34.28 -5.84
CA PHE A 63 6.48 -33.10 -6.55
C PHE A 63 5.07 -33.30 -7.09
N ASN A 64 4.35 -32.20 -7.29
CA ASN A 64 3.04 -32.26 -7.94
C ASN A 64 2.82 -30.94 -8.70
N MET A 65 3.08 -30.97 -10.02
CA MET A 65 2.99 -29.76 -10.83
C MET A 65 1.56 -29.23 -10.94
N TRP A 66 0.56 -30.03 -10.60
CA TRP A 66 -0.83 -29.63 -10.77
C TRP A 66 -1.40 -28.92 -9.55
N LYS A 67 -0.67 -28.89 -8.43
CA LYS A 67 -1.08 -28.27 -7.19
C LYS A 67 -0.02 -27.26 -6.75
N ASN A 68 0.82 -26.82 -7.70
CA ASN A 68 1.94 -25.93 -7.48
C ASN A 68 1.47 -24.48 -7.42
N ASN A 69 1.59 -23.84 -6.26
CA ASN A 69 1.06 -22.49 -6.10
C ASN A 69 1.94 -21.45 -6.78
N MET A 70 3.07 -21.86 -7.37
CA MET A 70 3.89 -20.91 -8.09
C MET A 70 3.22 -20.54 -9.39
N VAL A 71 2.36 -21.43 -9.91
CA VAL A 71 1.67 -21.18 -11.16
C VAL A 71 0.57 -20.16 -10.92
N GLU A 72 -0.15 -20.32 -9.81
CA GLU A 72 -1.22 -19.39 -9.47
C GLU A 72 -0.65 -18.01 -9.17
N GLN A 73 0.50 -17.96 -8.50
CA GLN A 73 1.10 -16.66 -8.25
C GLN A 73 1.61 -16.03 -9.54
N MET A 74 2.21 -16.83 -10.42
CA MET A 74 2.68 -16.28 -11.69
C MET A 74 1.50 -15.75 -12.51
N HIS A 75 0.37 -16.46 -12.46
CA HIS A 75 -0.81 -16.04 -13.20
C HIS A 75 -1.32 -14.70 -12.70
N GLU A 76 -1.43 -14.57 -11.37
CA GLU A 76 -1.91 -13.32 -10.80
C GLU A 76 -0.93 -12.18 -11.09
N ASP A 77 0.36 -12.47 -11.08
CA ASP A 77 1.37 -11.44 -11.32
C ASP A 77 1.35 -10.97 -12.76
N ILE A 78 1.22 -11.90 -13.70
CA ILE A 78 1.20 -11.52 -15.12
C ILE A 78 -0.04 -10.70 -15.42
N ILE A 79 -1.19 -11.09 -14.88
CA ILE A 79 -2.40 -10.32 -15.13
C ILE A 79 -2.27 -8.93 -14.51
N SER A 80 -1.77 -8.86 -13.28
CA SER A 80 -1.65 -7.55 -12.64
C SER A 80 -0.69 -6.65 -13.40
N LEU A 81 0.43 -7.19 -13.90
CA LEU A 81 1.37 -6.37 -14.66
C LEU A 81 0.76 -5.91 -15.97
N TRP A 82 0.03 -6.81 -16.64
CA TRP A 82 -0.63 -6.45 -17.89
C TRP A 82 -1.59 -5.30 -17.66
N ASP A 83 -2.45 -5.44 -16.65
CA ASP A 83 -3.43 -4.39 -16.38
C ASP A 83 -2.74 -3.09 -15.99
N GLN A 84 -1.66 -3.16 -15.21
CA GLN A 84 -0.98 -1.94 -14.78
C GLN A 84 -0.42 -1.17 -15.97
N SER A 85 0.06 -1.88 -16.99
CA SER A 85 0.66 -1.17 -18.12
C SER A 85 -0.37 -0.36 -18.91
N LEU A 86 -1.67 -0.62 -18.74
CA LEU A 86 -2.70 0.10 -19.49
C LEU A 86 -3.33 1.28 -18.75
N LYS A 87 -3.01 1.50 -17.47
CA LYS A 87 -3.66 2.59 -16.73
C LYS A 87 -3.41 3.99 -17.29
N PRO A 88 -2.21 4.38 -17.74
CA PRO A 88 -2.03 5.74 -18.26
C PRO A 88 -2.33 5.93 -19.74
N CYS A 89 -2.91 4.95 -20.42
CA CYS A 89 -3.04 4.97 -21.87
C CYS A 89 -4.43 5.51 -22.26
N VAL A 90 -4.55 5.90 -23.54
CA VAL A 90 -5.78 6.50 -24.06
C VAL A 90 -6.95 5.53 -23.96
N LYS A 91 -8.08 6.03 -23.42
CA LYS A 91 -9.28 5.25 -23.15
C LYS A 91 -10.12 4.92 -24.39
N LEU A 92 -10.02 5.68 -25.47
CA LEU A 92 -10.76 5.42 -26.72
C LEU A 92 -12.27 5.32 -26.55
N THR A 93 -12.85 6.02 -25.58
CA THR A 93 -14.31 6.02 -25.44
C THR A 93 -15.00 6.49 -26.72
N PRO A 94 -14.56 7.57 -27.39
CA PRO A 94 -15.23 8.03 -28.62
C PRO A 94 -15.33 7.04 -29.77
N LEU A 95 -14.60 5.91 -29.75
CA LEU A 95 -14.64 4.99 -30.88
C LEU A 95 -15.89 4.16 -31.03
N CYS A 96 -16.75 4.04 -30.01
CA CYS A 96 -18.00 3.30 -30.18
C CYS A 96 -19.05 4.22 -30.78
N VAL A 97 -18.94 4.35 -32.10
CA VAL A 97 -19.81 5.14 -32.97
C VAL A 97 -20.17 4.25 -34.15
N THR A 98 -21.23 4.65 -34.86
CA THR A 98 -21.55 3.95 -36.10
C THR A 98 -20.46 4.24 -37.13
N LEU A 99 -19.99 3.17 -37.77
CA LEU A 99 -18.99 3.23 -38.83
C LEU A 99 -19.69 2.99 -40.15
N GLN A 100 -19.25 3.67 -41.20
CA GLN A 100 -19.75 3.47 -42.57
C GLN A 100 -18.63 2.81 -43.35
N CYS A 101 -18.74 1.49 -43.57
CA CYS A 101 -17.64 0.70 -44.08
C CYS A 101 -17.93 0.15 -45.48
N THR A 102 -16.84 0.02 -46.24
CA THR A 102 -16.78 -0.65 -47.53
C THR A 102 -15.57 -1.59 -47.53
N ASN A 103 -15.41 -2.35 -48.61
CA ASN A 103 -14.26 -3.25 -48.71
C ASN A 103 -13.04 -2.46 -49.16
N TYR A 104 -11.92 -2.69 -48.48
CA TYR A 104 -10.69 -1.96 -48.77
C TYR A 104 -10.19 -2.18 -50.20
N ALA A 105 -10.16 -3.42 -50.66
CA ALA A 105 -9.64 -3.75 -51.99
C ALA A 105 -10.62 -4.65 -52.74
N PRO A 106 -11.64 -4.05 -53.37
CA PRO A 106 -12.69 -4.89 -54.00
C PRO A 106 -12.20 -5.80 -55.11
N LYS A 107 -10.98 -5.61 -55.63
CA LYS A 107 -10.47 -6.42 -56.72
C LYS A 107 -9.66 -7.63 -56.28
N LEU A 108 -9.46 -7.84 -54.98
CA LEU A 108 -8.70 -9.01 -54.54
C LEU A 108 -9.54 -10.27 -54.69
N ARG A 109 -8.90 -11.34 -55.15
CA ARG A 109 -9.53 -12.65 -55.28
C ARG A 109 -8.81 -13.69 -54.41
N SER A 110 -7.92 -13.25 -53.55
CA SER A 110 -7.11 -14.03 -52.62
C SER A 110 -7.89 -14.19 -51.32
N MET A 111 -7.26 -14.80 -50.33
CA MET A 111 -7.90 -15.02 -49.03
C MET A 111 -8.11 -13.71 -48.28
N MET A 112 -7.56 -12.59 -48.76
CA MET A 112 -7.71 -11.29 -48.14
C MET A 112 -8.98 -10.55 -48.57
N ARG A 113 -9.80 -11.13 -49.45
CA ARG A 113 -11.03 -10.46 -49.87
C ARG A 113 -11.98 -10.35 -48.68
N GLY A 114 -12.38 -9.12 -48.38
CA GLY A 114 -13.30 -8.87 -47.29
C GLY A 114 -12.66 -8.81 -45.92
N GLU A 115 -11.34 -9.02 -45.84
CA GLU A 115 -10.67 -9.03 -44.55
C GLU A 115 -10.42 -7.63 -44.01
N ILE A 116 -10.27 -6.63 -44.87
CA ILE A 116 -10.01 -5.26 -44.44
C ILE A 116 -11.17 -4.38 -44.90
N LYS A 117 -11.74 -3.64 -43.95
CA LYS A 117 -12.84 -2.71 -44.17
C LYS A 117 -12.31 -1.28 -44.11
N ASN A 118 -12.76 -0.45 -45.04
CA ASN A 118 -12.44 0.98 -45.08
C ASN A 118 -13.65 1.70 -44.49
N CYS A 119 -13.52 2.13 -43.24
CA CYS A 119 -14.60 2.64 -42.41
C CYS A 119 -14.47 4.14 -42.17
N SER A 120 -15.56 4.86 -42.44
CA SER A 120 -15.68 6.30 -42.24
C SER A 120 -16.46 6.58 -40.97
N PHE A 121 -15.98 7.50 -40.14
CA PHE A 121 -16.69 7.84 -38.92
C PHE A 121 -16.39 9.27 -38.48
N ASN A 122 -17.29 9.80 -37.64
CA ASN A 122 -17.16 11.13 -37.05
C ASN A 122 -16.52 11.02 -35.68
N MET A 123 -15.26 11.42 -35.57
CA MET A 123 -14.45 11.34 -34.37
C MET A 123 -14.38 12.68 -33.66
N THR A 124 -14.18 12.63 -32.35
CA THR A 124 -14.02 13.82 -31.54
C THR A 124 -12.65 14.45 -31.78
N THR A 125 -12.51 15.69 -31.32
CA THR A 125 -11.27 16.44 -31.48
C THR A 125 -10.84 17.03 -30.14
N GLU A 126 -9.79 17.84 -30.19
CA GLU A 126 -9.29 18.52 -28.99
C GLU A 126 -10.32 19.47 -28.39
N LEU A 127 -11.24 19.99 -29.19
CA LEU A 127 -12.29 20.89 -28.72
C LEU A 127 -13.63 20.17 -28.77
N ARG A 128 -14.40 20.28 -27.68
CA ARG A 128 -15.67 19.56 -27.57
C ARG A 128 -16.69 19.96 -28.62
N ASP A 129 -16.62 21.19 -29.12
CA ASP A 129 -17.58 21.66 -30.12
C ASP A 129 -17.19 21.35 -31.56
N LYS A 130 -16.08 20.67 -31.81
CA LYS A 130 -15.63 20.36 -33.16
C LYS A 130 -15.46 18.85 -33.36
N LYS A 131 -15.84 18.40 -34.55
CA LYS A 131 -15.71 17.01 -34.97
C LYS A 131 -14.80 16.92 -36.19
N GLN A 132 -14.29 15.72 -36.45
CA GLN A 132 -13.49 15.44 -37.62
C GLN A 132 -13.99 14.17 -38.29
N LYS A 133 -13.88 14.13 -39.62
CA LYS A 133 -14.26 12.94 -40.37
C LYS A 133 -12.99 12.13 -40.58
N VAL A 134 -13.02 10.86 -40.21
CA VAL A 134 -11.86 9.99 -40.24
C VAL A 134 -12.16 8.74 -41.07
N TYR A 135 -11.19 8.35 -41.90
CA TYR A 135 -11.22 7.10 -42.63
C TYR A 135 -10.14 6.22 -42.03
N SER A 136 -10.52 5.03 -41.58
CA SER A 136 -9.61 4.06 -40.99
C SER A 136 -9.81 2.69 -41.61
N LEU A 137 -8.75 1.90 -41.61
CA LEU A 137 -8.84 0.51 -42.01
C LEU A 137 -8.96 -0.36 -40.77
N PHE A 138 -9.91 -1.29 -40.79
CA PHE A 138 -10.12 -2.24 -39.71
C PHE A 138 -10.14 -3.65 -40.28
N TYR A 139 -9.72 -4.61 -39.49
CA TYR A 139 -9.85 -5.99 -39.92
C TYR A 139 -11.30 -6.41 -39.70
N ARG A 140 -11.81 -7.32 -40.53
CA ARG A 140 -13.22 -7.67 -40.40
C ARG A 140 -13.52 -8.33 -39.06
N LEU A 141 -12.52 -8.93 -38.41
CA LEU A 141 -12.75 -9.58 -37.13
C LEU A 141 -12.95 -8.59 -36.00
N ASP A 142 -12.66 -7.30 -36.23
CA ASP A 142 -12.84 -6.27 -35.23
C ASP A 142 -14.14 -5.50 -35.35
N VAL A 143 -14.96 -5.77 -36.38
CA VAL A 143 -16.22 -5.05 -36.57
C VAL A 143 -17.38 -6.02 -36.74
N VAL A 144 -18.56 -5.53 -36.37
CA VAL A 144 -19.84 -6.25 -36.43
C VAL A 144 -20.76 -5.39 -37.27
N GLN A 145 -21.40 -5.99 -38.29
CA GLN A 145 -22.34 -5.22 -39.08
C GLN A 145 -23.61 -4.99 -38.29
N ILE A 146 -24.11 -3.76 -38.32
CA ILE A 146 -25.33 -3.40 -37.62
C ILE A 146 -26.50 -3.79 -38.52
N ASN A 158 -23.09 2.75 -47.99
CA ASN A 158 -22.06 1.87 -47.49
C ASN A 158 -22.79 0.89 -46.57
N LYS A 159 -22.11 0.28 -45.60
CA LYS A 159 -22.79 -0.58 -44.62
C LYS A 159 -22.43 -0.08 -43.22
N GLU A 160 -23.37 -0.22 -42.28
CA GLU A 160 -23.13 0.21 -40.92
C GLU A 160 -22.47 -0.88 -40.09
N TYR A 161 -21.42 -0.49 -39.36
CA TYR A 161 -20.65 -1.37 -38.49
C TYR A 161 -20.40 -0.71 -37.14
N ARG A 162 -20.08 -1.55 -36.15
CA ARG A 162 -19.62 -1.11 -34.85
C ARG A 162 -18.43 -1.99 -34.48
N LEU A 163 -17.63 -1.54 -33.51
CA LEU A 163 -16.53 -2.40 -33.06
C LEU A 163 -17.10 -3.53 -32.22
N ILE A 164 -16.42 -4.69 -32.26
CA ILE A 164 -16.89 -5.87 -31.53
C ILE A 164 -17.00 -5.65 -30.03
N ASN A 165 -16.21 -4.74 -29.47
CA ASN A 165 -16.27 -4.51 -28.02
C ASN A 165 -17.39 -3.61 -27.56
N CYS A 166 -18.10 -2.92 -28.46
CA CYS A 166 -19.00 -1.87 -28.01
C CYS A 166 -20.19 -2.36 -27.19
N ASN A 167 -20.58 -3.64 -27.28
CA ASN A 167 -21.67 -4.15 -26.46
C ASN A 167 -21.21 -4.93 -25.24
N THR A 168 -19.90 -5.02 -24.98
CA THR A 168 -19.40 -5.75 -23.83
C THR A 168 -18.42 -4.97 -22.96
N SER A 169 -17.59 -4.12 -23.56
CA SER A 169 -16.55 -3.45 -22.79
C SER A 169 -16.04 -2.22 -23.53
N ALA A 170 -15.33 -1.37 -22.80
CA ALA A 170 -14.58 -0.28 -23.40
C ALA A 170 -13.18 -0.80 -23.73
N ILE A 171 -12.62 -0.30 -24.83
CA ILE A 171 -11.25 -0.65 -25.24
C ILE A 171 -10.30 0.48 -24.86
N THR A 172 -9.16 0.10 -24.29
CA THR A 172 -8.10 1.03 -23.96
C THR A 172 -6.99 0.82 -25.00
N GLN A 173 -6.47 1.91 -25.54
CA GLN A 173 -5.41 1.80 -26.52
C GLN A 173 -4.12 1.44 -25.81
N ALA A 174 -3.40 0.44 -26.31
CA ALA A 174 -2.11 0.15 -25.72
C ALA A 174 -1.17 1.32 -26.02
N CYS A 175 -0.34 1.66 -25.07
CA CYS A 175 0.63 2.71 -25.32
C CYS A 175 1.65 2.27 -26.36
N PRO A 176 1.84 3.03 -27.46
CA PRO A 176 2.83 2.60 -28.48
C PRO A 176 4.24 2.46 -27.97
N LYS A 177 4.57 3.06 -26.84
CA LYS A 177 5.89 3.02 -26.25
C LYS A 177 6.13 1.81 -25.35
N VAL A 178 5.11 0.98 -25.09
CA VAL A 178 5.24 -0.15 -24.18
C VAL A 178 5.33 -1.44 -25.02
N SER A 179 6.48 -2.09 -24.92
CA SER A 179 6.76 -3.31 -25.64
C SER A 179 6.02 -4.51 -25.02
N PHE A 180 5.63 -5.45 -25.87
CA PHE A 180 5.00 -6.70 -25.46
C PHE A 180 5.97 -7.88 -25.52
N GLU A 181 7.26 -7.65 -25.72
CA GLU A 181 8.23 -8.73 -25.85
C GLU A 181 8.51 -9.43 -24.52
N PRO A 182 8.32 -10.75 -24.41
CA PRO A 182 8.60 -11.42 -23.13
C PRO A 182 10.05 -11.23 -22.68
N ILE A 183 10.20 -10.91 -21.40
CA ILE A 183 11.49 -10.73 -20.76
C ILE A 183 11.55 -11.78 -19.66
N PRO A 184 12.62 -12.58 -19.54
CA PRO A 184 12.66 -13.60 -18.49
C PRO A 184 12.46 -13.02 -17.10
N ILE A 185 11.62 -13.70 -16.32
CA ILE A 185 11.34 -13.36 -14.93
C ILE A 185 11.81 -14.51 -14.05
N HIS A 186 12.60 -14.20 -13.03
CA HIS A 186 13.07 -15.18 -12.07
C HIS A 186 12.24 -15.04 -10.81
N TYR A 187 11.60 -16.11 -10.35
CA TYR A 187 10.86 -16.00 -9.06
C TYR A 187 11.80 -16.36 -7.92
N CYS A 188 12.10 -15.39 -7.05
CA CYS A 188 13.00 -15.68 -5.91
C CYS A 188 12.17 -15.81 -4.64
N ALA A 189 12.56 -16.74 -3.77
CA ALA A 189 11.81 -16.96 -2.49
C ALA A 189 12.41 -16.10 -1.37
N PRO A 190 11.64 -15.69 -0.33
CA PRO A 190 12.20 -14.91 0.79
C PRO A 190 12.97 -15.80 1.75
N ALA A 191 13.71 -15.15 2.63
CA ALA A 191 14.48 -15.86 3.65
C ALA A 191 13.53 -16.72 4.48
N GLY A 192 14.01 -17.91 4.84
CA GLY A 192 13.22 -18.87 5.56
C GLY A 192 12.54 -19.88 4.66
N PHE A 193 12.57 -19.65 3.34
CA PHE A 193 11.97 -20.52 2.34
C PHE A 193 13.04 -20.86 1.31
N ALA A 194 12.82 -21.95 0.59
CA ALA A 194 13.73 -22.39 -0.47
C ALA A 194 12.91 -23.00 -1.58
N ILE A 195 13.47 -23.00 -2.80
CA ILE A 195 12.84 -23.63 -3.95
C ILE A 195 13.66 -24.87 -4.30
N LEU A 196 13.00 -26.01 -4.37
CA LEU A 196 13.63 -27.26 -4.74
C LEU A 196 13.38 -27.51 -6.22
N LYS A 197 14.43 -27.88 -6.95
CA LYS A 197 14.37 -28.16 -8.37
C LYS A 197 14.60 -29.64 -8.62
N CYS A 198 13.74 -30.24 -9.45
CA CYS A 198 13.85 -31.64 -9.87
C CYS A 198 14.69 -31.73 -11.14
N LYS A 199 15.81 -32.46 -11.09
CA LYS A 199 16.73 -32.60 -12.21
C LYS A 199 16.58 -33.92 -12.96
N ASP A 200 15.55 -34.70 -12.67
CA ASP A 200 15.32 -35.98 -13.33
C ASP A 200 14.77 -35.72 -14.74
N LYS A 201 15.56 -36.12 -15.75
CA LYS A 201 15.24 -35.87 -17.15
C LYS A 201 13.93 -36.51 -17.59
N LYS A 202 13.47 -37.56 -16.92
CA LYS A 202 12.23 -38.25 -17.28
C LYS A 202 11.09 -37.87 -16.35
N PHE A 203 11.26 -36.85 -15.52
CA PHE A 203 10.23 -36.46 -14.59
C PHE A 203 9.00 -35.98 -15.34
N ASN A 204 7.84 -36.52 -14.98
CA ASN A 204 6.58 -36.24 -15.66
C ASN A 204 5.72 -35.21 -14.95
N GLY A 205 6.28 -34.47 -13.99
CA GLY A 205 5.56 -33.43 -13.27
C GLY A 205 4.97 -33.84 -11.94
N THR A 206 4.84 -35.14 -11.67
CA THR A 206 4.29 -35.62 -10.41
C THR A 206 5.14 -36.75 -9.85
N GLY A 207 4.98 -36.99 -8.56
CA GLY A 207 5.59 -38.12 -7.89
C GLY A 207 7.00 -37.89 -7.39
N PRO A 208 7.60 -38.97 -6.87
CA PRO A 208 8.97 -38.88 -6.32
C PRO A 208 9.99 -38.44 -7.35
N CYS A 209 10.93 -37.61 -6.91
CA CYS A 209 12.05 -37.14 -7.72
C CYS A 209 13.33 -37.51 -6.98
N PRO A 210 14.14 -38.45 -7.51
CA PRO A 210 15.34 -38.88 -6.80
C PRO A 210 16.53 -37.93 -6.86
N SER A 211 16.51 -36.88 -7.67
CA SER A 211 17.64 -35.96 -7.84
C SER A 211 17.08 -34.56 -7.70
N VAL A 212 17.30 -33.97 -6.53
CA VAL A 212 16.73 -32.69 -6.13
C VAL A 212 17.87 -31.77 -5.72
N SER A 213 17.78 -30.50 -6.12
CA SER A 213 18.75 -29.50 -5.70
C SER A 213 17.98 -28.33 -5.15
N THR A 214 18.63 -27.53 -4.32
CA THR A 214 18.01 -26.33 -3.76
C THR A 214 18.57 -25.08 -4.42
N VAL A 215 17.67 -24.21 -4.83
CA VAL A 215 17.96 -22.90 -5.39
C VAL A 215 17.10 -21.95 -4.58
N GLN A 216 17.36 -20.65 -4.71
CA GLN A 216 16.48 -19.66 -4.04
C GLN A 216 15.66 -18.95 -5.14
N CYS A 217 16.20 -18.92 -6.37
CA CYS A 217 15.48 -18.27 -7.49
C CYS A 217 15.40 -19.23 -8.68
N THR A 218 14.21 -19.45 -9.25
CA THR A 218 14.12 -20.18 -10.50
C THR A 218 14.85 -19.49 -11.64
N HIS A 219 14.95 -20.21 -12.76
CA HIS A 219 15.54 -19.67 -13.97
C HIS A 219 14.60 -18.62 -14.54
N GLY A 220 15.07 -17.91 -15.57
CA GLY A 220 14.23 -16.89 -16.14
C GLY A 220 13.22 -17.53 -17.05
N ILE A 221 11.95 -17.32 -16.72
CA ILE A 221 10.81 -17.86 -17.45
C ILE A 221 10.20 -16.71 -18.21
N LYS A 222 10.16 -16.82 -19.53
CA LYS A 222 9.57 -15.77 -20.33
C LYS A 222 8.05 -15.90 -20.30
N PRO A 223 7.30 -14.81 -19.99
CA PRO A 223 5.84 -14.92 -19.99
C PRO A 223 5.26 -14.90 -21.41
N VAL A 224 5.51 -15.98 -22.15
CA VAL A 224 5.03 -16.08 -23.52
C VAL A 224 3.57 -16.47 -23.48
N VAL A 225 2.72 -15.70 -24.14
CA VAL A 225 1.29 -15.93 -24.17
C VAL A 225 0.94 -16.54 -25.52
N SER A 226 0.39 -17.76 -25.50
CA SER A 226 0.02 -18.44 -26.72
C SER A 226 -0.99 -19.53 -26.40
N THR A 227 -1.65 -20.03 -27.45
CA THR A 227 -2.53 -21.18 -27.33
C THR A 227 -2.06 -22.29 -28.26
N GLN A 228 -2.46 -23.52 -27.93
CA GLN A 228 -2.21 -24.73 -28.72
C GLN A 228 -0.74 -25.12 -28.82
N LEU A 229 0.11 -24.20 -29.28
CA LEU A 229 1.54 -24.41 -29.40
C LEU A 229 2.28 -23.56 -28.36
N LEU A 230 3.17 -24.20 -27.61
CA LEU A 230 3.97 -23.52 -26.60
C LEU A 230 5.24 -23.04 -27.30
N LEU A 231 5.50 -21.73 -27.24
CA LEU A 231 6.63 -21.15 -27.93
C LEU A 231 7.71 -20.68 -26.97
N ASN A 232 8.96 -20.75 -27.44
CA ASN A 232 10.14 -20.19 -26.76
C ASN A 232 10.25 -20.65 -25.31
N GLY A 233 9.93 -21.92 -25.05
CA GLY A 233 10.02 -22.48 -23.72
C GLY A 233 11.21 -23.41 -23.57
N SER A 234 11.13 -24.28 -22.56
CA SER A 234 12.17 -25.24 -22.29
C SER A 234 11.92 -26.52 -23.07
N LEU A 235 12.99 -27.19 -23.48
CA LEU A 235 12.94 -28.47 -24.14
C LEU A 235 13.26 -29.61 -23.19
N ALA A 236 12.71 -30.79 -23.49
CA ALA A 236 13.02 -31.98 -22.73
C ALA A 236 14.48 -32.34 -22.97
N GLU A 237 15.06 -33.08 -22.02
CA GLU A 237 16.44 -33.57 -22.25
C GLU A 237 16.42 -34.79 -23.17
N GLU A 238 16.53 -36.00 -22.61
CA GLU A 238 16.65 -37.23 -23.46
C GLU A 238 15.41 -37.53 -24.32
N GLU A 239 14.19 -37.39 -23.80
CA GLU A 239 13.00 -37.85 -24.58
C GLU A 239 11.77 -36.94 -24.43
N VAL A 240 10.86 -36.98 -25.42
CA VAL A 240 9.57 -36.21 -25.33
C VAL A 240 8.85 -36.62 -24.04
N ILE A 241 8.14 -35.69 -23.39
CA ILE A 241 7.52 -35.98 -22.09
C ILE A 241 6.06 -35.57 -22.13
N ILE A 242 5.19 -36.55 -21.86
CA ILE A 242 3.75 -36.37 -21.81
C ILE A 242 3.39 -36.11 -20.35
N ARG A 243 2.72 -35.00 -20.05
CA ARG A 243 2.33 -34.67 -18.69
C ARG A 243 0.83 -34.41 -18.64
N SER A 244 0.15 -35.02 -17.68
CA SER A 244 -1.28 -34.82 -17.53
C SER A 244 -1.66 -35.04 -16.07
N GLU A 245 -2.59 -34.23 -15.58
CA GLU A 245 -3.08 -34.40 -14.22
C GLU A 245 -3.68 -35.79 -14.03
N ASN A 246 -4.41 -36.26 -15.05
CA ASN A 246 -5.02 -37.59 -15.06
C ASN A 246 -5.07 -37.99 -16.54
N ILE A 247 -4.16 -38.88 -16.94
CA ILE A 247 -4.03 -39.23 -18.35
C ILE A 247 -5.25 -39.96 -18.90
N THR A 248 -6.12 -40.50 -18.05
CA THR A 248 -7.30 -41.22 -18.49
C THR A 248 -8.58 -40.39 -18.36
N ASN A 249 -8.48 -39.14 -17.93
CA ASN A 249 -9.61 -38.24 -17.78
C ASN A 249 -9.62 -37.34 -19.02
N ASN A 250 -10.65 -37.48 -19.86
CA ASN A 250 -10.67 -36.71 -21.10
C ASN A 250 -10.96 -35.24 -20.88
N ALA A 251 -11.30 -34.83 -19.66
CA ALA A 251 -11.57 -33.44 -19.32
C ALA A 251 -10.31 -32.66 -18.97
N LYS A 252 -9.15 -33.33 -18.91
CA LYS A 252 -7.89 -32.71 -18.56
C LYS A 252 -7.05 -32.51 -19.82
N ASN A 253 -6.18 -31.50 -19.77
CA ASN A 253 -5.29 -31.24 -20.90
C ASN A 253 -4.01 -32.06 -20.76
N ILE A 254 -3.44 -32.39 -21.90
CA ILE A 254 -2.16 -33.09 -22.00
C ILE A 254 -1.12 -32.09 -22.47
N LEU A 255 -0.07 -31.90 -21.68
CA LEU A 255 1.00 -30.98 -22.02
C LEU A 255 2.13 -31.85 -22.55
N VAL A 256 2.65 -31.50 -23.72
CA VAL A 256 3.71 -32.28 -24.37
C VAL A 256 4.94 -31.40 -24.43
N GLN A 257 6.04 -31.88 -23.84
CA GLN A 257 7.31 -31.18 -23.89
C GLN A 257 8.19 -31.91 -24.91
N LEU A 258 8.63 -31.17 -25.93
CA LEU A 258 9.39 -31.75 -27.01
C LEU A 258 10.88 -31.82 -26.68
N ASN A 259 11.56 -32.81 -27.27
CA ASN A 259 13.00 -32.94 -27.06
C ASN A 259 13.77 -31.94 -27.90
N THR A 260 13.29 -31.65 -29.11
CA THR A 260 13.90 -30.70 -30.03
C THR A 260 12.86 -29.68 -30.44
N PRO A 261 13.26 -28.45 -30.78
CA PRO A 261 12.29 -27.45 -31.20
C PRO A 261 11.86 -27.66 -32.64
N VAL A 262 10.66 -27.17 -32.96
CA VAL A 262 10.22 -27.07 -34.34
C VAL A 262 10.20 -25.58 -34.67
N GLN A 263 10.92 -25.17 -35.70
CA GLN A 263 11.01 -23.75 -36.00
C GLN A 263 9.75 -23.32 -36.74
N ILE A 264 9.17 -22.19 -36.33
CA ILE A 264 7.99 -21.61 -36.96
C ILE A 264 8.31 -20.18 -37.37
N ASN A 265 8.18 -19.90 -38.68
CA ASN A 265 8.48 -18.58 -39.25
C ASN A 265 7.16 -17.87 -39.58
N CYS A 266 6.80 -16.84 -38.83
CA CYS A 266 5.53 -16.14 -38.99
C CYS A 266 5.77 -14.76 -39.56
N THR A 267 4.88 -14.32 -40.44
CA THR A 267 4.99 -13.00 -41.05
C THR A 267 3.63 -12.36 -41.30
N ARG A 268 3.69 -11.03 -41.35
CA ARG A 268 2.61 -10.11 -41.71
C ARG A 268 3.23 -9.39 -42.91
N PRO A 269 3.10 -9.97 -44.11
CA PRO A 269 3.90 -9.51 -45.27
C PRO A 269 3.53 -8.14 -45.81
N SER A 270 2.36 -7.59 -45.49
CA SER A 270 2.01 -6.29 -46.05
C SER A 270 2.71 -5.16 -45.31
N ASN A 271 2.93 -4.07 -46.04
CA ASN A 271 3.55 -2.85 -45.52
C ASN A 271 2.45 -1.88 -45.12
N ASN A 272 2.13 -1.85 -43.83
CA ASN A 272 1.02 -1.06 -43.33
C ASN A 272 1.50 0.32 -42.91
N THR A 273 0.78 1.35 -43.36
CA THR A 273 1.06 2.74 -43.05
C THR A 273 0.15 3.10 -41.90
N VAL A 274 0.74 3.63 -40.82
CA VAL A 274 0.05 4.02 -39.61
C VAL A 274 -0.14 5.53 -39.59
N LYS A 275 -1.36 5.95 -39.30
CA LYS A 275 -1.78 7.34 -39.20
C LYS A 275 -2.18 7.62 -37.76
N SER A 276 -2.26 8.91 -37.42
CA SER A 276 -2.64 9.31 -36.07
C SER A 276 -3.45 10.58 -36.11
N ILE A 277 -4.46 10.63 -35.24
CA ILE A 277 -5.32 11.79 -35.04
C ILE A 277 -5.40 12.09 -33.55
N ARG A 278 -5.76 13.33 -33.24
CA ARG A 278 -5.97 13.75 -31.86
C ARG A 278 -7.47 13.65 -31.56
N ILE A 279 -7.81 13.03 -30.44
CA ILE A 279 -9.19 12.81 -30.04
C ILE A 279 -9.54 13.52 -28.73
N GLY A 280 -8.64 14.34 -28.22
CA GLY A 280 -8.86 15.05 -26.98
C GLY A 280 -7.56 15.72 -26.58
N PRO A 281 -7.56 16.51 -25.50
CA PRO A 281 -6.30 17.15 -25.11
C PRO A 281 -5.26 16.13 -24.65
N GLY A 282 -4.27 15.90 -25.50
CA GLY A 282 -3.21 14.95 -25.24
C GLY A 282 -3.57 13.51 -25.52
N GLN A 283 -4.74 13.27 -26.11
CA GLN A 283 -5.25 11.92 -26.39
C GLN A 283 -5.09 11.63 -27.87
N ALA A 284 -4.03 10.91 -28.24
CA ALA A 284 -3.78 10.58 -29.64
C ALA A 284 -4.29 9.18 -29.92
N PHE A 285 -4.97 9.03 -31.06
CA PHE A 285 -5.48 7.75 -31.54
C PHE A 285 -4.66 7.28 -32.74
N TYR A 286 -4.07 6.10 -32.64
CA TYR A 286 -3.25 5.54 -33.69
C TYR A 286 -4.08 4.49 -34.39
N TYR A 287 -4.04 4.50 -35.72
CA TYR A 287 -4.87 3.60 -36.50
C TYR A 287 -4.18 3.19 -37.80
N PHE A 288 -4.75 2.15 -38.41
CA PHE A 288 -4.24 1.57 -39.63
C PHE A 288 -4.69 2.44 -40.79
N GLY A 289 -3.74 3.14 -41.40
CA GLY A 289 -4.00 4.12 -42.43
C GLY A 289 -4.12 3.57 -43.83
N ASP A 290 -3.08 2.91 -44.31
CA ASP A 290 -3.09 2.41 -45.69
C ASP A 290 -2.15 1.22 -45.82
N VAL A 291 -2.09 0.65 -47.01
CA VAL A 291 -1.17 -0.43 -47.34
C VAL A 291 -0.37 -0.03 -48.57
N LEU A 292 0.96 -0.14 -48.48
CA LEU A 292 1.85 0.17 -49.58
C LEU A 292 2.18 -1.14 -50.29
N GLY A 293 1.88 -1.21 -51.59
CA GLY A 293 2.09 -2.42 -52.36
C GLY A 293 0.92 -3.38 -52.30
N HIS A 294 1.20 -4.68 -52.42
CA HIS A 294 0.16 -5.68 -52.51
C HIS A 294 -0.38 -6.02 -51.13
N VAL A 295 -1.64 -6.46 -51.10
CA VAL A 295 -2.27 -6.95 -49.87
C VAL A 295 -2.18 -8.47 -49.88
N ARG A 296 -1.53 -9.03 -48.86
CA ARG A 296 -1.29 -10.46 -48.76
C ARG A 296 -1.66 -10.95 -47.37
N MET A 297 -2.01 -12.24 -47.31
CA MET A 297 -2.44 -12.88 -46.08
C MET A 297 -1.25 -13.23 -45.18
N ALA A 298 -1.40 -12.94 -43.89
CA ALA A 298 -0.39 -13.30 -42.90
C ALA A 298 -0.33 -14.81 -42.76
N HIS A 299 0.86 -15.33 -42.47
CA HIS A 299 0.99 -16.78 -42.39
C HIS A 299 2.22 -17.19 -41.59
N CYS A 300 2.23 -18.49 -41.24
CA CYS A 300 3.38 -19.12 -40.58
C CYS A 300 3.83 -20.36 -41.36
N ASN A 301 5.15 -20.53 -41.49
CA ASN A 301 5.75 -21.66 -42.17
C ASN A 301 6.41 -22.63 -41.18
N ILE A 302 6.04 -23.91 -41.29
CA ILE A 302 6.59 -25.01 -40.50
C ILE A 302 7.12 -26.04 -41.49
N SER A 303 8.31 -26.58 -41.25
CA SER A 303 8.83 -27.60 -42.15
C SER A 303 8.01 -28.88 -41.99
N LYS A 304 7.60 -29.47 -43.11
CA LYS A 304 6.77 -30.69 -43.07
C LYS A 304 7.52 -31.87 -42.45
N ALA A 305 8.80 -32.04 -42.78
CA ALA A 305 9.53 -33.19 -42.26
C ALA A 305 9.72 -33.07 -40.75
N THR A 306 10.04 -31.87 -40.28
CA THR A 306 10.26 -31.68 -38.85
C THR A 306 8.96 -31.92 -38.08
N TRP A 307 7.85 -31.39 -38.60
CA TRP A 307 6.58 -31.59 -37.92
C TRP A 307 6.21 -33.07 -37.90
N ASN A 308 6.40 -33.77 -39.04
CA ASN A 308 6.04 -35.19 -39.07
C ASN A 308 6.90 -36.01 -38.11
N GLU A 309 8.20 -35.71 -38.00
CA GLU A 309 9.02 -36.44 -37.04
C GLU A 309 8.56 -36.12 -35.61
N THR A 310 8.20 -34.87 -35.36
CA THR A 310 7.73 -34.45 -34.05
C THR A 310 6.47 -35.22 -33.68
N LEU A 311 5.53 -35.34 -34.62
CA LEU A 311 4.31 -36.07 -34.33
C LEU A 311 4.61 -37.54 -34.12
N GLY A 312 5.54 -38.12 -34.88
CA GLY A 312 5.86 -39.52 -34.68
C GLY A 312 6.36 -39.76 -33.26
N LYS A 313 7.15 -38.82 -32.74
CA LYS A 313 7.65 -38.91 -31.37
C LYS A 313 6.52 -38.77 -30.36
N VAL A 314 5.59 -37.85 -30.62
CA VAL A 314 4.46 -37.67 -29.72
C VAL A 314 3.63 -38.94 -29.72
N VAL A 315 3.43 -39.53 -30.90
CA VAL A 315 2.64 -40.75 -31.03
C VAL A 315 3.27 -41.91 -30.26
N LYS A 316 4.60 -42.11 -30.35
CA LYS A 316 5.18 -43.20 -29.57
C LYS A 316 4.96 -42.98 -28.08
N GLN A 317 5.09 -41.74 -27.62
CA GLN A 317 4.90 -41.51 -26.19
C GLN A 317 3.44 -41.63 -25.79
N LEU A 318 2.52 -41.32 -26.70
CA LEU A 318 1.11 -41.53 -26.38
C LEU A 318 0.78 -43.02 -26.36
N ARG A 319 1.38 -43.80 -27.27
CA ARG A 319 1.13 -45.24 -27.28
C ARG A 319 1.54 -45.86 -25.96
N LYS A 320 2.59 -45.32 -25.33
CA LYS A 320 3.01 -45.84 -24.04
C LYS A 320 1.91 -45.75 -22.97
N HIS A 321 0.93 -44.86 -23.15
CA HIS A 321 -0.16 -44.68 -22.20
C HIS A 321 -1.51 -45.21 -22.68
N PHE A 322 -1.73 -45.25 -23.99
CA PHE A 322 -3.01 -45.61 -24.58
C PHE A 322 -3.03 -46.97 -25.26
N GLY A 323 -1.89 -47.64 -25.39
CA GLY A 323 -1.82 -48.97 -25.99
C GLY A 323 -1.01 -49.01 -27.28
N ASN A 324 -0.19 -50.06 -27.40
CA ASN A 324 0.67 -50.20 -28.56
C ASN A 324 -0.10 -50.48 -29.84
N ASN A 325 -1.33 -50.99 -29.74
CA ASN A 325 -2.16 -51.33 -30.90
C ASN A 325 -3.30 -50.34 -31.11
N THR A 326 -3.27 -49.18 -30.45
CA THR A 326 -4.32 -48.18 -30.57
C THR A 326 -3.99 -47.24 -31.72
N ILE A 327 -5.01 -46.86 -32.49
CA ILE A 327 -4.82 -45.91 -33.57
C ILE A 327 -4.88 -44.52 -32.96
N ILE A 328 -3.86 -43.71 -33.25
CA ILE A 328 -3.76 -42.34 -32.73
C ILE A 328 -4.03 -41.36 -33.85
N ARG A 329 -5.07 -40.54 -33.68
CA ARG A 329 -5.50 -39.57 -34.68
C ARG A 329 -5.35 -38.16 -34.16
N PHE A 330 -4.89 -37.27 -35.04
CA PHE A 330 -4.81 -35.84 -34.75
C PHE A 330 -5.86 -35.17 -35.62
N ALA A 331 -6.54 -34.18 -35.04
CA ALA A 331 -7.58 -33.43 -35.73
C ALA A 331 -7.60 -31.99 -35.24
N GLN A 332 -8.22 -31.14 -36.06
CA GLN A 332 -8.34 -29.72 -35.76
C GLN A 332 -9.27 -29.50 -34.57
N SER A 333 -9.11 -28.34 -33.92
CA SER A 333 -9.94 -27.99 -32.78
C SER A 333 -11.42 -28.05 -33.17
N SER A 334 -12.23 -28.66 -32.29
CA SER A 334 -13.63 -28.89 -32.59
C SER A 334 -14.50 -27.64 -32.58
N GLY A 335 -14.11 -26.57 -31.91
CA GLY A 335 -14.94 -25.39 -31.88
C GLY A 335 -14.63 -24.49 -30.71
N GLY A 336 -15.34 -23.37 -30.67
CA GLY A 336 -15.18 -22.34 -29.68
C GLY A 336 -14.68 -21.05 -30.29
N ASP A 337 -14.29 -20.13 -29.41
CA ASP A 337 -13.85 -18.81 -29.83
C ASP A 337 -12.56 -18.93 -30.63
N LEU A 338 -12.33 -17.93 -31.51
CA LEU A 338 -11.13 -17.92 -32.34
C LEU A 338 -9.87 -18.01 -31.50
N GLU A 339 -9.89 -17.40 -30.31
CA GLU A 339 -8.75 -17.40 -29.39
C GLU A 339 -8.32 -18.79 -28.96
N VAL A 340 -9.20 -19.79 -29.03
CA VAL A 340 -8.86 -21.16 -28.63
C VAL A 340 -8.88 -22.15 -29.79
N THR A 341 -9.51 -21.82 -30.91
CA THR A 341 -9.55 -22.70 -32.07
C THR A 341 -8.33 -22.53 -32.97
N THR A 342 -7.62 -21.41 -32.83
CA THR A 342 -6.40 -21.10 -33.56
C THR A 342 -5.21 -21.04 -32.62
N HIS A 343 -4.04 -20.96 -33.23
CA HIS A 343 -2.78 -20.71 -32.53
C HIS A 343 -2.67 -19.20 -32.39
N SER A 344 -2.89 -18.71 -31.18
CA SER A 344 -2.88 -17.29 -30.90
C SER A 344 -1.51 -16.91 -30.37
N PHE A 345 -0.94 -15.83 -30.91
CA PHE A 345 0.33 -15.35 -30.39
C PHE A 345 0.53 -13.90 -30.79
N ASN A 346 1.41 -13.22 -30.05
CA ASN A 346 1.83 -11.87 -30.39
C ASN A 346 3.19 -11.90 -31.09
N CYS A 347 3.22 -11.37 -32.32
CA CYS A 347 4.41 -11.33 -33.18
C CYS A 347 4.69 -9.90 -33.63
N GLY A 348 5.71 -9.29 -33.04
CA GLY A 348 6.10 -7.96 -33.43
C GLY A 348 5.15 -6.88 -33.01
N GLY A 349 4.28 -7.15 -32.05
CA GLY A 349 3.27 -6.23 -31.63
C GLY A 349 1.89 -6.52 -32.20
N GLU A 350 1.79 -7.37 -33.24
CA GLU A 350 0.49 -7.72 -33.80
C GLU A 350 0.03 -9.03 -33.22
N PHE A 351 -1.28 -9.21 -33.14
CA PHE A 351 -1.87 -10.43 -32.62
C PHE A 351 -2.35 -11.32 -33.77
N PHE A 352 -1.71 -12.47 -33.89
CA PHE A 352 -1.92 -13.48 -34.92
C PHE A 352 -2.80 -14.60 -34.38
N TYR A 353 -3.69 -15.07 -35.25
CA TYR A 353 -4.60 -16.19 -35.00
C TYR A 353 -4.44 -17.17 -36.17
N CYS A 354 -3.54 -18.13 -36.03
CA CYS A 354 -3.14 -19.01 -37.13
C CYS A 354 -3.94 -20.31 -37.13
N ASN A 355 -4.37 -20.72 -38.32
CA ASN A 355 -5.17 -21.94 -38.48
C ASN A 355 -4.23 -23.14 -38.55
N THR A 356 -4.29 -23.98 -37.52
CA THR A 356 -3.44 -25.13 -37.33
C THR A 356 -4.05 -26.43 -37.83
N SER A 357 -5.14 -26.35 -38.60
CA SER A 357 -5.75 -27.57 -39.13
C SER A 357 -4.84 -28.30 -40.10
N GLY A 358 -3.79 -27.65 -40.60
CA GLY A 358 -2.84 -28.31 -41.46
C GLY A 358 -1.80 -29.11 -40.70
N LEU A 359 -1.71 -28.89 -39.38
CA LEU A 359 -0.76 -29.56 -38.52
C LEU A 359 -1.36 -30.78 -37.81
N PHE A 360 -2.66 -30.72 -37.51
CA PHE A 360 -3.36 -31.77 -36.77
C PHE A 360 -4.42 -32.38 -37.67
N ASN A 361 -3.98 -33.26 -38.56
CA ASN A 361 -4.84 -33.89 -39.55
C ASN A 361 -4.15 -35.19 -39.98
N SER A 362 -4.12 -36.20 -39.12
CA SER A 362 -3.40 -37.41 -39.49
C SER A 362 -3.90 -38.60 -38.68
N THR A 363 -3.70 -39.79 -39.23
CA THR A 363 -4.01 -41.04 -38.52
C THR A 363 -2.76 -41.89 -38.51
N TRP A 364 -2.35 -42.28 -37.30
CA TRP A 364 -1.16 -43.08 -37.02
C TRP A 364 -1.60 -44.48 -36.61
N ILE A 365 -1.33 -45.46 -37.46
CA ILE A 365 -1.77 -46.83 -37.27
C ILE A 365 -0.52 -47.68 -37.04
N SER A 366 -0.50 -48.42 -35.93
CA SER A 366 0.61 -49.30 -35.55
C SER A 366 1.99 -48.67 -35.72
N ASP A 380 7.96 -28.27 -49.47
CA ASP A 380 8.68 -28.61 -48.27
C ASP A 380 8.04 -27.92 -47.07
N SER A 381 7.53 -26.71 -47.28
CA SER A 381 6.94 -25.94 -46.19
C SER A 381 5.43 -26.17 -46.09
N LEU A 382 4.95 -26.14 -44.86
CA LEU A 382 3.55 -26.23 -44.50
C LEU A 382 3.19 -24.81 -44.09
N ILE A 383 2.17 -24.21 -44.73
CA ILE A 383 1.82 -22.82 -44.53
C ILE A 383 0.48 -22.75 -43.82
N LEU A 384 0.47 -22.07 -42.68
CA LEU A 384 -0.70 -21.87 -41.84
C LEU A 384 -1.24 -20.47 -42.10
N PRO A 385 -2.47 -20.30 -42.57
CA PRO A 385 -3.00 -18.94 -42.72
C PRO A 385 -3.28 -18.34 -41.35
N CYS A 386 -3.09 -17.02 -41.24
CA CYS A 386 -3.29 -16.33 -39.98
C CYS A 386 -4.12 -15.07 -40.17
N TRP A 387 -4.98 -14.80 -39.20
CA TRP A 387 -5.75 -13.57 -39.15
C TRP A 387 -5.10 -12.64 -38.15
N ILE A 388 -5.26 -11.33 -38.36
CA ILE A 388 -4.74 -10.32 -37.46
C ILE A 388 -5.90 -9.62 -36.78
N LYS A 389 -5.81 -9.42 -35.46
CA LYS A 389 -6.83 -8.68 -34.73
C LYS A 389 -6.20 -7.54 -33.94
N GLN A 390 -6.91 -6.41 -33.87
CA GLN A 390 -6.50 -5.27 -33.06
C GLN A 390 -7.24 -5.14 -31.73
N ILE A 391 -8.42 -5.72 -31.58
CA ILE A 391 -9.18 -5.67 -30.32
C ILE A 391 -8.99 -7.01 -29.63
N ILE A 392 -8.28 -6.98 -28.51
CA ILE A 392 -7.81 -8.17 -27.81
C ILE A 392 -8.51 -8.30 -26.47
N ASN A 393 -9.06 -9.49 -26.20
CA ASN A 393 -9.69 -9.80 -24.91
C ASN A 393 -8.74 -10.80 -24.25
N MET A 394 -7.92 -10.30 -23.33
CA MET A 394 -6.89 -11.08 -22.67
C MET A 394 -7.40 -11.89 -21.49
N TRP A 395 -6.67 -12.96 -21.21
CA TRP A 395 -6.80 -13.79 -20.01
C TRP A 395 -8.20 -14.38 -19.84
N GLN A 396 -8.93 -14.55 -20.94
CA GLN A 396 -10.29 -15.11 -20.92
C GLN A 396 -11.23 -14.29 -20.03
N ARG A 397 -11.05 -12.98 -19.96
CA ARG A 397 -11.92 -12.11 -19.18
C ARG A 397 -12.96 -11.43 -20.06
N ILE A 398 -14.06 -11.05 -19.43
CA ILE A 398 -15.14 -10.28 -20.06
C ILE A 398 -15.31 -8.99 -19.26
N GLY A 399 -15.35 -7.87 -19.98
CA GLY A 399 -15.53 -6.54 -19.40
C GLY A 399 -14.35 -5.62 -19.60
N GLN A 400 -13.19 -6.17 -19.97
CA GLN A 400 -11.99 -5.42 -20.27
C GLN A 400 -11.56 -5.81 -21.67
N ALA A 401 -11.07 -4.83 -22.43
CA ALA A 401 -10.58 -5.08 -23.77
C ALA A 401 -9.49 -4.06 -24.06
N MET A 402 -8.57 -4.47 -24.93
CA MET A 402 -7.47 -3.63 -25.34
C MET A 402 -7.51 -3.43 -26.84
N TYR A 403 -7.13 -2.24 -27.28
CA TYR A 403 -6.93 -1.94 -28.68
C TYR A 403 -5.42 -1.91 -28.90
N ALA A 404 -4.96 -2.74 -29.81
CA ALA A 404 -3.55 -2.80 -30.13
C ALA A 404 -3.28 -1.88 -31.30
N PRO A 405 -2.49 -0.81 -31.17
CA PRO A 405 -2.28 0.06 -32.31
C PRO A 405 -1.46 -0.66 -33.36
N PRO A 406 -1.63 -0.30 -34.63
CA PRO A 406 -0.90 -1.03 -35.67
C PRO A 406 0.59 -0.74 -35.66
N ILE A 407 1.34 -1.69 -36.18
CA ILE A 407 2.78 -1.63 -36.33
C ILE A 407 3.12 -1.23 -37.76
N GLN A 408 3.95 -0.20 -37.89
CA GLN A 408 4.37 0.30 -39.20
C GLN A 408 5.30 -0.69 -39.89
N GLY A 409 5.03 -0.96 -41.17
CA GLY A 409 5.87 -1.82 -41.98
C GLY A 409 5.47 -3.29 -42.08
N VAL A 410 6.48 -4.15 -42.27
CA VAL A 410 6.30 -5.58 -42.52
C VAL A 410 6.87 -6.31 -41.32
N ILE A 411 6.13 -7.30 -40.81
CA ILE A 411 6.53 -8.04 -39.61
C ILE A 411 6.96 -9.46 -39.97
N ARG A 412 8.10 -9.87 -39.41
CA ARG A 412 8.54 -11.24 -39.52
C ARG A 412 9.14 -11.62 -38.16
N CYS A 413 8.84 -12.83 -37.69
CA CYS A 413 9.41 -13.35 -36.46
C CYS A 413 9.62 -14.85 -36.62
N VAL A 414 10.66 -15.36 -35.97
CA VAL A 414 10.98 -16.79 -35.96
C VAL A 414 10.97 -17.26 -34.50
N SER A 415 10.16 -18.28 -34.22
CA SER A 415 10.01 -18.82 -32.88
C SER A 415 10.29 -20.31 -32.88
N ASN A 416 10.55 -20.84 -31.69
CA ASN A 416 10.69 -22.28 -31.47
C ASN A 416 9.40 -22.81 -30.88
N ILE A 417 8.88 -23.90 -31.45
CA ILE A 417 7.76 -24.62 -30.86
C ILE A 417 8.41 -25.65 -29.95
N THR A 418 8.19 -25.50 -28.65
CA THR A 418 8.81 -26.33 -27.63
C THR A 418 7.84 -27.28 -26.96
N GLY A 419 6.53 -27.16 -27.24
CA GLY A 419 5.57 -28.06 -26.65
C GLY A 419 4.20 -27.86 -27.25
N LEU A 420 3.30 -28.77 -26.89
CA LEU A 420 1.92 -28.80 -27.37
C LEU A 420 0.95 -28.89 -26.22
N ILE A 421 -0.25 -28.35 -26.42
CA ILE A 421 -1.39 -28.57 -25.52
C ILE A 421 -2.42 -29.36 -26.33
N LEU A 422 -2.70 -30.58 -25.89
CA LEU A 422 -3.66 -31.47 -26.53
C LEU A 422 -4.81 -31.81 -25.61
N THR A 423 -5.96 -32.07 -26.21
CA THR A 423 -7.14 -32.57 -25.52
C THR A 423 -7.47 -33.90 -26.19
N ARG A 424 -8.28 -34.71 -25.52
CA ARG A 424 -8.68 -36.01 -26.05
C ARG A 424 -10.20 -36.13 -26.04
N ASP A 425 -10.74 -36.74 -27.10
CA ASP A 425 -12.17 -36.95 -27.22
C ASP A 425 -12.67 -37.91 -26.14
N SER A 431 -12.71 -47.40 -27.34
CA SER A 431 -12.68 -48.03 -28.65
C SER A 431 -11.24 -48.39 -29.03
N THR A 432 -10.97 -48.49 -30.33
CA THR A 432 -9.64 -48.83 -30.84
C THR A 432 -8.90 -47.63 -31.40
N THR A 433 -9.53 -46.46 -31.46
CA THR A 433 -8.93 -45.25 -32.00
C THR A 433 -9.12 -44.11 -31.00
N GLU A 434 -8.06 -43.36 -30.76
CA GLU A 434 -8.09 -42.17 -29.91
C GLU A 434 -7.79 -40.98 -30.79
N THR A 435 -8.51 -39.88 -30.55
CA THR A 435 -8.33 -38.65 -31.31
C THR A 435 -7.89 -37.51 -30.38
N PHE A 436 -6.81 -36.84 -30.77
CA PHE A 436 -6.24 -35.73 -30.03
C PHE A 436 -6.43 -34.45 -30.81
N ARG A 437 -6.76 -33.36 -30.11
CA ARG A 437 -7.02 -32.07 -30.75
C ARG A 437 -6.27 -30.96 -30.03
N PRO A 438 -5.93 -29.87 -30.72
CA PRO A 438 -5.35 -28.70 -30.03
C PRO A 438 -6.29 -28.13 -28.98
N GLY A 439 -5.69 -27.70 -27.86
CA GLY A 439 -6.41 -27.07 -26.78
C GLY A 439 -5.69 -25.81 -26.35
N GLY A 440 -6.08 -25.23 -25.22
CA GLY A 440 -5.46 -24.02 -24.70
C GLY A 440 -6.48 -22.95 -24.38
N GLY A 441 -5.95 -21.79 -24.00
CA GLY A 441 -6.72 -20.62 -23.62
C GLY A 441 -6.56 -20.28 -22.15
N ASP A 442 -6.25 -21.26 -21.32
CA ASP A 442 -5.95 -21.05 -19.91
C ASP A 442 -4.44 -20.95 -19.81
N MET A 443 -3.95 -19.73 -19.59
CA MET A 443 -2.52 -19.50 -19.66
C MET A 443 -1.76 -20.19 -18.54
N ARG A 444 -2.45 -20.62 -17.48
CA ARG A 444 -1.74 -21.30 -16.40
C ARG A 444 -1.05 -22.55 -16.91
N ASP A 445 -1.62 -23.21 -17.92
CA ASP A 445 -1.01 -24.42 -18.46
C ASP A 445 0.23 -24.10 -19.25
N ASN A 446 0.40 -22.84 -19.68
CA ASN A 446 1.61 -22.48 -20.39
C ASN A 446 2.73 -22.31 -19.37
N TRP A 447 2.36 -21.84 -18.18
CA TRP A 447 3.31 -21.60 -17.11
C TRP A 447 3.58 -22.88 -16.33
N ARG A 448 2.62 -23.81 -16.33
CA ARG A 448 2.86 -25.10 -15.69
C ARG A 448 3.94 -25.84 -16.45
N SER A 449 4.13 -25.51 -17.73
CA SER A 449 5.10 -26.18 -18.58
C SER A 449 6.51 -25.73 -18.27
N GLU A 450 6.67 -24.62 -17.52
CA GLU A 450 7.98 -24.15 -17.10
C GLU A 450 8.23 -24.30 -15.61
N LEU A 451 7.18 -24.21 -14.80
CA LEU A 451 7.27 -24.30 -13.34
C LEU A 451 7.09 -25.72 -12.83
N TYR A 452 6.96 -26.72 -13.71
CA TYR A 452 6.71 -28.08 -13.29
C TYR A 452 7.85 -28.67 -12.46
N LYS A 453 9.07 -28.15 -12.61
CA LYS A 453 10.22 -28.71 -11.91
C LYS A 453 10.54 -28.01 -10.60
N TYR A 454 9.77 -27.00 -10.19
CA TYR A 454 10.03 -26.25 -8.98
C TYR A 454 8.94 -26.46 -7.93
N LYS A 455 9.38 -26.52 -6.68
CA LYS A 455 8.53 -26.62 -5.50
C LYS A 455 9.01 -25.63 -4.46
N VAL A 456 8.10 -24.99 -3.74
CA VAL A 456 8.46 -24.07 -2.65
C VAL A 456 8.29 -24.80 -1.33
N VAL A 457 9.33 -24.77 -0.49
CA VAL A 457 9.31 -25.38 0.83
C VAL A 457 9.73 -24.39 1.91
N LYS A 458 9.15 -24.57 3.09
CA LYS A 458 9.47 -23.82 4.30
C LYS A 458 10.52 -24.56 5.10
N ILE A 459 11.50 -23.83 5.60
CA ILE A 459 12.58 -24.41 6.39
C ILE A 459 12.13 -24.44 7.85
N GLU A 460 12.34 -25.59 8.51
CA GLU A 460 11.92 -25.80 9.89
C GLU A 460 13.19 -26.03 10.72
N PRO A 461 13.86 -24.96 11.14
CA PRO A 461 15.21 -25.09 11.74
C PRO A 461 15.25 -25.69 13.14
N LEU A 462 14.13 -25.81 13.86
CA LEU A 462 14.14 -26.37 15.21
C LEU A 462 13.85 -27.87 15.23
N GLY A 463 14.81 -28.63 15.75
CA GLY A 463 14.68 -30.06 15.87
C GLY A 463 14.95 -30.46 17.31
N VAL A 464 14.41 -31.60 17.70
CA VAL A 464 14.61 -32.17 19.03
C VAL A 464 15.03 -33.61 18.85
N ALA A 465 16.07 -34.04 19.58
CA ALA A 465 16.51 -35.42 19.48
C ALA A 465 17.12 -35.90 20.79
N PRO A 466 17.06 -37.21 21.08
CA PRO A 466 17.70 -37.70 22.31
C PRO A 466 19.22 -37.70 22.21
N THR A 467 19.87 -37.37 23.33
CA THR A 467 21.32 -37.46 23.46
C THR A 467 21.66 -37.91 24.87
N ARG A 468 22.95 -38.10 25.14
CA ARG A 468 23.44 -38.40 26.48
C ARG A 468 23.78 -37.14 27.29
N CYS A 469 23.58 -35.95 26.71
CA CYS A 469 24.00 -34.70 27.34
C CYS A 469 22.91 -34.14 28.26
N LYS A 470 23.26 -33.89 29.51
CA LYS A 470 22.35 -33.36 30.51
C LYS A 470 22.79 -31.94 30.83
N ARG A 471 21.81 -31.05 30.98
CA ARG A 471 22.10 -29.67 31.37
C ARG A 471 22.59 -29.64 32.82
N ARG A 472 23.64 -28.87 33.06
CA ARG A 472 24.20 -28.68 34.39
C ARG A 472 23.93 -27.27 34.89
N GLY B 10 27.15 -25.80 1.95
CA GLY B 10 26.13 -25.02 1.30
C GLY B 10 24.77 -25.17 1.97
N PHE B 11 23.88 -24.19 1.74
CA PHE B 11 22.56 -24.20 2.34
C PHE B 11 21.80 -25.48 2.02
N LEU B 12 21.39 -26.18 3.07
CA LEU B 12 20.68 -27.46 3.02
C LEU B 12 21.51 -28.58 2.40
N GLY B 13 22.83 -28.39 2.24
CA GLY B 13 23.65 -29.45 1.67
C GLY B 13 23.63 -30.71 2.49
N ALA B 14 23.47 -30.58 3.80
CA ALA B 14 23.44 -31.71 4.73
C ALA B 14 22.06 -32.35 4.83
N ALA B 15 21.07 -31.86 4.07
CA ALA B 15 19.71 -32.38 4.19
C ALA B 15 19.65 -33.89 3.96
N GLY B 16 20.50 -34.41 3.08
CA GLY B 16 20.52 -35.84 2.83
C GLY B 16 21.50 -36.59 3.68
N SER B 17 22.23 -35.91 4.56
CA SER B 17 23.25 -36.52 5.39
C SER B 17 22.62 -37.03 6.68
N THR B 18 23.41 -37.76 7.45
CA THR B 18 22.88 -38.31 8.70
C THR B 18 22.72 -37.19 9.72
N MET B 19 21.93 -37.47 10.76
CA MET B 19 21.68 -36.46 11.78
C MET B 19 22.98 -35.99 12.45
N GLY B 20 23.92 -36.91 12.68
CA GLY B 20 25.19 -36.50 13.28
C GLY B 20 25.97 -35.55 12.40
N ALA B 21 26.20 -35.93 11.14
CA ALA B 21 26.97 -35.10 10.23
C ALA B 21 26.30 -33.75 10.02
N ALA B 22 24.96 -33.74 9.96
CA ALA B 22 24.26 -32.52 9.68
C ALA B 22 24.26 -31.59 10.87
N SER B 23 24.69 -32.07 12.03
CA SER B 23 24.69 -31.25 13.22
C SER B 23 25.85 -30.27 13.19
N MET B 24 26.80 -30.43 12.26
CA MET B 24 27.94 -29.52 12.17
C MET B 24 27.74 -28.45 11.09
N THR B 25 26.54 -28.34 10.53
CA THR B 25 26.21 -27.34 9.51
C THR B 25 25.09 -26.42 9.98
N LEU B 26 24.83 -26.38 11.30
CA LEU B 26 23.71 -25.61 11.82
C LEU B 26 23.86 -24.12 11.53
N THR B 27 25.09 -23.61 11.43
CA THR B 27 25.28 -22.20 11.13
C THR B 27 24.96 -21.90 9.67
N VAL B 28 25.02 -22.91 8.81
CA VAL B 28 24.77 -22.70 7.39
C VAL B 28 23.30 -22.42 7.17
N GLN B 29 22.43 -23.20 7.81
CA GLN B 29 21.01 -22.95 7.67
C GLN B 29 20.60 -21.77 8.52
N ALA B 30 21.21 -21.61 9.70
CA ALA B 30 20.84 -20.50 10.59
C ALA B 30 21.04 -19.15 9.92
N ARG B 31 22.11 -18.99 9.13
CA ARG B 31 22.35 -17.70 8.49
C ARG B 31 21.38 -17.38 7.36
N ASN B 32 20.62 -18.37 6.87
CA ASN B 32 19.71 -18.18 5.75
C ASN B 32 18.26 -18.06 6.18
N LEU B 33 18.00 -17.91 7.47
CA LEU B 33 16.65 -17.74 8.00
C LEU B 33 16.26 -16.27 8.11
N LEU B 34 17.19 -15.35 7.85
CA LEU B 34 16.96 -13.94 8.05
C LEU B 34 17.69 -13.13 6.98
N TRP B 60 5.27 -5.11 -7.35
CA TRP B 60 6.31 -5.98 -6.81
C TRP B 60 6.73 -5.55 -5.42
N GLY B 61 6.72 -4.24 -5.18
CA GLY B 61 7.18 -3.72 -3.90
C GLY B 61 6.36 -4.20 -2.72
N ILE B 62 5.04 -4.37 -2.92
CA ILE B 62 4.22 -4.85 -1.82
C ILE B 62 4.50 -6.31 -1.53
N LYS B 63 4.78 -7.11 -2.56
CA LYS B 63 5.06 -8.52 -2.31
C LYS B 63 6.36 -8.66 -1.53
N GLN B 64 7.36 -7.87 -1.89
CA GLN B 64 8.64 -7.91 -1.17
C GLN B 64 8.47 -7.44 0.26
N LEU B 65 7.65 -6.40 0.48
CA LEU B 65 7.45 -5.91 1.85
C LEU B 65 6.74 -6.95 2.71
N GLN B 66 5.70 -7.59 2.18
CA GLN B 66 5.00 -8.59 2.97
C GLN B 66 5.88 -9.80 3.24
N ALA B 67 6.68 -10.19 2.25
CA ALA B 67 7.59 -11.32 2.45
C ALA B 67 8.65 -11.00 3.50
N ARG B 68 9.14 -9.76 3.52
CA ARG B 68 10.14 -9.38 4.52
C ARG B 68 9.54 -9.42 5.92
N VAL B 69 8.31 -8.92 6.06
CA VAL B 69 7.68 -8.90 7.38
C VAL B 69 7.41 -10.32 7.86
N LEU B 70 6.93 -11.19 6.98
CA LEU B 70 6.65 -12.55 7.43
C LEU B 70 7.93 -13.32 7.74
N ALA B 71 9.02 -13.05 7.01
CA ALA B 71 10.29 -13.71 7.31
C ALA B 71 10.78 -13.31 8.71
N VAL B 72 10.59 -12.03 9.05
CA VAL B 72 10.99 -11.54 10.36
C VAL B 72 10.15 -12.18 11.44
N GLU B 73 8.84 -12.30 11.23
CA GLU B 73 8.01 -12.91 12.26
C GLU B 73 8.38 -14.38 12.48
N HIS B 74 8.71 -15.12 11.42
CA HIS B 74 9.06 -16.52 11.64
C HIS B 74 10.38 -16.65 12.39
N TYR B 75 11.35 -15.80 12.03
CA TYR B 75 12.63 -15.82 12.71
C TYR B 75 12.44 -15.55 14.20
N LEU B 76 11.69 -14.51 14.53
CA LEU B 76 11.51 -14.15 15.93
C LEU B 76 10.72 -15.21 16.67
N ARG B 77 9.76 -15.86 16.03
CA ARG B 77 9.00 -16.90 16.72
C ARG B 77 9.92 -18.06 17.13
N ASP B 78 10.85 -18.43 16.24
CA ASP B 78 11.77 -19.51 16.60
C ASP B 78 12.75 -19.05 17.67
N GLN B 79 13.18 -17.79 17.61
CA GLN B 79 14.11 -17.29 18.61
C GLN B 79 13.42 -17.21 19.98
N GLN B 80 12.13 -16.85 19.99
CA GLN B 80 11.39 -16.80 21.24
C GLN B 80 11.26 -18.18 21.84
N LEU B 81 11.02 -19.20 21.00
CA LEU B 81 10.94 -20.55 21.56
C LEU B 81 12.29 -20.95 22.15
N LEU B 82 13.38 -20.61 21.49
CA LEU B 82 14.69 -20.94 22.05
C LEU B 82 14.92 -20.21 23.37
N GLY B 83 14.52 -18.93 23.44
CA GLY B 83 14.73 -18.16 24.65
C GLY B 83 13.98 -18.70 25.85
N ILE B 84 12.70 -19.02 25.65
CA ILE B 84 11.88 -19.48 26.78
C ILE B 84 12.34 -20.84 27.29
N TRP B 85 13.05 -21.62 26.47
CA TRP B 85 13.60 -22.89 26.90
C TRP B 85 14.99 -22.75 27.51
N GLY B 86 15.56 -21.55 27.53
CA GLY B 86 16.90 -21.33 28.01
C GLY B 86 17.98 -21.61 26.98
N CYS B 87 17.64 -21.55 25.70
CA CYS B 87 18.54 -21.86 24.60
C CYS B 87 18.76 -20.64 23.70
N SER B 88 18.60 -19.42 24.24
CA SER B 88 18.59 -18.22 23.41
C SER B 88 19.87 -17.99 22.61
N GLY B 89 21.02 -18.41 23.11
CA GLY B 89 22.29 -18.21 22.43
C GLY B 89 22.99 -19.41 21.85
N LYS B 90 22.31 -20.55 21.74
CA LYS B 90 22.96 -21.80 21.36
C LYS B 90 22.33 -22.39 20.10
N LEU B 91 23.14 -23.16 19.37
CA LEU B 91 22.70 -23.97 18.25
C LEU B 91 22.41 -25.40 18.69
N ILE B 92 23.21 -25.91 19.62
CA ILE B 92 23.01 -27.21 20.24
C ILE B 92 22.79 -26.93 21.71
N CYS B 93 21.61 -27.25 22.22
CA CYS B 93 21.24 -26.91 23.58
C CYS B 93 20.73 -28.15 24.31
N CYS B 94 21.44 -28.55 25.36
CA CYS B 94 21.08 -29.70 26.17
C CYS B 94 20.13 -29.23 27.25
N THR B 95 19.16 -30.06 27.62
CA THR B 95 18.14 -29.69 28.59
C THR B 95 18.04 -30.73 29.71
N ASN B 96 17.12 -30.47 30.64
CA ASN B 96 16.83 -31.35 31.77
C ASN B 96 15.51 -32.10 31.62
N VAL B 97 14.97 -32.18 30.41
CA VAL B 97 13.76 -32.95 30.15
C VAL B 97 14.18 -34.34 29.70
N PRO B 98 13.77 -35.41 30.38
CA PRO B 98 14.18 -36.75 29.95
C PRO B 98 13.47 -37.16 28.68
N TRP B 99 14.10 -38.05 27.92
CA TRP B 99 13.47 -38.58 26.72
C TRP B 99 12.49 -39.68 27.12
N ASN B 100 11.26 -39.57 26.63
CA ASN B 100 10.22 -40.56 26.88
C ASN B 100 10.24 -41.57 25.74
N SER B 101 10.43 -42.85 26.09
CA SER B 101 10.55 -43.88 25.07
C SER B 101 9.30 -44.04 24.22
N SER B 102 8.16 -43.47 24.64
CA SER B 102 6.96 -43.55 23.82
C SER B 102 7.04 -42.60 22.63
N TRP B 103 7.93 -41.61 22.68
CA TRP B 103 8.08 -40.67 21.56
C TRP B 103 8.87 -41.34 20.45
N SER B 104 9.91 -42.07 20.83
CA SER B 104 10.73 -42.85 19.91
C SER B 104 11.48 -43.87 20.75
N ASN B 105 11.45 -45.14 20.33
CA ASN B 105 12.12 -46.20 21.04
C ASN B 105 13.38 -46.67 20.31
N ARG B 106 13.91 -45.83 19.42
CA ARG B 106 15.13 -46.10 18.71
C ARG B 106 16.33 -45.78 19.60
N ASN B 107 17.46 -46.43 19.33
CA ASN B 107 18.67 -46.14 20.08
C ASN B 107 19.39 -44.97 19.43
N LEU B 108 20.51 -44.55 20.03
CA LEU B 108 21.20 -43.38 19.50
C LEU B 108 21.95 -43.69 18.21
N SER B 109 22.41 -44.93 18.01
CA SER B 109 23.15 -45.18 16.78
C SER B 109 22.21 -45.21 15.59
N GLU B 110 20.98 -45.67 15.79
CA GLU B 110 20.01 -45.68 14.70
C GLU B 110 19.62 -44.25 14.31
N ILE B 111 19.41 -43.42 15.32
CA ILE B 111 18.97 -42.05 15.09
C ILE B 111 20.09 -41.21 14.49
N TRP B 112 21.29 -41.29 15.06
CA TRP B 112 22.37 -40.41 14.62
C TRP B 112 23.22 -40.93 13.46
N ASP B 113 23.37 -42.24 13.27
CA ASP B 113 24.23 -42.75 12.20
C ASP B 113 23.47 -43.18 10.96
N ASN B 114 22.20 -43.58 11.07
CA ASN B 114 21.44 -44.03 9.90
C ASN B 114 20.44 -43.00 9.40
N MET B 115 19.71 -42.36 10.30
CA MET B 115 18.67 -41.41 9.91
C MET B 115 19.20 -40.02 9.57
N THR B 116 18.45 -39.34 8.70
CA THR B 116 18.66 -37.95 8.36
C THR B 116 17.65 -37.16 9.20
N TRP B 117 17.81 -35.84 9.24
CA TRP B 117 16.88 -35.04 10.02
C TRP B 117 15.47 -34.99 9.42
N LEU B 118 15.31 -35.15 8.10
CA LEU B 118 13.97 -35.14 7.52
C LEU B 118 13.16 -36.36 7.99
N GLN B 119 13.81 -37.53 8.03
CA GLN B 119 13.12 -38.73 8.48
C GLN B 119 12.80 -38.64 9.96
N TRP B 120 13.73 -38.09 10.75
CA TRP B 120 13.48 -37.95 12.18
C TRP B 120 12.32 -37.01 12.43
N ASP B 121 12.28 -35.88 11.74
CA ASP B 121 11.18 -34.95 11.96
C ASP B 121 9.86 -35.63 11.59
N LYS B 122 9.87 -36.44 10.53
CA LYS B 122 8.65 -37.14 10.15
C LYS B 122 8.20 -38.18 11.18
N GLU B 123 9.12 -38.96 11.75
CA GLU B 123 8.71 -39.97 12.73
C GLU B 123 8.13 -39.38 14.01
N ILE B 124 8.69 -38.28 14.52
CA ILE B 124 8.26 -37.73 15.81
C ILE B 124 7.54 -36.39 15.67
N SER B 125 7.00 -36.07 14.50
CA SER B 125 6.34 -34.78 14.35
C SER B 125 5.12 -34.69 15.29
N ASN B 126 4.51 -35.83 15.59
CA ASN B 126 3.29 -35.86 16.38
C ASN B 126 3.55 -35.59 17.86
N TYR B 127 4.81 -35.55 18.28
CA TYR B 127 5.14 -35.32 19.67
C TYR B 127 5.80 -33.97 19.85
N THR B 128 5.89 -33.15 18.78
CA THR B 128 6.62 -31.89 18.86
C THR B 128 6.04 -31.00 19.95
N GLN B 129 4.72 -30.89 19.98
CA GLN B 129 4.10 -29.97 20.92
C GLN B 129 4.14 -30.51 22.33
N ILE B 130 4.23 -31.84 22.50
CA ILE B 130 4.34 -32.34 23.86
C ILE B 130 5.71 -31.92 24.43
N ILE B 131 6.75 -32.12 23.61
CA ILE B 131 8.11 -31.85 24.07
C ILE B 131 8.28 -30.38 24.40
N TYR B 132 7.76 -29.51 23.54
CA TYR B 132 7.92 -28.08 23.76
C TYR B 132 7.30 -27.66 25.09
N GLY B 133 6.13 -28.22 25.42
CA GLY B 133 5.52 -27.84 26.67
C GLY B 133 6.37 -28.24 27.87
N LEU B 134 6.97 -29.45 27.80
CA LEU B 134 7.81 -29.87 28.90
C LEU B 134 9.03 -28.98 29.03
N LEU B 135 9.58 -28.56 27.89
CA LEU B 135 10.76 -27.72 27.92
C LEU B 135 10.43 -26.38 28.56
N GLU B 136 9.23 -25.87 28.26
CA GLU B 136 8.83 -24.60 28.81
C GLU B 136 8.69 -24.68 30.31
N GLU B 137 8.18 -25.80 30.81
CA GLU B 137 8.02 -25.89 32.24
C GLU B 137 9.37 -26.02 32.94
N SER B 138 10.29 -26.81 32.38
CA SER B 138 11.56 -27.01 33.07
C SER B 138 12.39 -25.75 33.17
N GLN B 139 12.43 -24.95 32.10
CA GLN B 139 13.26 -23.75 32.19
C GLN B 139 12.66 -22.79 33.18
N ASN B 140 11.33 -22.71 33.22
CA ASN B 140 10.74 -21.76 34.17
C ASN B 140 11.04 -22.20 35.59
N GLN B 141 11.00 -23.51 35.83
CA GLN B 141 11.30 -23.99 37.18
C GLN B 141 12.74 -23.72 37.54
N GLN B 142 13.63 -23.85 36.57
CA GLN B 142 15.05 -23.62 36.84
C GLN B 142 15.29 -22.17 37.21
N GLU B 143 14.59 -21.23 36.56
CA GLU B 143 14.81 -19.84 36.91
C GLU B 143 14.35 -19.55 38.32
N LYS B 144 13.27 -20.20 38.75
CA LYS B 144 12.82 -20.02 40.13
C LYS B 144 13.90 -20.45 41.10
N ASN B 145 14.52 -21.60 40.81
CA ASN B 145 15.53 -22.08 41.73
C ASN B 145 16.73 -21.16 41.72
N GLU B 146 17.06 -20.58 40.56
CA GLU B 146 18.19 -19.67 40.53
C GLU B 146 17.89 -18.48 41.43
N GLN B 147 16.67 -17.94 41.33
CA GLN B 147 16.33 -16.80 42.17
C GLN B 147 16.38 -17.19 43.62
N ASP B 148 15.91 -18.41 43.92
CA ASP B 148 15.91 -18.91 45.29
C ASP B 148 17.32 -19.03 45.83
N LEU B 149 18.27 -19.41 44.98
CA LEU B 149 19.63 -19.59 45.48
C LEU B 149 20.33 -18.24 45.63
N LEU B 150 20.05 -17.27 44.75
CA LEU B 150 20.72 -15.98 44.87
C LEU B 150 20.21 -15.16 46.05
N ALA B 151 19.08 -15.53 46.65
CA ALA B 151 18.57 -14.83 47.81
C ALA B 151 19.21 -15.29 49.12
N LEU B 152 20.05 -16.33 49.08
CA LEU B 152 20.69 -16.84 50.30
C LEU B 152 22.05 -16.16 50.50
N LEU C 4 17.83 -4.70 49.85
CA LEU C 4 17.01 -5.23 48.77
C LEU C 4 17.63 -4.89 47.42
N TRP C 5 17.37 -5.73 46.41
CA TRP C 5 17.93 -5.57 45.08
C TRP C 5 16.83 -5.49 44.04
N VAL C 6 17.11 -4.76 42.96
CA VAL C 6 16.18 -4.62 41.85
C VAL C 6 16.17 -5.91 41.05
N THR C 7 14.99 -6.52 40.88
CA THR C 7 14.85 -7.72 40.07
C THR C 7 13.90 -7.42 38.93
N VAL C 8 14.31 -7.81 37.73
CA VAL C 8 13.57 -7.58 36.49
C VAL C 8 12.74 -8.82 36.19
N TYR C 9 11.45 -8.62 35.94
CA TYR C 9 10.51 -9.69 35.61
C TYR C 9 9.94 -9.41 34.22
N TYR C 10 10.01 -10.40 33.33
CA TYR C 10 9.51 -10.27 31.97
C TYR C 10 8.37 -11.28 31.81
N GLY C 11 7.21 -10.79 31.39
CA GLY C 11 6.01 -11.57 31.26
C GLY C 11 5.02 -11.19 32.34
N VAL C 12 5.13 -9.99 32.89
CA VAL C 12 4.27 -9.46 33.95
C VAL C 12 2.86 -9.20 33.42
N PRO C 13 1.77 -9.70 34.10
CA PRO C 13 0.38 -9.48 33.62
C PRO C 13 -0.15 -8.09 33.95
N VAL C 14 0.44 -7.08 33.31
CA VAL C 14 0.13 -5.67 33.50
C VAL C 14 -0.16 -5.02 32.16
N TRP C 15 -1.05 -4.04 32.19
CA TRP C 15 -1.42 -3.33 30.97
C TRP C 15 -1.76 -1.87 31.25
N LYS C 16 -1.77 -1.10 30.15
CA LYS C 16 -2.14 0.32 30.13
C LYS C 16 -3.14 0.57 29.01
N ASP C 17 -3.95 1.63 29.17
CA ASP C 17 -4.88 2.01 28.11
C ASP C 17 -4.10 2.30 26.83
N ALA C 18 -4.62 1.82 25.69
CA ALA C 18 -3.92 2.05 24.43
C ALA C 18 -4.90 2.09 23.26
N GLU C 19 -4.48 2.78 22.20
CA GLU C 19 -5.20 2.89 20.94
C GLU C 19 -4.34 2.26 19.85
N THR C 20 -4.79 1.15 19.27
CA THR C 20 -4.03 0.46 18.22
C THR C 20 -4.96 0.09 17.07
N THR C 21 -4.36 -0.46 16.03
CA THR C 21 -5.08 -0.93 14.85
C THR C 21 -5.61 -2.33 15.11
N LEU C 22 -6.92 -2.52 14.92
CA LEU C 22 -7.56 -3.83 15.06
C LEU C 22 -7.82 -4.41 13.68
N PHE C 23 -7.86 -5.75 13.60
CA PHE C 23 -8.09 -6.43 12.33
C PHE C 23 -9.39 -7.24 12.40
N CYS C 24 -9.89 -7.58 11.22
CA CYS C 24 -11.15 -8.31 11.07
C CYS C 24 -10.96 -9.81 11.09
N ALA C 25 -11.88 -10.50 11.78
CA ALA C 25 -12.05 -11.94 11.68
C ALA C 25 -13.51 -12.25 11.43
N SER C 26 -13.76 -13.28 10.64
CA SER C 26 -15.12 -13.67 10.26
C SER C 26 -15.19 -15.18 10.11
N ASP C 27 -16.42 -15.68 10.02
CA ASP C 27 -16.66 -17.10 9.79
C ASP C 27 -16.77 -17.36 8.30
N HIS C 36 -21.15 -11.64 -3.61
CA HIS C 36 -20.23 -10.74 -2.93
C HIS C 36 -21.01 -10.17 -1.75
N ASN C 37 -20.38 -9.33 -0.93
CA ASN C 37 -20.97 -8.76 0.26
C ASN C 37 -20.22 -7.45 0.46
N VAL C 38 -20.96 -6.37 0.68
CA VAL C 38 -20.38 -5.03 0.80
C VAL C 38 -19.28 -4.90 1.87
N TRP C 39 -19.24 -5.78 2.88
CA TRP C 39 -18.24 -5.65 3.94
C TRP C 39 -16.98 -6.49 3.73
N ALA C 40 -16.77 -7.06 2.55
CA ALA C 40 -15.52 -7.75 2.18
C ALA C 40 -15.08 -8.79 3.20
N THR C 41 -16.00 -9.66 3.61
CA THR C 41 -15.66 -10.67 4.61
C THR C 41 -14.74 -11.76 4.07
N HIS C 42 -14.45 -11.77 2.76
CA HIS C 42 -13.48 -12.73 2.21
C HIS C 42 -12.04 -12.26 2.38
N ALA C 43 -11.81 -10.96 2.56
CA ALA C 43 -10.46 -10.46 2.81
C ALA C 43 -10.15 -10.58 4.29
N CYS C 44 -11.21 -10.58 5.09
CA CYS C 44 -11.16 -10.77 6.52
C CYS C 44 -10.68 -12.19 6.83
N VAL C 45 -9.84 -12.35 7.86
CA VAL C 45 -9.25 -13.67 8.15
C VAL C 45 -10.29 -14.59 8.79
N PRO C 46 -10.11 -15.91 8.74
CA PRO C 46 -10.98 -16.81 9.50
C PRO C 46 -10.89 -16.58 11.01
N THR C 47 -12.05 -16.67 11.67
CA THR C 47 -12.11 -16.55 13.12
C THR C 47 -11.39 -17.74 13.76
N GLN C 52 -10.65 -17.94 23.17
CA GLN C 52 -10.79 -18.31 24.58
C GLN C 52 -11.05 -17.06 25.42
N GLU C 53 -12.11 -17.12 26.24
CA GLU C 53 -12.41 -16.06 27.19
C GLU C 53 -11.88 -16.48 28.56
N ILE C 54 -10.97 -15.68 29.10
CA ILE C 54 -10.31 -15.96 30.38
C ILE C 54 -10.78 -14.96 31.42
N HIS C 55 -11.46 -15.45 32.45
CA HIS C 55 -11.97 -14.58 33.51
C HIS C 55 -10.85 -14.10 34.41
N LEU C 56 -10.87 -12.81 34.73
CA LEU C 56 -9.89 -12.19 35.62
C LEU C 56 -10.59 -12.08 36.97
N GLU C 57 -10.26 -13.01 37.88
CA GLU C 57 -11.05 -13.21 39.10
C GLU C 57 -11.08 -11.99 40.02
N ASN C 58 -9.97 -11.24 40.15
CA ASN C 58 -9.93 -10.08 41.04
C ASN C 58 -9.57 -8.78 40.33
N VAL C 59 -9.87 -8.65 39.04
CA VAL C 59 -9.54 -7.45 38.27
C VAL C 59 -10.77 -6.56 38.16
N THR C 60 -10.62 -5.30 38.55
CA THR C 60 -11.61 -4.27 38.39
C THR C 60 -11.03 -3.29 37.37
N GLU C 61 -11.80 -2.97 36.33
CA GLU C 61 -11.29 -2.12 35.25
C GLU C 61 -12.26 -0.99 34.96
N GLU C 62 -11.73 0.21 34.79
CA GLU C 62 -12.55 1.37 34.48
C GLU C 62 -12.73 1.49 32.98
N PHE C 63 -13.99 1.54 32.55
CA PHE C 63 -14.39 1.61 31.16
C PHE C 63 -14.99 2.97 30.84
N ASN C 64 -14.93 3.37 29.56
CA ASN C 64 -15.60 4.59 29.12
C ASN C 64 -16.02 4.39 27.66
N MET C 65 -17.29 4.05 27.44
CA MET C 65 -17.78 3.75 26.10
C MET C 65 -17.78 4.98 25.19
N TRP C 66 -17.68 6.18 25.76
CA TRP C 66 -17.78 7.41 24.98
C TRP C 66 -16.43 7.88 24.45
N LYS C 67 -15.33 7.26 24.87
CA LYS C 67 -13.98 7.61 24.46
C LYS C 67 -13.28 6.37 23.92
N ASN C 68 -14.07 5.37 23.50
CA ASN C 68 -13.61 4.07 23.03
C ASN C 68 -13.22 4.17 21.56
N ASN C 69 -11.93 3.99 21.26
CA ASN C 69 -11.45 4.16 19.89
C ASN C 69 -11.83 3.00 18.99
N MET C 70 -12.48 1.97 19.55
CA MET C 70 -12.92 0.87 18.72
C MET C 70 -14.11 1.31 17.88
N VAL C 71 -14.84 2.32 18.35
CA VAL C 71 -16.01 2.81 17.65
C VAL C 71 -15.55 3.64 16.47
N GLU C 72 -14.53 4.47 16.67
CA GLU C 72 -14.00 5.28 15.60
C GLU C 72 -13.35 4.41 14.53
N GLN C 73 -12.67 3.35 14.95
CA GLN C 73 -12.08 2.46 13.95
C GLN C 73 -13.17 1.70 13.20
N MET C 74 -14.22 1.24 13.90
CA MET C 74 -15.29 0.55 13.21
C MET C 74 -15.97 1.48 12.21
N HIS C 75 -16.14 2.75 12.59
CA HIS C 75 -16.77 3.72 11.71
C HIS C 75 -15.96 3.91 10.43
N GLU C 76 -14.65 4.10 10.60
CA GLU C 76 -13.79 4.29 9.43
C GLU C 76 -13.77 3.04 8.56
N ASP C 77 -13.81 1.86 9.18
CA ASP C 77 -13.77 0.62 8.43
C ASP C 77 -15.04 0.38 7.65
N ILE C 78 -16.19 0.67 8.26
CA ILE C 78 -17.46 0.46 7.57
C ILE C 78 -17.58 1.43 6.40
N ILE C 79 -17.18 2.68 6.59
CA ILE C 79 -17.26 3.63 5.48
C ILE C 79 -16.32 3.21 4.37
N SER C 80 -15.09 2.80 4.71
CA SER C 80 -14.15 2.41 3.67
C SER C 80 -14.65 1.19 2.91
N LEU C 81 -15.24 0.21 3.61
CA LEU C 81 -15.75 -0.96 2.91
C LEU C 81 -16.92 -0.62 2.01
N TRP C 82 -17.80 0.26 2.50
CA TRP C 82 -18.94 0.71 1.70
C TRP C 82 -18.45 1.36 0.43
N ASP C 83 -17.52 2.31 0.56
CA ASP C 83 -17.03 3.00 -0.62
C ASP C 83 -16.31 2.05 -1.57
N GLN C 84 -15.55 1.09 -1.03
CA GLN C 84 -14.82 0.16 -1.89
C GLN C 84 -15.77 -0.68 -2.73
N SER C 85 -16.92 -1.05 -2.18
CA SER C 85 -17.82 -1.90 -2.95
C SER C 85 -18.42 -1.19 -4.17
N LEU C 86 -18.35 0.15 -4.22
CA LEU C 86 -18.91 0.90 -5.35
C LEU C 86 -17.92 1.27 -6.44
N LYS C 87 -16.62 1.01 -6.27
CA LYS C 87 -15.65 1.43 -7.30
C LYS C 87 -15.83 0.78 -8.67
N PRO C 88 -16.14 -0.51 -8.81
CA PRO C 88 -16.31 -1.08 -10.16
C PRO C 88 -17.71 -0.97 -10.76
N CYS C 89 -18.62 -0.22 -10.16
CA CYS C 89 -20.02 -0.21 -10.55
C CYS C 89 -20.29 0.95 -11.53
N VAL C 90 -21.43 0.85 -12.22
CA VAL C 90 -21.82 1.84 -13.22
C VAL C 90 -21.99 3.23 -12.61
N LYS C 91 -21.37 4.23 -13.25
CA LYS C 91 -21.33 5.61 -12.78
C LYS C 91 -22.62 6.39 -12.98
N LEU C 92 -23.49 6.01 -13.92
CA LEU C 92 -24.78 6.67 -14.16
C LEU C 92 -24.66 8.18 -14.43
N THR C 93 -23.57 8.63 -15.03
CA THR C 93 -23.46 10.05 -15.38
C THR C 93 -24.60 10.49 -16.31
N PRO C 94 -24.98 9.73 -17.35
CA PRO C 94 -26.07 10.16 -18.24
C PRO C 94 -27.43 10.41 -17.60
N LEU C 95 -27.67 9.99 -16.36
CA LEU C 95 -29.00 10.15 -15.77
C LEU C 95 -29.37 11.57 -15.36
N CYS C 96 -28.43 12.51 -15.24
CA CYS C 96 -28.81 13.89 -14.92
C CYS C 96 -29.18 14.63 -16.20
N VAL C 97 -30.42 14.37 -16.61
CA VAL C 97 -31.10 14.92 -17.78
C VAL C 97 -32.46 15.41 -17.32
N THR C 98 -33.08 16.26 -18.14
CA THR C 98 -34.45 16.64 -17.87
C THR C 98 -35.36 15.43 -18.08
N LEU C 99 -36.24 15.19 -17.11
CA LEU C 99 -37.22 14.12 -17.14
C LEU C 99 -38.58 14.74 -17.41
N GLN C 100 -39.42 14.04 -18.17
CA GLN C 100 -40.80 14.47 -18.44
C GLN C 100 -41.71 13.49 -17.70
N CYS C 101 -42.23 13.91 -16.55
CA CYS C 101 -42.92 13.01 -15.63
C CYS C 101 -44.41 13.31 -15.53
N THR C 102 -45.15 12.23 -15.28
CA THR C 102 -46.57 12.22 -14.95
C THR C 102 -46.78 11.30 -13.74
N ASN C 103 -48.00 11.25 -13.24
CA ASN C 103 -48.30 10.36 -12.12
C ASN C 103 -48.51 8.94 -12.63
N TYR C 104 -47.88 7.98 -11.96
CA TYR C 104 -47.96 6.58 -12.37
C TYR C 104 -49.39 6.04 -12.37
N ALA C 105 -50.15 6.28 -11.30
CA ALA C 105 -51.50 5.75 -11.17
C ALA C 105 -52.46 6.86 -10.77
N PRO C 106 -52.95 7.64 -11.74
CA PRO C 106 -53.79 8.80 -11.40
C PRO C 106 -55.09 8.47 -10.66
N LYS C 107 -55.51 7.20 -10.64
CA LYS C 107 -56.76 6.82 -10.00
C LYS C 107 -56.62 6.38 -8.55
N LEU C 108 -55.40 6.36 -8.00
CA LEU C 108 -55.24 5.96 -6.60
C LEU C 108 -55.72 7.08 -5.68
N ARG C 109 -56.42 6.70 -4.61
CA ARG C 109 -56.88 7.63 -3.59
C ARG C 109 -56.28 7.28 -2.22
N SER C 110 -55.32 6.37 -2.20
CA SER C 110 -54.60 5.88 -1.03
C SER C 110 -53.40 6.78 -0.79
N MET C 111 -52.57 6.41 0.19
CA MET C 111 -51.38 7.20 0.52
C MET C 111 -50.33 7.13 -0.58
N MET C 112 -50.51 6.27 -1.60
CA MET C 112 -49.59 6.14 -2.71
C MET C 112 -49.85 7.13 -3.85
N ARG C 113 -50.87 8.00 -3.72
CA ARG C 113 -51.13 8.98 -4.77
C ARG C 113 -49.98 9.96 -4.86
N GLY C 114 -49.38 10.07 -6.05
CA GLY C 114 -48.29 10.98 -6.27
C GLY C 114 -46.94 10.46 -5.83
N GLU C 115 -46.87 9.27 -5.27
CA GLU C 115 -45.61 8.72 -4.79
C GLU C 115 -44.74 8.18 -5.90
N ILE C 116 -45.32 7.71 -6.99
CA ILE C 116 -44.56 7.14 -8.11
C ILE C 116 -44.81 8.01 -9.34
N LYS C 117 -43.72 8.43 -9.97
CA LYS C 117 -43.73 9.24 -11.18
C LYS C 117 -43.30 8.39 -12.37
N ASN C 118 -44.02 8.51 -13.48
CA ASN C 118 -43.70 7.84 -14.74
C ASN C 118 -42.98 8.88 -15.59
N CYS C 119 -41.66 8.75 -15.67
CA CYS C 119 -40.75 9.74 -16.25
C CYS C 119 -40.15 9.25 -17.55
N SER C 120 -40.25 10.08 -18.59
CA SER C 120 -39.70 9.86 -19.92
C SER C 120 -38.42 10.65 -20.08
N PHE C 121 -37.38 10.02 -20.63
CA PHE C 121 -36.12 10.72 -20.85
C PHE C 121 -35.34 10.11 -22.01
N ASN C 122 -34.41 10.92 -22.55
CA ASN C 122 -33.51 10.50 -23.62
C ASN C 122 -32.19 10.03 -23.02
N MET C 123 -31.97 8.72 -23.04
CA MET C 123 -30.81 8.07 -22.46
C MET C 123 -29.78 7.73 -23.55
N THR C 124 -28.52 7.66 -23.13
CA THR C 124 -27.44 7.27 -24.01
C THR C 124 -27.49 5.77 -24.29
N THR C 125 -26.73 5.36 -25.30
CA THR C 125 -26.67 3.97 -25.71
C THR C 125 -25.22 3.50 -25.84
N GLU C 126 -25.04 2.29 -26.33
CA GLU C 126 -23.71 1.73 -26.54
C GLU C 126 -22.91 2.54 -27.56
N LEU C 127 -23.58 3.22 -28.49
CA LEU C 127 -22.92 4.04 -29.51
C LEU C 127 -23.18 5.52 -29.21
N ARG C 128 -22.11 6.32 -29.27
CA ARG C 128 -22.21 7.74 -28.89
C ARG C 128 -23.15 8.53 -29.79
N ASP C 129 -23.33 8.11 -31.04
CA ASP C 129 -24.19 8.83 -31.97
C ASP C 129 -25.66 8.41 -31.91
N LYS C 130 -26.06 7.49 -31.03
CA LYS C 130 -27.43 7.02 -30.94
C LYS C 130 -27.98 7.23 -29.53
N LYS C 131 -29.26 7.60 -29.48
CA LYS C 131 -30.01 7.79 -28.24
C LYS C 131 -31.19 6.83 -28.21
N GLN C 132 -31.73 6.62 -27.01
CA GLN C 132 -32.92 5.82 -26.80
C GLN C 132 -33.89 6.56 -25.90
N LYS C 133 -35.19 6.36 -26.14
CA LYS C 133 -36.22 6.96 -25.31
C LYS C 133 -36.60 5.92 -24.26
N VAL C 134 -36.55 6.31 -22.99
CA VAL C 134 -36.77 5.41 -21.88
C VAL C 134 -37.89 5.94 -20.99
N TYR C 135 -38.76 5.04 -20.55
CA TYR C 135 -39.79 5.32 -19.56
C TYR C 135 -39.40 4.56 -18.31
N SER C 136 -39.27 5.27 -17.19
CA SER C 136 -38.91 4.68 -15.91
C SER C 136 -39.85 5.17 -14.82
N LEU C 137 -40.04 4.35 -13.80
CA LEU C 137 -40.77 4.76 -12.61
C LEU C 137 -39.77 5.21 -11.55
N PHE C 138 -40.05 6.36 -10.94
CA PHE C 138 -39.24 6.89 -9.85
C PHE C 138 -40.14 7.21 -8.68
N TYR C 139 -39.60 7.13 -7.48
CA TYR C 139 -40.36 7.57 -6.32
C TYR C 139 -40.28 9.08 -6.27
N ARG C 140 -41.33 9.74 -5.75
CA ARG C 140 -41.31 11.20 -5.77
C ARG C 140 -40.18 11.77 -4.93
N LEU C 141 -39.69 11.01 -3.94
CA LEU C 141 -38.62 11.51 -3.10
C LEU C 141 -37.28 11.55 -3.81
N ASP C 142 -37.17 10.93 -4.99
CA ASP C 142 -35.95 10.92 -5.77
C ASP C 142 -35.91 11.97 -6.87
N VAL C 143 -36.99 12.75 -7.07
CA VAL C 143 -37.03 13.76 -8.12
C VAL C 143 -37.45 15.11 -7.57
N VAL C 144 -36.99 16.15 -8.26
CA VAL C 144 -37.26 17.55 -7.95
C VAL C 144 -37.89 18.16 -9.19
N GLN C 145 -39.02 18.83 -9.04
CA GLN C 145 -39.64 19.47 -10.19
C GLN C 145 -38.83 20.70 -10.57
N ILE C 146 -38.57 20.86 -11.86
CA ILE C 146 -37.83 22.03 -12.35
C ILE C 146 -38.83 23.17 -12.50
N ASN C 158 -46.31 17.40 -19.92
CA ASN C 158 -46.01 16.68 -18.70
C ASN C 158 -45.39 17.72 -17.77
N LYS C 159 -44.58 17.30 -16.79
CA LYS C 159 -43.86 18.24 -15.95
C LYS C 159 -42.37 17.90 -15.99
N GLU C 160 -41.52 18.92 -15.88
CA GLU C 160 -40.08 18.70 -15.91
C GLU C 160 -39.54 18.41 -14.52
N TYR C 161 -38.72 17.36 -14.43
CA TYR C 161 -38.06 16.91 -13.21
C TYR C 161 -36.59 16.63 -13.43
N ARG C 162 -35.84 16.62 -12.34
CA ARG C 162 -34.45 16.17 -12.32
C ARG C 162 -34.29 15.28 -11.10
N LEU C 163 -33.22 14.48 -11.07
CA LEU C 163 -32.97 13.68 -9.88
C LEU C 163 -32.46 14.59 -8.77
N ILE C 164 -32.77 14.22 -7.52
CA ILE C 164 -32.36 15.04 -6.37
C ILE C 164 -30.85 15.21 -6.26
N ASN C 165 -30.07 14.28 -6.76
CA ASN C 165 -28.62 14.39 -6.66
C ASN C 165 -27.96 15.29 -7.69
N CYS C 166 -28.68 15.73 -8.73
CA CYS C 166 -28.00 16.36 -9.86
C CYS C 166 -27.36 17.71 -9.52
N ASN C 167 -27.77 18.39 -8.46
CA ASN C 167 -27.12 19.64 -8.08
C ASN C 167 -26.12 19.50 -6.94
N THR C 168 -25.87 18.29 -6.44
CA THR C 168 -24.92 18.09 -5.36
C THR C 168 -23.87 17.02 -5.62
N SER C 169 -24.22 15.96 -6.34
CA SER C 169 -23.28 14.85 -6.51
C SER C 169 -23.69 13.98 -7.69
N ALA C 170 -22.76 13.15 -8.13
CA ALA C 170 -23.05 12.10 -9.09
C ALA C 170 -23.46 10.85 -8.30
N ILE C 171 -24.40 10.09 -8.87
CA ILE C 171 -24.85 8.83 -8.28
C ILE C 171 -24.19 7.65 -8.99
N THR C 172 -23.70 6.71 -8.20
CA THR C 172 -23.14 5.47 -8.71
C THR C 172 -24.16 4.37 -8.45
N GLN C 173 -24.42 3.54 -9.46
CA GLN C 173 -25.37 2.46 -9.30
C GLN C 173 -24.73 1.38 -8.46
N ALA C 174 -25.45 0.89 -7.44
CA ALA C 174 -24.93 -0.23 -6.69
C ALA C 174 -24.91 -1.45 -7.60
N CYS C 175 -23.89 -2.26 -7.47
CA CYS C 175 -23.84 -3.48 -8.26
C CYS C 175 -24.94 -4.44 -7.82
N PRO C 176 -25.82 -4.91 -8.72
CA PRO C 176 -26.89 -5.84 -8.30
C PRO C 176 -26.40 -7.13 -7.67
N LYS C 177 -25.14 -7.49 -7.88
CA LYS C 177 -24.55 -8.71 -7.36
C LYS C 177 -23.97 -8.56 -5.95
N VAL C 178 -23.96 -7.34 -5.39
CA VAL C 178 -23.36 -7.10 -4.08
C VAL C 178 -24.47 -6.92 -3.05
N SER C 179 -24.52 -7.87 -2.11
CA SER C 179 -25.51 -7.88 -1.05
C SER C 179 -25.22 -6.82 0.00
N PHE C 180 -26.28 -6.27 0.59
CA PHE C 180 -26.21 -5.31 1.68
C PHE C 180 -26.55 -5.95 3.04
N GLU C 181 -26.65 -7.27 3.10
CA GLU C 181 -27.02 -7.94 4.35
C GLU C 181 -25.90 -7.92 5.39
N PRO C 182 -26.13 -7.39 6.60
CA PRO C 182 -25.05 -7.38 7.60
C PRO C 182 -24.53 -8.77 7.92
N ILE C 183 -23.21 -8.89 7.95
CA ILE C 183 -22.51 -10.13 8.27
C ILE C 183 -21.71 -9.83 9.53
N PRO C 184 -21.77 -10.65 10.59
CA PRO C 184 -21.01 -10.33 11.81
C PRO C 184 -19.51 -10.17 11.53
N ILE C 185 -18.95 -9.12 12.13
CA ILE C 185 -17.52 -8.82 12.05
C ILE C 185 -16.94 -8.90 13.46
N HIS C 186 -15.86 -9.66 13.61
CA HIS C 186 -15.16 -9.78 14.88
C HIS C 186 -13.93 -8.90 14.82
N TYR C 187 -13.76 -7.97 15.76
CA TYR C 187 -12.51 -7.18 15.77
C TYR C 187 -11.46 -7.89 16.61
N CYS C 188 -10.37 -8.34 15.99
CA CYS C 188 -9.32 -9.04 16.76
C CYS C 188 -8.13 -8.10 16.96
N ALA C 189 -7.52 -8.17 18.14
CA ALA C 189 -6.35 -7.29 18.43
C ALA C 189 -5.04 -7.98 18.06
N PRO C 190 -3.95 -7.25 17.71
CA PRO C 190 -2.67 -7.89 17.40
C PRO C 190 -1.93 -8.32 18.66
N ALA C 191 -0.90 -9.13 18.44
CA ALA C 191 -0.07 -9.60 19.55
C ALA C 191 0.50 -8.40 20.30
N GLY C 192 0.57 -8.52 21.62
CA GLY C 192 1.01 -7.45 22.48
C GLY C 192 -0.13 -6.62 23.03
N PHE C 193 -1.35 -6.83 22.51
CA PHE C 193 -2.55 -6.12 22.93
C PHE C 193 -3.61 -7.15 23.30
N ALA C 194 -4.58 -6.71 24.10
CA ALA C 194 -5.69 -7.57 24.49
C ALA C 194 -6.94 -6.73 24.59
N ILE C 195 -8.11 -7.37 24.46
CA ILE C 195 -9.39 -6.71 24.61
C ILE C 195 -10.02 -7.21 25.91
N LEU C 196 -10.39 -6.28 26.78
CA LEU C 196 -11.04 -6.61 28.03
C LEU C 196 -12.54 -6.43 27.86
N LYS C 197 -13.31 -7.42 28.31
CA LYS C 197 -14.76 -7.40 28.22
C LYS C 197 -15.38 -7.27 29.62
N CYS C 198 -16.34 -6.36 29.76
CA CYS C 198 -17.08 -6.16 30.99
C CYS C 198 -18.32 -7.04 31.01
N LYS C 199 -18.43 -7.93 32.00
CA LYS C 199 -19.53 -8.89 32.12
C LYS C 199 -20.59 -8.47 33.14
N ASP C 200 -20.52 -7.24 33.66
CA ASP C 200 -21.49 -6.75 34.64
C ASP C 200 -22.80 -6.42 33.93
N LYS C 201 -23.85 -7.16 34.27
CA LYS C 201 -25.16 -7.04 33.63
C LYS C 201 -25.77 -5.66 33.77
N LYS C 202 -25.39 -4.88 34.79
CA LYS C 202 -25.93 -3.55 35.02
C LYS C 202 -24.97 -2.46 34.58
N PHE C 203 -23.91 -2.83 33.85
CA PHE C 203 -22.92 -1.84 33.42
C PHE C 203 -23.56 -0.85 32.48
N ASN C 204 -23.38 0.45 32.77
CA ASN C 204 -23.99 1.53 32.01
C ASN C 204 -23.07 2.15 30.98
N GLY C 205 -21.94 1.51 30.65
CA GLY C 205 -21.00 1.99 29.66
C GLY C 205 -19.83 2.79 30.19
N THR C 206 -19.90 3.27 31.44
CA THR C 206 -18.80 4.03 32.03
C THR C 206 -18.52 3.54 33.44
N GLY C 207 -17.33 3.87 33.92
CA GLY C 207 -16.95 3.63 35.30
C GLY C 207 -16.38 2.26 35.58
N PRO C 208 -16.12 1.99 36.87
CA PRO C 208 -15.54 0.70 37.28
C PRO C 208 -16.41 -0.48 36.90
N CYS C 209 -15.76 -1.56 36.48
CA CYS C 209 -16.40 -2.83 36.15
C CYS C 209 -15.76 -3.91 37.01
N PRO C 210 -16.48 -4.49 37.98
CA PRO C 210 -15.87 -5.48 38.87
C PRO C 210 -15.67 -6.88 38.30
N SER C 211 -16.20 -7.18 37.12
CA SER C 211 -16.10 -8.52 36.52
C SER C 211 -15.64 -8.34 35.09
N VAL C 212 -14.35 -8.59 34.87
CA VAL C 212 -13.66 -8.34 33.62
C VAL C 212 -13.02 -9.63 33.16
N SER C 213 -13.09 -9.89 31.85
CA SER C 213 -12.41 -11.06 31.28
C SER C 213 -11.60 -10.56 30.10
N THR C 214 -10.59 -11.33 29.71
CA THR C 214 -9.77 -10.99 28.56
C THR C 214 -10.09 -11.90 27.39
N VAL C 215 -10.28 -11.28 26.23
CA VAL C 215 -10.50 -11.94 24.96
C VAL C 215 -9.49 -11.29 24.03
N GLN C 216 -9.29 -11.88 22.85
CA GLN C 216 -8.42 -11.22 21.85
C GLN C 216 -9.32 -10.71 20.72
N CYS C 217 -10.50 -11.34 20.54
CA CYS C 217 -11.45 -10.92 19.49
C CYS C 217 -12.83 -10.70 20.08
N THR C 218 -13.46 -9.54 19.83
CA THR C 218 -14.86 -9.37 20.21
C THR C 218 -15.78 -10.35 19.49
N HIS C 219 -17.04 -10.37 19.93
CA HIS C 219 -18.06 -11.17 19.30
C HIS C 219 -18.38 -10.59 17.93
N GLY C 220 -19.18 -11.30 17.16
CA GLY C 220 -19.50 -10.82 15.84
C GLY C 220 -20.57 -9.75 15.97
N ILE C 221 -20.23 -8.55 15.50
CA ILE C 221 -21.09 -7.38 15.53
C ILE C 221 -21.55 -7.14 14.12
N LYS C 222 -22.86 -7.20 13.90
CA LYS C 222 -23.38 -6.97 12.57
C LYS C 222 -23.42 -5.47 12.30
N PRO C 223 -22.88 -5.00 11.15
CA PRO C 223 -22.93 -3.54 10.86
C PRO C 223 -24.31 -3.12 10.36
N VAL C 224 -25.28 -3.16 11.26
CA VAL C 224 -26.65 -2.79 10.90
C VAL C 224 -26.74 -1.28 10.90
N VAL C 225 -27.21 -0.72 9.79
CA VAL C 225 -27.33 0.72 9.62
C VAL C 225 -28.79 1.10 9.79
N SER C 226 -29.08 1.94 10.77
CA SER C 226 -30.45 2.36 11.03
C SER C 226 -30.43 3.64 11.85
N THR C 227 -31.58 4.32 11.90
CA THR C 227 -31.77 5.47 12.77
C THR C 227 -32.94 5.21 13.72
N GLN C 228 -32.93 5.94 14.83
CA GLN C 228 -33.98 5.94 15.85
C GLN C 228 -34.15 4.61 16.58
N LEU C 229 -34.34 3.52 15.84
CA LEU C 229 -34.48 2.18 16.39
C LEU C 229 -33.25 1.35 16.04
N LEU C 230 -32.66 0.72 17.06
CA LEU C 230 -31.50 -0.14 16.86
C LEU C 230 -32.03 -1.54 16.60
N LEU C 231 -31.65 -2.12 15.46
CA LEU C 231 -32.15 -3.43 15.05
C LEU C 231 -31.07 -4.50 15.12
N ASN C 232 -31.52 -5.73 15.42
CA ASN C 232 -30.70 -6.94 15.36
C ASN C 232 -29.40 -6.81 16.17
N GLY C 233 -29.47 -6.15 17.32
CA GLY C 233 -28.33 -5.99 18.18
C GLY C 233 -28.38 -6.88 19.40
N SER C 234 -27.62 -6.49 20.43
CA SER C 234 -27.57 -7.24 21.67
C SER C 234 -28.65 -6.72 22.62
N LEU C 235 -29.19 -7.63 23.43
CA LEU C 235 -30.15 -7.30 24.47
C LEU C 235 -29.50 -7.24 25.85
N ALA C 236 -30.10 -6.45 26.72
CA ALA C 236 -29.64 -6.37 28.10
C ALA C 236 -29.93 -7.70 28.78
N GLU C 237 -29.19 -8.00 29.83
CA GLU C 237 -29.50 -9.23 30.60
C GLU C 237 -30.70 -8.96 31.53
N GLU C 238 -30.45 -8.73 32.82
CA GLU C 238 -31.57 -8.60 33.80
C GLU C 238 -32.50 -7.40 33.55
N GLU C 239 -31.99 -6.21 33.22
CA GLU C 239 -32.89 -5.03 33.15
C GLU C 239 -32.55 -4.06 32.00
N VAL C 240 -33.52 -3.26 31.56
CA VAL C 240 -33.29 -2.20 30.52
C VAL C 240 -32.16 -1.29 31.01
N ILE C 241 -31.31 -0.79 30.11
CA ILE C 241 -30.13 -0.01 30.51
C ILE C 241 -30.10 1.30 29.72
N ILE C 242 -30.10 2.40 30.48
CA ILE C 242 -30.03 3.76 29.93
C ILE C 242 -28.56 4.16 29.94
N ARG C 243 -28.03 4.55 28.79
CA ARG C 243 -26.62 4.96 28.68
C ARG C 243 -26.55 6.34 28.06
N SER C 244 -25.78 7.23 28.67
CA SER C 244 -25.61 8.57 28.13
C SER C 244 -24.27 9.12 28.58
N GLU C 245 -23.61 9.85 27.68
CA GLU C 245 -22.34 10.49 28.03
C GLU C 245 -22.52 11.43 29.21
N ASN C 246 -23.64 12.17 29.22
CA ASN C 246 -23.99 13.09 30.30
C ASN C 246 -25.52 13.12 30.31
N ILE C 247 -26.11 12.44 31.30
CA ILE C 247 -27.56 12.27 31.33
C ILE C 247 -28.31 13.59 31.56
N THR C 248 -27.63 14.64 32.02
CA THR C 248 -28.26 15.92 32.29
C THR C 248 -27.96 16.95 31.20
N ASN C 249 -27.23 16.57 30.15
CA ASN C 249 -26.89 17.45 29.04
C ASN C 249 -27.86 17.12 27.91
N ASN C 250 -28.73 18.08 27.57
CA ASN C 250 -29.75 17.80 26.56
C ASN C 250 -29.17 17.72 25.16
N ALA C 251 -27.89 18.05 24.97
CA ALA C 251 -27.24 17.98 23.67
C ALA C 251 -26.67 16.60 23.37
N LYS C 252 -26.76 15.66 24.31
CA LYS C 252 -26.24 14.31 24.15
C LYS C 252 -27.39 13.35 23.89
N ASN C 253 -27.08 12.26 23.21
CA ASN C 253 -28.08 11.24 22.93
C ASN C 253 -28.13 10.23 24.07
N ILE C 254 -29.30 9.65 24.27
CA ILE C 254 -29.54 8.59 25.24
C ILE C 254 -29.73 7.30 24.47
N LEU C 255 -28.88 6.30 24.75
CA LEU C 255 -28.97 5.01 24.11
C LEU C 255 -29.68 4.10 25.11
N VAL C 256 -30.71 3.41 24.64
CA VAL C 256 -31.51 2.54 25.50
C VAL C 256 -31.32 1.12 25.00
N GLN C 257 -30.85 0.23 25.87
CA GLN C 257 -30.70 -1.18 25.56
C GLN C 257 -31.85 -1.93 26.22
N LEU C 258 -32.63 -2.63 25.42
CA LEU C 258 -33.82 -3.31 25.91
C LEU C 258 -33.48 -4.68 26.46
N ASN C 259 -34.28 -5.14 27.43
CA ASN C 259 -34.07 -6.48 27.98
C ASN C 259 -34.63 -7.56 27.06
N THR C 260 -35.74 -7.26 26.38
CA THR C 260 -36.38 -8.17 25.44
C THR C 260 -36.56 -7.46 24.11
N PRO C 261 -36.56 -8.20 22.99
CA PRO C 261 -36.75 -7.55 21.69
C PRO C 261 -38.20 -7.21 21.44
N VAL C 262 -38.42 -6.21 20.59
CA VAL C 262 -39.74 -5.92 20.05
C VAL C 262 -39.69 -6.31 18.58
N GLN C 263 -40.57 -7.20 18.15
CA GLN C 263 -40.51 -7.67 16.77
C GLN C 263 -41.15 -6.63 15.87
N ILE C 264 -40.48 -6.32 14.75
CA ILE C 264 -40.97 -5.39 13.74
C ILE C 264 -41.02 -6.10 12.40
N ASN C 265 -42.22 -6.17 11.80
CA ASN C 265 -42.43 -6.82 10.51
C ASN C 265 -42.61 -5.76 9.42
N CYS C 266 -41.63 -5.62 8.53
CA CYS C 266 -41.64 -4.59 7.50
C CYS C 266 -41.85 -5.22 6.14
N THR C 267 -42.61 -4.54 5.29
CA THR C 267 -42.87 -5.05 3.94
C THR C 267 -42.99 -3.92 2.91
N ARG C 268 -42.70 -4.32 1.67
CA ARG C 268 -42.85 -3.54 0.44
C ARG C 268 -43.81 -4.43 -0.34
N PRO C 269 -45.13 -4.26 -0.11
CA PRO C 269 -46.11 -5.24 -0.60
C PRO C 269 -46.31 -5.29 -2.11
N SER C 270 -45.90 -4.27 -2.86
CA SER C 270 -46.13 -4.31 -4.29
C SER C 270 -45.12 -5.21 -4.99
N ASN C 271 -45.55 -5.76 -6.12
CA ASN C 271 -44.74 -6.62 -6.97
C ASN C 271 -44.13 -5.77 -8.08
N ASN C 272 -42.87 -5.36 -7.90
CA ASN C 272 -42.22 -4.45 -8.82
C ASN C 272 -41.45 -5.23 -9.88
N THR C 273 -41.66 -4.84 -11.14
CA THR C 273 -41.00 -5.44 -12.30
C THR C 273 -39.81 -4.54 -12.62
N VAL C 274 -38.63 -5.16 -12.69
CA VAL C 274 -37.37 -4.49 -12.97
C VAL C 274 -36.99 -4.69 -14.42
N LYS C 275 -36.63 -3.59 -15.08
CA LYS C 275 -36.20 -3.54 -16.47
C LYS C 275 -34.74 -3.09 -16.49
N SER C 276 -34.09 -3.32 -17.64
CA SER C 276 -32.70 -2.94 -17.80
C SER C 276 -32.43 -2.49 -19.22
N ILE C 277 -31.60 -1.45 -19.34
CA ILE C 277 -31.14 -0.90 -20.61
C ILE C 277 -29.63 -0.77 -20.55
N ARG C 278 -29.03 -0.71 -21.74
CA ARG C 278 -27.59 -0.49 -21.86
C ARG C 278 -27.35 0.99 -22.11
N ILE C 279 -26.43 1.58 -21.36
CA ILE C 279 -26.13 3.01 -21.43
C ILE C 279 -24.70 3.28 -21.88
N GLY C 280 -23.97 2.24 -22.29
CA GLY C 280 -22.61 2.37 -22.72
C GLY C 280 -22.03 0.99 -22.91
N PRO C 281 -20.79 0.88 -23.39
CA PRO C 281 -20.21 -0.46 -23.56
C PRO C 281 -20.00 -1.15 -22.23
N GLY C 282 -20.86 -2.14 -21.94
CA GLY C 282 -20.82 -2.89 -20.71
C GLY C 282 -21.46 -2.20 -19.53
N GLN C 283 -22.12 -1.06 -19.75
CA GLN C 283 -22.73 -0.25 -18.69
C GLN C 283 -24.24 -0.46 -18.72
N ALA C 284 -24.75 -1.33 -17.85
CA ALA C 284 -26.18 -1.60 -17.81
C ALA C 284 -26.81 -0.78 -16.69
N PHE C 285 -27.96 -0.19 -17.00
CA PHE C 285 -28.76 0.58 -16.05
C PHE C 285 -30.02 -0.18 -15.68
N TYR C 286 -30.19 -0.44 -14.39
CA TYR C 286 -31.34 -1.19 -13.89
C TYR C 286 -32.30 -0.18 -13.29
N TYR C 287 -33.58 -0.34 -13.60
CA TYR C 287 -34.58 0.63 -13.16
C TYR C 287 -35.91 -0.04 -12.90
N PHE C 288 -36.77 0.71 -12.22
CA PHE C 288 -38.09 0.26 -11.82
C PHE C 288 -39.01 0.38 -13.03
N GLY C 289 -39.41 -0.77 -13.57
CA GLY C 289 -40.17 -0.86 -14.80
C GLY C 289 -41.66 -0.72 -14.65
N ASP C 290 -42.28 -1.60 -13.85
CA ASP C 290 -43.74 -1.58 -13.71
C ASP C 290 -44.12 -2.19 -12.38
N VAL C 291 -45.43 -2.20 -12.10
CA VAL C 291 -45.99 -2.84 -10.92
C VAL C 291 -47.06 -3.83 -11.38
N LEU C 292 -46.97 -5.07 -10.90
CA LEU C 292 -47.95 -6.11 -11.20
C LEU C 292 -48.95 -6.16 -10.06
N GLY C 293 -50.23 -5.95 -10.37
CA GLY C 293 -51.27 -5.91 -9.36
C GLY C 293 -51.48 -4.54 -8.76
N HIS C 294 -51.91 -4.50 -7.50
CA HIS C 294 -52.26 -3.24 -6.86
C HIS C 294 -51.03 -2.51 -6.36
N VAL C 295 -51.13 -1.19 -6.29
CA VAL C 295 -50.07 -0.35 -5.72
C VAL C 295 -50.46 -0.05 -4.27
N ARG C 296 -49.61 -0.45 -3.34
CA ARG C 296 -49.85 -0.31 -1.91
C ARG C 296 -48.63 0.30 -1.23
N MET C 297 -48.89 0.96 -0.10
CA MET C 297 -47.88 1.65 0.67
C MET C 297 -47.07 0.66 1.52
N ALA C 298 -45.75 0.86 1.52
CA ALA C 298 -44.86 0.06 2.35
C ALA C 298 -45.09 0.39 3.81
N HIS C 299 -44.92 -0.60 4.68
CA HIS C 299 -45.19 -0.35 6.09
C HIS C 299 -44.50 -1.35 7.00
N CYS C 300 -44.47 -1.01 8.29
CA CYS C 300 -43.97 -1.89 9.34
C CYS C 300 -45.01 -2.08 10.43
N ASN C 301 -45.15 -3.32 10.91
CA ASN C 301 -46.08 -3.68 11.98
C ASN C 301 -45.35 -3.97 13.29
N ILE C 302 -45.78 -3.30 14.36
CA ILE C 302 -45.28 -3.49 15.72
C ILE C 302 -46.48 -3.82 16.60
N SER C 303 -46.35 -4.81 17.47
CA SER C 303 -47.47 -5.13 18.36
C SER C 303 -47.65 -4.00 19.38
N LYS C 304 -48.89 -3.55 19.56
CA LYS C 304 -49.16 -2.44 20.49
C LYS C 304 -48.84 -2.81 21.94
N ALA C 305 -49.18 -4.02 22.36
CA ALA C 305 -48.94 -4.39 23.74
C ALA C 305 -47.45 -4.48 24.05
N THR C 306 -46.68 -5.04 23.11
CA THR C 306 -45.25 -5.18 23.33
C THR C 306 -44.60 -3.81 23.38
N TRP C 307 -44.98 -2.92 22.47
CA TRP C 307 -44.40 -1.57 22.48
C TRP C 307 -44.76 -0.85 23.77
N ASN C 308 -46.02 -0.94 24.20
CA ASN C 308 -46.42 -0.24 25.43
C ASN C 308 -45.67 -0.77 26.65
N GLU C 309 -45.46 -2.10 26.74
CA GLU C 309 -44.69 -2.63 27.85
C GLU C 309 -43.25 -2.14 27.78
N THR C 310 -42.70 -2.09 26.57
CA THR C 310 -41.33 -1.62 26.36
C THR C 310 -41.20 -0.18 26.82
N LEU C 311 -42.16 0.66 26.46
CA LEU C 311 -42.08 2.06 26.89
C LEU C 311 -42.24 2.16 28.40
N GLY C 312 -43.10 1.34 29.01
CA GLY C 312 -43.24 1.41 30.45
C GLY C 312 -41.91 1.12 31.14
N LYS C 313 -41.16 0.15 30.59
CA LYS C 313 -39.84 -0.18 31.13
C LYS C 313 -38.86 0.95 30.93
N VAL C 314 -38.90 1.60 29.76
CA VAL C 314 -38.01 2.72 29.50
C VAL C 314 -38.35 3.84 30.47
N VAL C 315 -39.63 4.07 30.69
CA VAL C 315 -40.07 5.13 31.59
C VAL C 315 -39.60 4.89 33.02
N LYS C 316 -39.71 3.65 33.54
CA LYS C 316 -39.22 3.44 34.90
C LYS C 316 -37.72 3.73 34.98
N GLN C 317 -36.96 3.33 33.96
CA GLN C 317 -35.53 3.57 34.03
C GLN C 317 -35.20 5.05 33.85
N LEU C 318 -36.03 5.78 33.10
CA LEU C 318 -35.80 7.22 32.99
C LEU C 318 -36.16 7.92 34.30
N ARG C 319 -37.21 7.45 34.98
CA ARG C 319 -37.59 8.06 36.25
C ARG C 319 -36.45 7.93 37.25
N LYS C 320 -35.69 6.83 37.17
CA LYS C 320 -34.55 6.68 38.07
C LYS C 320 -33.52 7.81 37.94
N HIS C 321 -33.49 8.51 36.80
CA HIS C 321 -32.55 9.60 36.57
C HIS C 321 -33.19 10.99 36.59
N PHE C 322 -34.47 11.10 36.26
CA PHE C 322 -35.15 12.37 36.12
C PHE C 322 -36.15 12.68 37.23
N GLY C 323 -36.42 11.74 38.13
CA GLY C 323 -37.33 11.96 39.25
C GLY C 323 -38.56 11.08 39.20
N ASN C 324 -38.92 10.55 40.37
CA ASN C 324 -40.06 9.65 40.47
C ASN C 324 -41.40 10.36 40.23
N ASN C 325 -41.45 11.68 40.40
CA ASN C 325 -42.67 12.45 40.22
C ASN C 325 -42.65 13.29 38.94
N THR C 326 -41.73 13.02 38.02
CA THR C 326 -41.62 13.77 36.77
C THR C 326 -42.49 13.12 35.72
N ILE C 327 -43.17 13.94 34.92
CA ILE C 327 -43.98 13.42 33.83
C ILE C 327 -43.04 13.17 32.65
N ILE C 328 -43.09 11.96 32.09
CA ILE C 328 -42.25 11.57 30.97
C ILE C 328 -43.10 11.47 29.71
N ARG C 329 -42.76 12.29 28.70
CA ARG C 329 -43.49 12.37 27.46
C ARG C 329 -42.64 11.91 26.30
N PHE C 330 -43.26 11.15 25.39
CA PHE C 330 -42.63 10.75 24.14
C PHE C 330 -43.33 11.51 23.03
N ALA C 331 -42.54 11.96 22.05
CA ALA C 331 -43.05 12.72 20.92
C ALA C 331 -42.22 12.41 19.68
N GLN C 332 -42.80 12.73 18.52
CA GLN C 332 -42.17 12.50 17.23
C GLN C 332 -40.98 13.44 17.06
N SER C 333 -40.06 13.05 16.18
CA SER C 333 -38.89 13.87 15.89
C SER C 333 -39.31 15.26 15.45
N SER C 334 -38.63 16.28 16.00
CA SER C 334 -39.01 17.67 15.78
C SER C 334 -38.71 18.19 14.39
N GLY C 335 -37.78 17.60 13.65
CA GLY C 335 -37.48 18.10 12.33
C GLY C 335 -36.12 17.66 11.84
N GLY C 336 -35.82 18.08 10.62
CA GLY C 336 -34.59 17.75 9.91
C GLY C 336 -34.86 16.87 8.70
N ASP C 337 -33.77 16.35 8.15
CA ASP C 337 -33.85 15.55 6.94
C ASP C 337 -34.63 14.26 7.21
N LEU C 338 -35.22 13.72 6.14
CA LEU C 338 -36.00 12.49 6.26
C LEU C 338 -35.17 11.37 6.86
N GLU C 339 -33.87 11.34 6.57
CA GLU C 339 -32.96 10.32 7.08
C GLU C 339 -32.88 10.30 8.60
N VAL C 340 -33.21 11.39 9.29
CA VAL C 340 -33.16 11.44 10.75
C VAL C 340 -34.52 11.61 11.40
N THR C 341 -35.55 12.04 10.66
CA THR C 341 -36.89 12.20 11.21
C THR C 341 -37.68 10.91 11.16
N THR C 342 -37.27 9.95 10.34
CA THR C 342 -37.87 8.64 10.21
C THR C 342 -36.91 7.55 10.69
N HIS C 343 -37.46 6.34 10.78
CA HIS C 343 -36.69 5.14 11.05
C HIS C 343 -36.19 4.66 9.70
N SER C 344 -34.89 4.85 9.46
CA SER C 344 -34.27 4.50 8.21
C SER C 344 -33.64 3.12 8.34
N PHE C 345 -33.88 2.26 7.35
CA PHE C 345 -33.22 0.96 7.37
C PHE C 345 -33.26 0.37 5.97
N ASN C 346 -32.35 -0.59 5.74
CA ASN C 346 -32.33 -1.37 4.51
C ASN C 346 -32.99 -2.73 4.74
N CYS C 347 -34.05 -3.01 3.98
CA CYS C 347 -34.85 -4.23 4.05
C CYS C 347 -34.93 -4.90 2.69
N GLY C 348 -34.18 -5.98 2.53
CA GLY C 348 -34.22 -6.74 1.30
C GLY C 348 -33.57 -6.06 0.13
N GLY C 349 -32.72 -5.07 0.37
CA GLY C 349 -32.11 -4.29 -0.66
C GLY C 349 -32.76 -2.94 -0.89
N GLU C 350 -33.98 -2.72 -0.37
CA GLU C 350 -34.64 -1.43 -0.52
C GLU C 350 -34.41 -0.60 0.72
N PHE C 351 -34.41 0.71 0.56
CA PHE C 351 -34.22 1.64 1.66
C PHE C 351 -35.56 2.23 2.09
N PHE C 352 -35.95 1.89 3.33
CA PHE C 352 -37.20 2.26 3.96
C PHE C 352 -36.98 3.44 4.90
N TYR C 353 -37.95 4.35 4.90
CA TYR C 353 -38.01 5.53 5.77
C TYR C 353 -39.38 5.52 6.44
N CYS C 354 -39.47 4.91 7.62
CA CYS C 354 -40.73 4.66 8.29
C CYS C 354 -41.07 5.75 9.29
N ASN C 355 -42.34 6.17 9.29
CA ASN C 355 -42.81 7.23 10.17
C ASN C 355 -43.16 6.62 11.53
N THR C 356 -42.37 7.00 12.54
CA THR C 356 -42.45 6.48 13.89
C THR C 356 -43.28 7.35 14.82
N SER C 357 -44.02 8.31 14.28
CA SER C 357 -44.85 9.17 15.13
C SER C 357 -45.95 8.39 15.84
N GLY C 358 -46.26 7.18 15.39
CA GLY C 358 -47.23 6.35 16.07
C GLY C 358 -46.67 5.62 17.27
N LEU C 359 -45.34 5.60 17.39
CA LEU C 359 -44.64 4.93 18.47
C LEU C 359 -44.26 5.87 19.61
N PHE C 360 -43.99 7.13 19.28
CA PHE C 360 -43.54 8.14 20.24
C PHE C 360 -44.60 9.24 20.32
N ASN C 361 -45.66 8.96 21.06
CA ASN C 361 -46.80 9.86 21.19
C ASN C 361 -47.52 9.50 22.48
N SER C 362 -46.94 9.80 23.64
CA SER C 362 -47.58 9.37 24.88
C SER C 362 -47.09 10.23 26.04
N THR C 363 -47.92 10.30 27.09
CA THR C 363 -47.55 10.97 28.32
C THR C 363 -47.72 9.98 29.47
N TRP C 364 -46.64 9.79 30.22
CA TRP C 364 -46.54 8.87 31.35
C TRP C 364 -46.49 9.69 32.64
N ILE C 365 -47.55 9.60 33.43
CA ILE C 365 -47.73 10.39 34.65
C ILE C 365 -47.69 9.42 35.83
N SER C 366 -46.80 9.69 36.77
CA SER C 366 -46.62 8.88 37.99
C SER C 366 -46.60 7.37 37.73
N ASP C 380 -54.74 -4.75 17.05
CA ASP C 380 -53.64 -5.26 17.84
C ASP C 380 -52.33 -4.71 17.31
N SER C 381 -52.23 -4.54 15.98
CA SER C 381 -51.01 -4.07 15.36
C SER C 381 -51.00 -2.56 15.20
N LEU C 382 -49.81 -1.99 15.33
CA LEU C 382 -49.51 -0.59 15.11
C LEU C 382 -48.77 -0.57 13.79
N ILE C 383 -49.27 0.20 12.81
CA ILE C 383 -48.74 0.20 11.46
C ILE C 383 -48.06 1.54 11.21
N LEU C 384 -46.79 1.47 10.83
CA LEU C 384 -45.96 2.62 10.52
C LEU C 384 -45.88 2.76 9.01
N PRO C 385 -46.31 3.87 8.42
CA PRO C 385 -46.13 4.02 6.96
C PRO C 385 -44.66 4.26 6.64
N CYS C 386 -44.22 3.75 5.50
CA CYS C 386 -42.84 3.86 5.08
C CYS C 386 -42.73 4.32 3.64
N TRP C 387 -41.74 5.17 3.38
CA TRP C 387 -41.41 5.61 2.04
C TRP C 387 -40.19 4.84 1.58
N ILE C 388 -40.07 4.64 0.26
CA ILE C 388 -38.94 3.95 -0.35
C ILE C 388 -38.13 4.97 -1.14
N LYS C 389 -36.81 4.93 -0.99
CA LYS C 389 -35.93 5.80 -1.80
C LYS C 389 -34.88 4.96 -2.50
N GLN C 390 -34.55 5.36 -3.74
CA GLN C 390 -33.46 4.75 -4.50
C GLN C 390 -32.16 5.54 -4.51
N ILE C 391 -32.18 6.85 -4.26
CA ILE C 391 -30.97 7.66 -4.22
C ILE C 391 -30.63 7.89 -2.75
N ILE C 392 -29.52 7.29 -2.32
CA ILE C 392 -29.13 7.19 -0.92
C ILE C 392 -27.88 8.03 -0.68
N ASN C 393 -27.91 8.88 0.34
CA ASN C 393 -26.76 9.67 0.78
C ASN C 393 -26.35 9.08 2.12
N MET C 394 -25.32 8.23 2.07
CA MET C 394 -24.84 7.50 3.24
C MET C 394 -23.92 8.30 4.13
N TRP C 395 -23.89 7.89 5.39
CA TRP C 395 -22.94 8.33 6.42
C TRP C 395 -22.95 9.84 6.63
N GLN C 396 -24.08 10.49 6.35
CA GLN C 396 -24.22 11.94 6.50
C GLN C 396 -23.17 12.73 5.70
N ARG C 397 -22.78 12.21 4.53
CA ARG C 397 -21.83 12.91 3.67
C ARG C 397 -22.54 13.65 2.55
N ILE C 398 -21.86 14.68 2.04
CA ILE C 398 -22.29 15.47 0.89
C ILE C 398 -21.22 15.37 -0.17
N GLY C 399 -21.63 15.07 -1.40
CA GLY C 399 -20.75 14.95 -2.55
C GLY C 399 -20.69 13.56 -3.14
N GLN C 400 -21.15 12.56 -2.40
CA GLN C 400 -21.23 11.17 -2.86
C GLN C 400 -22.68 10.74 -2.71
N ALA C 401 -23.15 9.96 -3.67
CA ALA C 401 -24.51 9.44 -3.61
C ALA C 401 -24.52 8.11 -4.34
N MET C 402 -25.44 7.24 -3.92
CA MET C 402 -25.61 5.93 -4.49
C MET C 402 -27.02 5.79 -5.05
N TYR C 403 -27.13 5.09 -6.16
CA TYR C 403 -28.41 4.69 -6.71
C TYR C 403 -28.58 3.22 -6.39
N ALA C 404 -29.66 2.90 -5.71
CA ALA C 404 -29.95 1.53 -5.34
C ALA C 404 -30.86 0.94 -6.41
N PRO C 405 -30.44 -0.09 -7.16
CA PRO C 405 -31.33 -0.61 -8.19
C PRO C 405 -32.51 -1.30 -7.54
N PRO C 406 -33.66 -1.34 -8.21
CA PRO C 406 -34.83 -1.96 -7.58
C PRO C 406 -34.71 -3.46 -7.45
N ILE C 407 -35.44 -3.98 -6.47
CA ILE C 407 -35.53 -5.40 -6.19
C ILE C 407 -36.81 -5.95 -6.80
N GLN C 408 -36.67 -7.02 -7.57
CA GLN C 408 -37.80 -7.67 -8.24
C GLN C 408 -38.69 -8.37 -7.22
N GLY C 409 -40.01 -8.16 -7.34
CA GLY C 409 -41.00 -8.81 -6.49
C GLY C 409 -41.46 -8.07 -5.26
N VAL C 410 -41.83 -8.84 -4.22
CA VAL C 410 -42.43 -8.32 -2.99
C VAL C 410 -41.44 -8.59 -1.88
N ILE C 411 -41.20 -7.58 -1.04
CA ILE C 411 -40.22 -7.67 0.04
C ILE C 411 -40.90 -7.75 1.40
N ARG C 412 -40.44 -8.70 2.22
CA ARG C 412 -40.88 -8.78 3.60
C ARG C 412 -39.64 -9.14 4.43
N CYS C 413 -39.50 -8.50 5.59
CA CYS C 413 -38.42 -8.82 6.52
C CYS C 413 -38.94 -8.66 7.94
N VAL C 414 -38.41 -9.47 8.85
CA VAL C 414 -38.74 -9.41 10.27
C VAL C 414 -37.46 -9.16 11.04
N SER C 415 -37.45 -8.09 11.84
CA SER C 415 -36.29 -7.70 12.62
C SER C 415 -36.66 -7.59 14.10
N ASN C 416 -35.62 -7.59 14.94
CA ASN C 416 -35.76 -7.36 16.37
C ASN C 416 -35.35 -5.92 16.66
N ILE C 417 -36.18 -5.19 17.40
CA ILE C 417 -35.82 -3.88 17.92
C ILE C 417 -35.18 -4.16 19.27
N THR C 418 -33.88 -3.87 19.37
CA THR C 418 -33.09 -4.17 20.55
C THR C 418 -32.70 -2.94 21.33
N GLY C 419 -32.96 -1.74 20.80
CA GLY C 419 -32.63 -0.52 21.52
C GLY C 419 -33.20 0.69 20.83
N LEU C 420 -33.09 1.82 21.53
CA LEU C 420 -33.60 3.10 21.07
C LEU C 420 -32.52 4.17 21.16
N ILE C 421 -32.61 5.17 20.29
CA ILE C 421 -31.82 6.40 20.41
C ILE C 421 -32.82 7.51 20.68
N LEU C 422 -32.70 8.15 21.84
CA LEU C 422 -33.57 9.23 22.27
C LEU C 422 -32.78 10.51 22.50
N THR C 423 -33.45 11.64 22.29
CA THR C 423 -32.93 12.96 22.61
C THR C 423 -33.91 13.55 23.60
N ARG C 424 -33.49 14.61 24.30
CA ARG C 424 -34.33 15.27 25.28
C ARG C 424 -34.38 16.76 24.99
N ASP C 425 -35.56 17.34 25.16
CA ASP C 425 -35.76 18.77 24.96
C ASP C 425 -34.96 19.59 25.97
N SER C 431 -38.47 21.93 34.56
CA SER C 431 -39.91 21.96 34.85
C SER C 431 -40.33 20.63 35.48
N THR C 432 -41.61 20.27 35.34
CA THR C 432 -42.15 19.04 35.90
C THR C 432 -42.38 17.97 34.84
N THR C 433 -42.17 18.28 33.57
CA THR C 433 -42.38 17.34 32.47
C THR C 433 -41.14 17.33 31.59
N GLU C 434 -40.70 16.13 31.22
CA GLU C 434 -39.58 15.93 30.31
C GLU C 434 -40.13 15.27 29.06
N THR C 435 -39.64 15.69 27.89
CA THR C 435 -40.06 15.14 26.61
C THR C 435 -38.88 14.52 25.89
N PHE C 436 -39.06 13.27 25.46
CA PHE C 436 -38.05 12.50 24.75
C PHE C 436 -38.50 12.29 23.31
N ARG C 437 -37.57 12.40 22.37
CA ARG C 437 -37.87 12.25 20.96
C ARG C 437 -36.88 11.31 20.28
N PRO C 438 -37.28 10.65 19.19
CA PRO C 438 -36.30 9.86 18.42
C PRO C 438 -35.16 10.70 17.87
N GLY C 439 -33.96 10.11 17.89
CA GLY C 439 -32.77 10.75 17.36
C GLY C 439 -32.02 9.77 16.47
N GLY C 440 -30.80 10.09 16.09
CA GLY C 440 -29.99 9.23 15.25
C GLY C 440 -29.43 9.97 14.05
N GLY C 441 -28.76 9.20 13.20
CA GLY C 441 -28.12 9.68 11.99
C GLY C 441 -26.62 9.56 12.05
N ASP C 442 -26.05 9.59 13.25
CA ASP C 442 -24.62 9.38 13.46
C ASP C 442 -24.46 7.89 13.78
N MET C 443 -23.94 7.13 12.82
CA MET C 443 -23.92 5.68 12.98
C MET C 443 -22.99 5.23 14.10
N ARG C 444 -22.08 6.09 14.56
CA ARG C 444 -21.19 5.68 15.62
C ARG C 444 -21.99 5.29 16.87
N ASP C 445 -23.14 5.93 17.10
CA ASP C 445 -23.94 5.59 18.26
C ASP C 445 -24.60 4.24 18.11
N ASN C 446 -24.70 3.73 16.89
CA ASN C 446 -25.27 2.41 16.70
C ASN C 446 -24.22 1.37 17.08
N TRP C 447 -22.96 1.71 16.82
CA TRP C 447 -21.84 0.82 17.10
C TRP C 447 -21.40 0.97 18.55
N ARG C 448 -21.64 2.13 19.16
CA ARG C 448 -21.34 2.27 20.58
C ARG C 448 -22.24 1.36 21.39
N SER C 449 -23.40 0.98 20.83
CA SER C 449 -24.36 0.15 21.52
C SER C 449 -23.91 -1.30 21.55
N GLU C 450 -22.92 -1.68 20.73
CA GLU C 450 -22.36 -3.03 20.73
C GLU C 450 -20.95 -3.09 21.29
N LEU C 451 -20.16 -2.03 21.11
CA LEU C 451 -18.78 -1.98 21.56
C LEU C 451 -18.63 -1.40 22.96
N TYR C 452 -19.73 -1.10 23.65
CA TYR C 452 -19.67 -0.47 24.96
C TYR C 452 -18.98 -1.35 26.00
N LYS C 453 -18.99 -2.66 25.82
CA LYS C 453 -18.41 -3.57 26.81
C LYS C 453 -16.97 -3.95 26.53
N TYR C 454 -16.34 -3.42 25.49
CA TYR C 454 -14.97 -3.76 25.14
C TYR C 454 -14.04 -2.57 25.29
N LYS C 455 -12.82 -2.88 25.74
CA LYS C 455 -11.74 -1.92 25.90
C LYS C 455 -10.47 -2.55 25.33
N VAL C 456 -9.62 -1.76 24.66
CA VAL C 456 -8.34 -2.26 24.15
C VAL C 456 -7.24 -1.80 25.10
N VAL C 457 -6.39 -2.73 25.54
CA VAL C 457 -5.27 -2.44 26.41
C VAL C 457 -3.97 -3.01 25.85
N LYS C 458 -2.88 -2.30 26.14
CA LYS C 458 -1.52 -2.70 25.80
C LYS C 458 -0.90 -3.44 26.97
N ILE C 459 -0.22 -4.53 26.66
CA ILE C 459 0.43 -5.37 27.68
C ILE C 459 1.82 -4.79 27.92
N GLU C 460 2.18 -4.64 29.21
CA GLU C 460 3.46 -4.06 29.62
C GLU C 460 4.23 -5.16 30.37
N PRO C 461 4.92 -6.05 29.63
CA PRO C 461 5.50 -7.25 30.26
C PRO C 461 6.71 -7.03 31.16
N LEU C 462 7.35 -5.86 31.14
CA LEU C 462 8.52 -5.61 31.98
C LEU C 462 8.16 -4.94 33.31
N GLY C 463 8.49 -5.63 34.40
CA GLY C 463 8.26 -5.13 35.73
C GLY C 463 9.56 -5.17 36.50
N VAL C 464 9.64 -4.32 37.52
CA VAL C 464 10.80 -4.25 38.42
C VAL C 464 10.28 -4.30 39.84
N ALA C 465 10.90 -5.13 40.68
CA ALA C 465 10.47 -5.22 42.07
C ALA C 465 11.63 -5.57 42.99
N PRO C 466 11.60 -5.16 44.26
CA PRO C 466 12.67 -5.54 45.18
C PRO C 466 12.60 -7.01 45.57
N THR C 467 13.79 -7.63 45.68
CA THR C 467 13.92 -8.98 46.19
C THR C 467 15.19 -9.08 47.03
N ARG C 468 15.43 -10.25 47.62
CA ARG C 468 16.66 -10.53 48.34
C ARG C 468 17.77 -11.10 47.44
N CYS C 469 17.50 -11.27 46.14
CA CYS C 469 18.42 -11.94 45.22
C CYS C 469 19.43 -10.95 44.63
N LYS C 470 20.70 -11.24 44.78
CA LYS C 470 21.79 -10.42 44.27
C LYS C 470 22.46 -11.17 43.13
N ARG C 471 22.80 -10.44 42.08
CA ARG C 471 23.53 -11.03 40.96
C ARG C 471 24.95 -11.39 41.40
N ARG C 472 25.39 -12.58 41.01
CA ARG C 472 26.75 -13.04 41.30
C ARG C 472 27.57 -13.10 40.02
N GLY D 10 -3.91 -19.43 31.85
CA GLY D 10 -4.36 -18.69 30.68
C GLY D 10 -3.79 -17.29 30.62
N PHE D 11 -3.79 -16.70 29.42
CA PHE D 11 -3.23 -15.38 29.21
C PHE D 11 -3.87 -14.35 30.12
N LEU D 12 -3.03 -13.67 30.92
CA LEU D 12 -3.42 -12.68 31.91
C LEU D 12 -4.28 -13.25 33.04
N GLY D 13 -4.35 -14.58 33.17
CA GLY D 13 -5.15 -15.15 34.24
C GLY D 13 -4.68 -14.74 35.62
N ALA D 14 -3.37 -14.51 35.76
CA ALA D 14 -2.76 -14.11 37.02
C ALA D 14 -2.84 -12.61 37.27
N ALA D 15 -3.48 -11.84 36.38
CA ALA D 15 -3.53 -10.40 36.52
C ALA D 15 -4.12 -9.97 37.86
N GLY D 16 -5.08 -10.73 38.38
CA GLY D 16 -5.68 -10.41 39.65
C GLY D 16 -5.02 -11.09 40.82
N SER D 17 -3.99 -11.89 40.59
CA SER D 17 -3.31 -12.65 41.62
C SER D 17 -2.19 -11.80 42.23
N THR D 18 -1.61 -12.30 43.31
CA THR D 18 -0.56 -11.56 43.97
C THR D 18 0.71 -11.59 43.12
N MET D 19 1.63 -10.67 43.41
CA MET D 19 2.87 -10.60 42.63
C MET D 19 3.65 -11.91 42.70
N GLY D 20 3.67 -12.56 43.86
CA GLY D 20 4.38 -13.84 43.96
C GLY D 20 3.78 -14.91 43.07
N ALA D 21 2.47 -15.14 43.21
CA ALA D 21 1.81 -16.17 42.41
C ALA D 21 1.93 -15.89 40.92
N ALA D 22 1.84 -14.61 40.55
CA ALA D 22 1.86 -14.27 39.14
C ALA D 22 3.25 -14.40 38.55
N SER D 23 4.26 -14.59 39.39
CA SER D 23 5.62 -14.69 38.90
C SER D 23 5.86 -16.06 38.29
N MET D 24 4.93 -17.02 38.48
CA MET D 24 5.08 -18.36 37.92
C MET D 24 4.31 -18.54 36.60
N THR D 25 3.76 -17.46 36.05
CA THR D 25 3.02 -17.48 34.79
C THR D 25 3.68 -16.59 33.74
N LEU D 26 4.95 -16.24 33.94
CA LEU D 26 5.62 -15.32 33.04
C LEU D 26 5.72 -15.85 31.62
N THR D 27 5.77 -17.18 31.45
CA THR D 27 5.83 -17.75 30.11
C THR D 27 4.49 -17.63 29.40
N VAL D 28 3.40 -17.51 30.17
CA VAL D 28 2.07 -17.46 29.57
C VAL D 28 1.91 -16.12 28.87
N GLN D 29 2.31 -15.03 29.52
CA GLN D 29 2.20 -13.74 28.87
C GLN D 29 3.31 -13.57 27.84
N ALA D 30 4.51 -14.10 28.14
CA ALA D 30 5.64 -13.95 27.21
C ALA D 30 5.32 -14.55 25.84
N ARG D 31 4.63 -15.68 25.80
CA ARG D 31 4.33 -16.30 24.50
C ARG D 31 3.30 -15.54 23.69
N ASN D 32 2.56 -14.61 24.29
CA ASN D 32 1.49 -13.87 23.61
C ASN D 32 1.91 -12.46 23.21
N LEU D 33 3.20 -12.14 23.31
CA LEU D 33 3.72 -10.84 22.90
C LEU D 33 4.18 -10.82 21.45
N LEU D 34 4.18 -11.97 20.78
CA LEU D 34 4.72 -12.10 19.44
C LEU D 34 3.90 -13.10 18.63
N TRP D 60 -8.27 -4.42 4.47
CA TRP D 60 -7.94 -5.15 5.69
C TRP D 60 -6.47 -5.54 5.72
N GLY D 61 -5.92 -5.85 4.55
CA GLY D 61 -4.54 -6.31 4.49
C GLY D 61 -3.54 -5.29 5.00
N ILE D 62 -3.80 -4.00 4.75
CA ILE D 62 -2.87 -2.99 5.24
C ILE D 62 -2.95 -2.87 6.75
N LYS D 63 -4.14 -3.02 7.33
CA LYS D 63 -4.24 -2.91 8.78
C LYS D 63 -3.49 -4.05 9.45
N GLN D 64 -3.61 -5.25 8.88
CA GLN D 64 -2.90 -6.41 9.43
C GLN D 64 -1.40 -6.24 9.28
N LEU D 65 -0.95 -5.70 8.14
CA LEU D 65 0.49 -5.51 7.95
C LEU D 65 1.05 -4.50 8.94
N GLN D 66 0.35 -3.38 9.13
CA GLN D 66 0.86 -2.37 10.06
C GLN D 66 0.84 -2.89 11.49
N ALA D 67 -0.20 -3.65 11.84
CA ALA D 67 -0.26 -4.22 13.18
C ALA D 67 0.85 -5.23 13.42
N ARG D 68 1.19 -6.02 12.38
CA ARG D 68 2.28 -6.99 12.54
C ARG D 68 3.62 -6.28 12.74
N VAL D 69 3.84 -5.22 11.98
CA VAL D 69 5.11 -4.50 12.09
C VAL D 69 5.23 -3.83 13.46
N LEU D 70 4.14 -3.23 13.95
CA LEU D 70 4.23 -2.57 15.24
C LEU D 70 4.38 -3.58 16.38
N ALA D 71 3.76 -4.76 16.24
CA ALA D 71 3.92 -5.79 17.27
C ALA D 71 5.38 -6.24 17.36
N VAL D 72 6.01 -6.37 16.19
CA VAL D 72 7.42 -6.77 16.13
C VAL D 72 8.29 -5.69 16.77
N GLU D 73 8.03 -4.42 16.48
CA GLU D 73 8.86 -3.37 17.07
C GLU D 73 8.72 -3.35 18.59
N HIS D 74 7.51 -3.55 19.13
CA HIS D 74 7.38 -3.53 20.59
C HIS D 74 8.11 -4.69 21.23
N TYR D 75 7.99 -5.88 20.61
CA TYR D 75 8.68 -7.05 21.13
C TYR D 75 10.17 -6.81 21.18
N LEU D 76 10.73 -6.32 20.07
CA LEU D 76 12.17 -6.12 20.02
C LEU D 76 12.63 -5.02 20.96
N ARG D 77 11.81 -3.99 21.18
CA ARG D 77 12.22 -2.93 22.10
C ARG D 77 12.34 -3.49 23.53
N ASP D 78 11.41 -4.36 23.92
CA ASP D 78 11.51 -4.94 25.25
C ASP D 78 12.68 -5.91 25.34
N GLN D 79 12.94 -6.66 24.26
CA GLN D 79 14.06 -7.59 24.28
C GLN D 79 15.39 -6.82 24.33
N GLN D 80 15.46 -5.68 23.66
CA GLN D 80 16.66 -4.87 23.70
C GLN D 80 16.91 -4.34 25.10
N LEU D 81 15.84 -3.92 25.79
CA LEU D 81 16.04 -3.45 27.16
C LEU D 81 16.55 -4.59 28.03
N LEU D 82 16.01 -5.80 27.85
CA LEU D 82 16.50 -6.92 28.64
C LEU D 82 17.97 -7.22 28.32
N GLY D 83 18.34 -7.15 27.04
CA GLY D 83 19.71 -7.45 26.65
C GLY D 83 20.72 -6.49 27.23
N ILE D 84 20.43 -5.18 27.15
CA ILE D 84 21.38 -4.18 27.63
C ILE D 84 21.55 -4.23 29.14
N TRP D 85 20.58 -4.79 29.87
CA TRP D 85 20.69 -4.95 31.31
C TRP D 85 21.34 -6.28 31.69
N GLY D 86 21.68 -7.13 30.72
CA GLY D 86 22.22 -8.44 30.99
C GLY D 86 21.19 -9.51 31.29
N CYS D 87 19.94 -9.30 30.85
CA CYS D 87 18.82 -10.18 31.12
C CYS D 87 18.26 -10.78 29.83
N SER D 88 19.08 -10.88 28.78
CA SER D 88 18.58 -11.25 27.45
C SER D 88 17.88 -12.61 27.39
N GLY D 89 18.28 -13.58 28.22
CA GLY D 89 17.71 -14.90 28.21
C GLY D 89 16.87 -15.32 29.39
N LYS D 90 16.45 -14.39 30.25
CA LYS D 90 15.79 -14.73 31.50
C LYS D 90 14.41 -14.08 31.59
N LEU D 91 13.53 -14.74 32.35
CA LEU D 91 12.23 -14.19 32.74
C LEU D 91 12.31 -13.51 34.09
N ILE D 92 13.11 -14.07 35.00
CA ILE D 92 13.37 -13.50 36.32
C ILE D 92 14.87 -13.24 36.33
N CYS D 93 15.25 -11.97 36.43
CA CYS D 93 16.64 -11.58 36.34
C CYS D 93 17.03 -10.72 37.53
N CYS D 94 17.96 -11.20 38.33
CA CYS D 94 18.45 -10.49 39.51
C CYS D 94 19.61 -9.61 39.05
N THR D 95 19.73 -8.43 39.66
CA THR D 95 20.75 -7.45 39.27
C THR D 95 21.57 -7.00 40.47
N ASN D 96 22.52 -6.10 40.20
CA ASN D 96 23.38 -5.50 41.21
C ASN D 96 23.03 -4.05 41.52
N VAL D 97 21.82 -3.62 41.17
CA VAL D 97 21.36 -2.27 41.50
C VAL D 97 20.58 -2.37 42.82
N PRO D 98 20.97 -1.64 43.87
CA PRO D 98 20.23 -1.73 45.13
C PRO D 98 18.88 -1.05 45.03
N TRP D 99 17.94 -1.50 45.85
CA TRP D 99 16.64 -0.86 45.89
C TRP D 99 16.73 0.40 46.75
N ASN D 100 16.26 1.51 46.21
CA ASN D 100 16.23 2.79 46.91
C ASN D 100 14.88 2.92 47.60
N SER D 101 14.91 3.10 48.92
CA SER D 101 13.66 3.16 49.69
C SER D 101 12.78 4.33 49.30
N SER D 102 13.30 5.32 48.56
CA SER D 102 12.45 6.42 48.13
C SER D 102 11.54 6.01 46.98
N TRP D 103 11.85 4.89 46.30
CA TRP D 103 11.01 4.42 45.21
C TRP D 103 9.78 3.73 45.79
N SER D 104 9.99 2.95 46.83
CA SER D 104 8.92 2.27 47.57
C SER D 104 9.50 1.89 48.92
N ASN D 105 8.78 2.21 50.00
CA ASN D 105 9.22 1.89 51.35
C ASN D 105 8.43 0.73 51.94
N ARG D 106 7.79 -0.07 51.09
CA ARG D 106 7.04 -1.24 51.52
C ARG D 106 8.02 -2.40 51.74
N ASN D 107 7.62 -3.34 52.58
CA ASN D 107 8.45 -4.51 52.81
C ASN D 107 8.12 -5.57 51.76
N LEU D 108 8.83 -6.71 51.80
CA LEU D 108 8.62 -7.71 50.77
C LEU D 108 7.31 -8.47 50.96
N SER D 109 6.82 -8.61 52.20
CA SER D 109 5.58 -9.36 52.35
C SER D 109 4.39 -8.55 51.85
N GLU D 110 4.44 -7.23 52.00
CA GLU D 110 3.37 -6.39 51.48
C GLU D 110 3.35 -6.42 49.96
N ILE D 111 4.53 -6.33 49.35
CA ILE D 111 4.63 -6.28 47.90
C ILE D 111 4.28 -7.62 47.27
N TRP D 112 4.83 -8.71 47.80
CA TRP D 112 4.65 -10.02 47.17
C TRP D 112 3.42 -10.80 47.62
N ASP D 113 2.92 -10.63 48.84
CA ASP D 113 1.78 -11.42 49.29
C ASP D 113 0.44 -10.69 49.20
N ASN D 114 0.42 -9.35 49.27
CA ASN D 114 -0.83 -8.61 49.21
C ASN D 114 -1.08 -7.94 47.86
N MET D 115 -0.07 -7.33 47.28
CA MET D 115 -0.23 -6.60 46.02
C MET D 115 -0.21 -7.49 44.78
N THR D 116 -0.90 -7.02 43.75
CA THR D 116 -0.88 -7.61 42.42
C THR D 116 0.10 -6.76 41.61
N TRP D 117 0.48 -7.25 40.43
CA TRP D 117 1.41 -6.49 39.60
C TRP D 117 0.80 -5.18 39.05
N LEU D 118 -0.51 -5.11 38.85
CA LEU D 118 -1.10 -3.87 38.35
C LEU D 118 -0.97 -2.75 39.38
N GLN D 119 -1.20 -3.07 40.65
CA GLN D 119 -1.08 -2.06 41.70
C GLN D 119 0.37 -1.65 41.87
N TRP D 120 1.29 -2.61 41.79
CA TRP D 120 2.70 -2.28 41.93
C TRP D 120 3.16 -1.38 40.80
N ASP D 121 2.77 -1.69 39.56
CA ASP D 121 3.18 -0.84 38.46
C ASP D 121 2.63 0.55 38.65
N LYS D 122 1.40 0.66 39.17
CA LYS D 122 0.83 1.99 39.41
C LYS D 122 1.57 2.77 40.49
N GLU D 123 1.94 2.13 41.61
CA GLU D 123 2.63 2.88 42.67
C GLU D 123 4.01 3.39 42.26
N ILE D 124 4.79 2.62 41.50
CA ILE D 124 6.16 2.99 41.16
C ILE D 124 6.35 3.35 39.69
N SER D 125 5.28 3.68 38.97
CA SER D 125 5.44 3.98 37.56
C SER D 125 6.35 5.20 37.36
N ASN D 126 6.33 6.11 38.34
CA ASN D 126 7.08 7.36 38.22
C ASN D 126 8.57 7.17 38.38
N TYR D 127 9.02 5.99 38.78
CA TYR D 127 10.43 5.72 38.98
C TYR D 127 10.96 4.76 37.93
N THR D 128 10.13 4.38 36.94
CA THR D 128 10.53 3.36 35.98
C THR D 128 11.79 3.78 35.24
N GLN D 129 11.82 5.03 34.79
CA GLN D 129 12.95 5.48 33.98
C GLN D 129 14.17 5.70 34.84
N ILE D 130 14.02 5.96 36.13
CA ILE D 130 15.21 6.10 36.96
C ILE D 130 15.89 4.73 37.06
N ILE D 131 15.08 3.70 37.33
CA ILE D 131 15.62 2.36 37.55
C ILE D 131 16.30 1.86 36.29
N TYR D 132 15.68 2.06 35.14
CA TYR D 132 16.25 1.56 33.91
C TYR D 132 17.62 2.16 33.66
N GLY D 133 17.77 3.46 33.93
CA GLY D 133 19.08 4.07 33.72
C GLY D 133 20.14 3.45 34.60
N LEU D 134 19.80 3.17 35.86
CA LEU D 134 20.78 2.56 36.75
C LEU D 134 21.15 1.17 36.26
N LEU D 135 20.15 0.44 35.76
CA LEU D 135 20.43 -0.91 35.29
C LEU D 135 21.37 -0.87 34.11
N GLU D 136 21.17 0.12 33.24
CA GLU D 136 22.02 0.24 32.07
C GLU D 136 23.44 0.52 32.46
N GLU D 137 23.64 1.34 33.48
CA GLU D 137 25.00 1.64 33.87
C GLU D 137 25.68 0.44 34.50
N SER D 138 24.95 -0.30 35.36
CA SER D 138 25.60 -1.41 36.04
C SER D 138 26.02 -2.53 35.11
N GLN D 139 25.19 -2.87 34.13
CA GLN D 139 25.60 -3.95 33.25
C GLN D 139 26.78 -3.53 32.42
N ASN D 140 26.82 -2.27 31.99
CA ASN D 140 27.95 -1.86 31.17
C ASN D 140 29.22 -1.92 31.99
N GLN D 141 29.14 -1.53 33.27
CA GLN D 141 30.33 -1.57 34.11
C GLN D 141 30.78 -3.01 34.32
N GLN D 142 29.82 -3.91 34.46
CA GLN D 142 30.18 -5.31 34.68
C GLN D 142 30.90 -5.88 33.48
N GLU D 143 30.48 -5.49 32.27
CA GLU D 143 31.16 -6.04 31.10
C GLU D 143 32.60 -5.54 31.04
N LYS D 144 32.84 -4.30 31.46
CA LYS D 144 34.20 -3.79 31.49
C LYS D 144 35.05 -4.65 32.41
N ASN D 145 34.51 -4.98 33.58
CA ASN D 145 35.30 -5.74 34.51
C ASN D 145 35.54 -7.13 33.97
N GLU D 146 34.57 -7.70 33.25
CA GLU D 146 34.79 -9.02 32.70
C GLU D 146 35.94 -8.96 31.72
N GLN D 147 35.96 -7.93 30.85
CA GLN D 147 37.04 -7.81 29.89
C GLN D 147 38.36 -7.64 30.61
N ASP D 148 38.33 -6.85 31.70
CA ASP D 148 39.54 -6.60 32.48
C ASP D 148 40.06 -7.89 33.10
N LEU D 149 39.16 -8.78 33.51
CA LEU D 149 39.64 -10.00 34.15
C LEU D 149 40.13 -11.00 33.11
N LEU D 150 39.51 -11.06 31.93
CA LEU D 150 39.97 -12.03 30.93
C LEU D 150 41.30 -11.64 30.30
N ALA D 151 41.76 -10.40 30.48
CA ALA D 151 43.05 -10.00 29.96
C ALA D 151 44.21 -10.38 30.87
N LEU D 152 43.94 -10.93 32.06
CA LEU D 152 45.00 -11.31 32.99
C LEU D 152 45.40 -12.77 32.76
N LEU E 4 47.51 -11.68 20.77
CA LEU E 4 46.31 -10.84 20.79
C LEU E 4 45.11 -11.64 20.33
N TRP E 5 43.92 -11.27 20.80
CA TRP E 5 42.68 -11.97 20.50
C TRP E 5 41.67 -11.02 19.89
N VAL E 6 40.81 -11.57 19.03
CA VAL E 6 39.74 -10.80 18.39
C VAL E 6 38.64 -10.53 19.41
N THR E 7 38.31 -9.25 19.62
CA THR E 7 37.23 -8.87 20.53
C THR E 7 36.18 -8.13 19.72
N VAL E 8 34.93 -8.55 19.91
CA VAL E 8 33.77 -7.99 19.22
C VAL E 8 33.15 -6.91 20.08
N TYR E 9 32.92 -5.74 19.49
CA TYR E 9 32.32 -4.60 20.16
C TYR E 9 31.04 -4.23 19.42
N TYR E 10 29.93 -4.13 20.16
CA TYR E 10 28.64 -3.78 19.59
C TYR E 10 28.21 -2.45 20.19
N GLY E 11 27.89 -1.50 19.32
CA GLY E 11 27.55 -0.15 19.70
C GLY E 11 28.67 0.80 19.34
N VAL E 12 29.50 0.43 18.37
CA VAL E 12 30.64 1.23 17.89
C VAL E 12 30.16 2.48 17.15
N PRO E 13 30.68 3.70 17.48
CA PRO E 13 30.23 4.95 16.79
C PRO E 13 30.89 5.13 15.43
N VAL E 14 30.52 4.25 14.49
CA VAL E 14 31.05 4.20 13.13
C VAL E 14 29.91 4.21 12.14
N TRP E 15 30.16 4.82 10.98
CA TRP E 15 29.15 4.88 9.94
C TRP E 15 29.76 4.86 8.55
N LYS E 16 28.90 4.59 7.57
CA LYS E 16 29.22 4.58 6.14
C LYS E 16 28.18 5.39 5.37
N ASP E 17 28.57 5.90 4.21
CA ASP E 17 27.63 6.61 3.35
C ASP E 17 26.47 5.68 2.99
N ALA E 18 25.24 6.20 3.04
CA ALA E 18 24.09 5.36 2.71
C ALA E 18 22.95 6.20 2.14
N GLU E 19 22.10 5.52 1.37
CA GLU E 19 20.88 6.08 0.78
C GLU E 19 19.70 5.32 1.34
N THR E 20 18.85 5.98 2.12
CA THR E 20 17.68 5.34 2.72
C THR E 20 16.45 6.24 2.56
N THR E 21 15.31 5.69 2.99
CA THR E 21 14.05 6.42 2.96
C THR E 21 13.95 7.31 4.19
N LEU E 22 13.67 8.59 3.98
CA LEU E 22 13.48 9.55 5.06
C LEU E 22 11.99 9.84 5.22
N PHE E 23 11.58 10.20 6.44
CA PHE E 23 10.18 10.49 6.71
C PHE E 23 10.02 11.95 7.14
N CYS E 24 8.79 12.42 7.05
CA CYS E 24 8.43 13.80 7.36
C CYS E 24 8.08 14.02 8.82
N ALA E 25 8.56 15.13 9.38
CA ALA E 25 8.10 15.64 10.66
C ALA E 25 7.75 17.12 10.49
N SER E 26 6.72 17.55 11.22
CA SER E 26 6.24 18.92 11.12
C SER E 26 5.71 19.37 12.47
N ASP E 27 5.48 20.67 12.59
CA ASP E 27 4.90 21.25 13.80
C ASP E 27 3.38 21.28 13.67
N HIS E 36 -6.83 23.02 4.38
CA HIS E 36 -5.93 21.96 3.95
C HIS E 36 -4.65 22.68 3.48
N ASN E 37 -3.65 21.92 3.05
CA ASN E 37 -2.37 22.45 2.63
C ASN E 37 -1.83 21.41 1.67
N VAL E 38 -1.36 21.87 0.50
CA VAL E 38 -0.91 20.98 -0.57
C VAL E 38 0.18 19.97 -0.15
N TRP E 39 0.95 20.25 0.92
CA TRP E 39 2.03 19.34 1.32
C TRP E 39 1.65 18.33 2.39
N ALA E 40 0.36 18.16 2.70
CA ALA E 40 -0.15 17.11 3.61
C ALA E 40 0.60 17.04 4.93
N THR E 41 0.76 18.18 5.59
CA THR E 41 1.49 18.20 6.86
C THR E 41 0.72 17.54 8.00
N HIS E 42 -0.54 17.14 7.78
CA HIS E 42 -1.29 16.42 8.80
C HIS E 42 -0.98 14.93 8.80
N ALA E 43 -0.48 14.39 7.68
CA ALA E 43 -0.10 12.98 7.64
C ALA E 43 1.32 12.84 8.18
N CYS E 44 2.07 13.92 8.07
CA CYS E 44 3.41 14.05 8.61
C CYS E 44 3.36 13.98 10.13
N VAL E 45 4.35 13.31 10.74
CA VAL E 45 4.32 13.09 12.19
C VAL E 45 4.69 14.39 12.93
N PRO E 46 4.31 14.53 14.20
CA PRO E 46 4.81 15.67 14.99
C PRO E 46 6.33 15.66 15.14
N THR E 47 6.92 16.86 15.08
CA THR E 47 8.36 17.01 15.29
C THR E 47 8.70 16.68 16.74
N GLN E 52 17.79 16.83 19.32
CA GLN E 52 19.05 17.17 19.95
C GLN E 52 20.17 17.18 18.91
N GLU E 53 20.93 18.27 18.87
CA GLU E 53 22.10 18.39 18.03
C GLU E 53 23.33 18.09 18.88
N ILE E 54 24.08 17.07 18.50
CA ILE E 54 25.26 16.61 19.24
C ILE E 54 26.51 16.91 18.41
N HIS E 55 27.37 17.77 18.93
CA HIS E 55 28.59 18.14 18.23
C HIS E 55 29.62 17.02 18.29
N LEU E 56 30.25 16.73 17.14
CA LEU E 56 31.28 15.70 17.04
C LEU E 56 32.61 16.47 17.07
N GLU E 57 33.24 16.46 18.24
CA GLU E 57 34.37 17.37 18.49
C GLU E 57 35.57 17.17 17.55
N ASN E 58 35.90 15.94 17.18
CA ASN E 58 37.05 15.67 16.32
C ASN E 58 36.69 14.94 15.03
N VAL E 59 35.47 15.07 14.53
CA VAL E 59 35.03 14.39 13.32
C VAL E 59 35.11 15.34 12.14
N THR E 60 35.80 14.90 11.09
CA THR E 60 35.88 15.59 9.82
C THR E 60 35.16 14.69 8.82
N GLU E 61 34.20 15.25 8.08
CA GLU E 61 33.37 14.46 7.17
C GLU E 61 33.36 15.08 5.78
N GLU E 62 33.50 14.24 4.76
CA GLU E 62 33.48 14.72 3.39
C GLU E 62 32.04 14.73 2.87
N PHE E 63 31.61 15.89 2.39
CA PHE E 63 30.26 16.14 1.90
C PHE E 63 30.29 16.35 0.38
N ASN E 64 29.15 16.08 -0.26
CA ASN E 64 29.01 16.38 -1.69
C ASN E 64 27.53 16.70 -1.96
N MET E 65 27.21 18.00 -2.02
CA MET E 65 25.83 18.43 -2.19
C MET E 65 25.26 18.05 -3.55
N TRP E 66 26.10 17.68 -4.52
CA TRP E 66 25.65 17.39 -5.88
C TRP E 66 25.27 15.93 -6.07
N LYS E 67 25.57 15.07 -5.11
CA LYS E 67 25.28 13.64 -5.16
C LYS E 67 24.45 13.24 -3.94
N ASN E 68 23.80 14.22 -3.32
CA ASN E 68 23.02 14.06 -2.10
C ASN E 68 21.63 13.53 -2.42
N ASN E 69 21.32 12.31 -1.98
CA ASN E 69 20.06 11.68 -2.33
C ASN E 69 18.89 12.27 -1.55
N MET E 70 19.15 13.21 -0.63
CA MET E 70 18.06 13.85 0.09
C MET E 70 17.34 14.80 -0.84
N VAL E 71 18.03 15.30 -1.87
CA VAL E 71 17.45 16.23 -2.80
C VAL E 71 16.51 15.48 -3.73
N GLU E 72 16.95 14.30 -4.19
CA GLU E 72 16.12 13.49 -5.06
C GLU E 72 14.88 12.99 -4.32
N GLN E 73 15.03 12.64 -3.04
CA GLN E 73 13.86 12.22 -2.29
C GLN E 73 12.93 13.39 -2.05
N MET E 74 13.47 14.57 -1.74
CA MET E 74 12.61 15.73 -1.53
C MET E 74 11.85 16.06 -2.82
N HIS E 75 12.53 15.93 -3.97
CA HIS E 75 11.90 16.22 -5.24
C HIS E 75 10.73 15.28 -5.50
N GLU E 76 10.96 13.99 -5.29
CA GLU E 76 9.90 13.01 -5.51
C GLU E 76 8.74 13.23 -4.54
N ASP E 77 9.06 13.62 -3.30
CA ASP E 77 8.02 13.83 -2.29
C ASP E 77 7.18 15.05 -2.61
N ILE E 78 7.82 16.14 -3.04
CA ILE E 78 7.07 17.36 -3.34
C ILE E 78 6.18 17.13 -4.55
N ILE E 79 6.68 16.44 -5.58
CA ILE E 79 5.84 16.18 -6.74
C ILE E 79 4.68 15.28 -6.35
N SER E 80 4.93 14.23 -5.57
CA SER E 80 3.85 13.33 -5.19
C SER E 80 2.80 14.06 -4.35
N LEU E 81 3.22 14.93 -3.44
CA LEU E 81 2.24 15.66 -2.64
C LEU E 81 1.43 16.62 -3.49
N TRP E 82 2.10 17.30 -4.42
CA TRP E 82 1.42 18.22 -5.33
C TRP E 82 0.35 17.47 -6.11
N ASP E 83 0.73 16.34 -6.72
CA ASP E 83 -0.22 15.59 -7.51
C ASP E 83 -1.36 15.06 -6.64
N GLN E 84 -1.07 14.61 -5.42
CA GLN E 84 -2.11 14.07 -4.55
C GLN E 84 -3.15 15.13 -4.22
N SER E 85 -2.73 16.38 -4.06
CA SER E 85 -3.71 17.39 -3.69
C SER E 85 -4.72 17.68 -4.79
N LEU E 86 -4.45 17.26 -6.04
CA LEU E 86 -5.37 17.52 -7.14
C LEU E 86 -6.32 16.38 -7.48
N LYS E 87 -6.19 15.21 -6.85
CA LYS E 87 -7.05 14.08 -7.22
C LYS E 87 -8.55 14.30 -6.99
N PRO E 88 -9.01 14.92 -5.89
CA PRO E 88 -10.46 15.12 -5.72
C PRO E 88 -11.04 16.38 -6.34
N CYS E 89 -10.29 17.12 -7.15
CA CYS E 89 -10.70 18.43 -7.62
C CYS E 89 -11.37 18.31 -9.00
N VAL E 90 -12.08 19.38 -9.38
CA VAL E 90 -12.82 19.41 -10.64
C VAL E 90 -11.89 19.28 -11.83
N LYS E 91 -12.25 18.36 -12.76
CA LYS E 91 -11.45 18.02 -13.93
C LYS E 91 -11.48 19.05 -15.06
N LEU E 92 -12.51 19.90 -15.15
CA LEU E 92 -12.61 20.95 -16.17
C LEU E 92 -12.49 20.43 -17.61
N THR E 93 -12.92 19.21 -17.88
CA THR E 93 -12.92 18.71 -19.26
C THR E 93 -13.74 19.62 -20.19
N PRO E 94 -14.94 20.09 -19.82
CA PRO E 94 -15.73 20.95 -20.72
C PRO E 94 -15.07 22.26 -21.17
N LEU E 95 -13.97 22.70 -20.55
CA LEU E 95 -13.38 23.99 -20.93
C LEU E 95 -12.65 24.03 -22.26
N CYS E 96 -12.28 22.89 -22.86
CA CYS E 96 -11.64 22.93 -24.17
C CYS E 96 -12.71 23.00 -25.25
N VAL E 97 -13.19 24.22 -25.44
CA VAL E 97 -14.20 24.62 -26.42
C VAL E 97 -13.67 25.85 -27.12
N THR E 98 -14.26 26.16 -28.28
CA THR E 98 -13.94 27.41 -28.94
C THR E 98 -14.46 28.58 -28.10
N LEU E 99 -13.60 29.57 -27.88
CA LEU E 99 -13.91 30.79 -27.16
C LEU E 99 -14.05 31.91 -28.16
N GLN E 100 -14.98 32.83 -27.92
CA GLN E 100 -15.16 34.03 -28.74
C GLN E 100 -14.71 35.22 -27.89
N CYS E 101 -13.50 35.73 -28.16
CA CYS E 101 -12.85 36.68 -27.28
C CYS E 101 -12.70 38.05 -27.94
N THR E 102 -12.75 39.07 -27.07
CA THR E 102 -12.46 40.47 -27.37
C THR E 102 -11.52 41.00 -26.29
N ASN E 103 -11.08 42.23 -26.45
CA ASN E 103 -10.21 42.85 -25.44
C ASN E 103 -11.07 43.36 -24.29
N TYR E 104 -10.64 43.06 -23.06
CA TYR E 104 -11.39 43.46 -21.87
C TYR E 104 -11.56 44.97 -21.74
N ALA E 105 -10.48 45.73 -21.92
CA ALA E 105 -10.51 47.18 -21.76
C ALA E 105 -9.87 47.87 -22.96
N PRO E 106 -10.63 48.05 -24.05
CA PRO E 106 -10.03 48.60 -25.28
C PRO E 106 -9.43 49.99 -25.14
N LYS E 107 -9.72 50.72 -24.07
CA LYS E 107 -9.22 52.08 -23.90
C LYS E 107 -7.92 52.18 -23.11
N LEU E 108 -7.37 51.06 -22.63
CA LEU E 108 -6.11 51.13 -21.90
C LEU E 108 -4.95 51.39 -22.86
N ARG E 109 -4.03 52.24 -22.44
CA ARG E 109 -2.81 52.54 -23.19
C ARG E 109 -1.56 52.18 -22.38
N SER E 110 -1.75 51.47 -21.27
CA SER E 110 -0.72 51.01 -20.34
C SER E 110 -0.24 49.64 -20.81
N MET E 111 0.63 49.02 -20.02
CA MET E 111 1.17 47.71 -20.36
C MET E 111 0.11 46.61 -20.27
N MET E 112 -1.08 46.92 -19.76
CA MET E 112 -2.18 45.97 -19.65
C MET E 112 -3.03 45.89 -20.91
N ARG E 113 -2.73 46.64 -21.96
CA ARG E 113 -3.51 46.56 -23.19
C ARG E 113 -3.32 45.19 -23.82
N GLY E 114 -4.44 44.49 -24.04
CA GLY E 114 -4.40 43.18 -24.65
C GLY E 114 -4.07 42.05 -23.71
N GLU E 115 -3.82 42.35 -22.43
CA GLU E 115 -3.46 41.30 -21.48
C GLU E 115 -4.66 40.50 -20.99
N ILE E 116 -5.85 41.10 -20.96
CA ILE E 116 -7.05 40.41 -20.49
C ILE E 116 -8.04 40.33 -21.65
N LYS E 117 -8.51 39.11 -21.91
CA LYS E 117 -9.49 38.82 -22.94
C LYS E 117 -10.85 38.51 -22.30
N ASN E 118 -11.90 39.07 -22.88
CA ASN E 118 -13.28 38.83 -22.45
C ASN E 118 -13.83 37.79 -23.43
N CYS E 119 -13.91 36.55 -22.98
CA CYS E 119 -14.21 35.38 -23.79
C CYS E 119 -15.58 34.80 -23.48
N SER E 120 -16.37 34.60 -24.53
CA SER E 120 -17.71 34.02 -24.48
C SER E 120 -17.65 32.56 -24.92
N PHE E 121 -18.31 31.67 -24.17
CA PHE E 121 -18.33 30.26 -24.55
C PHE E 121 -19.59 29.56 -24.03
N ASN E 122 -19.89 28.43 -24.67
CA ASN E 122 -21.00 27.56 -24.28
C ASN E 122 -20.52 26.47 -23.35
N MET E 123 -20.85 26.59 -22.07
CA MET E 123 -20.43 25.68 -21.02
C MET E 123 -21.54 24.69 -20.68
N THR E 124 -21.13 23.52 -20.18
CA THR E 124 -22.06 22.50 -19.73
C THR E 124 -22.70 22.91 -18.41
N THR E 125 -23.76 22.21 -18.05
CA THR E 125 -24.51 22.46 -16.83
C THR E 125 -24.70 21.18 -16.04
N GLU E 126 -25.49 21.26 -14.96
CA GLU E 126 -25.80 20.11 -14.14
C GLU E 126 -26.57 19.04 -14.92
N LEU E 127 -27.31 19.43 -15.96
CA LEU E 127 -28.08 18.50 -16.78
C LEU E 127 -27.43 18.40 -18.16
N ARG E 128 -27.26 17.16 -18.64
CA ARG E 128 -26.55 16.93 -19.91
C ARG E 128 -27.25 17.55 -21.11
N ASP E 129 -28.56 17.74 -21.05
CA ASP E 129 -29.30 18.31 -22.17
C ASP E 129 -29.39 19.83 -22.16
N LYS E 130 -28.77 20.51 -21.20
CA LYS E 130 -28.82 21.96 -21.10
C LYS E 130 -27.43 22.56 -21.11
N LYS E 131 -27.31 23.71 -21.79
CA LYS E 131 -26.09 24.49 -21.89
C LYS E 131 -26.31 25.88 -21.30
N GLN E 132 -25.20 26.55 -20.97
CA GLN E 132 -25.24 27.92 -20.49
C GLN E 132 -24.20 28.74 -21.24
N LYS E 133 -24.51 30.02 -21.45
CA LYS E 133 -23.57 30.94 -22.09
C LYS E 133 -22.83 31.65 -20.98
N VAL E 134 -21.50 31.62 -21.03
CA VAL E 134 -20.65 32.16 -19.99
C VAL E 134 -19.68 33.17 -20.58
N TYR E 135 -19.50 34.28 -19.87
CA TYR E 135 -18.48 35.28 -20.18
C TYR E 135 -17.46 35.21 -19.06
N SER E 136 -16.20 35.00 -19.43
CA SER E 136 -15.10 34.92 -18.49
C SER E 136 -13.94 35.79 -18.95
N LEU E 137 -13.15 36.27 -18.00
CA LEU E 137 -11.92 36.97 -18.30
C LEU E 137 -10.76 35.99 -18.20
N PHE E 138 -9.89 36.01 -19.21
CA PHE E 138 -8.69 35.20 -19.23
C PHE E 138 -7.49 36.08 -19.51
N TYR E 139 -6.33 35.69 -19.00
CA TYR E 139 -5.12 36.41 -19.35
C TYR E 139 -4.70 35.95 -20.73
N ARG E 140 -4.05 36.84 -21.50
CA ARG E 140 -3.71 36.45 -22.87
C ARG E 140 -2.72 35.30 -22.91
N LEU E 141 -1.95 35.09 -21.84
CA LEU E 141 -0.98 34.00 -21.82
C LEU E 141 -1.64 32.64 -21.67
N ASP E 142 -2.93 32.59 -21.33
CA ASP E 142 -3.67 31.36 -21.17
C ASP E 142 -4.47 30.96 -22.40
N VAL E 143 -4.50 31.77 -23.47
CA VAL E 143 -5.27 31.47 -24.66
C VAL E 143 -4.40 31.59 -25.91
N VAL E 144 -4.80 30.82 -26.93
CA VAL E 144 -4.16 30.75 -28.23
C VAL E 144 -5.22 31.10 -29.25
N GLN E 145 -4.94 32.03 -30.16
CA GLN E 145 -5.92 32.35 -31.18
C GLN E 145 -5.95 31.23 -32.21
N ILE E 146 -7.16 30.82 -32.59
CA ILE E 146 -7.33 29.78 -33.59
C ILE E 146 -7.22 30.43 -34.96
N ASN E 158 -15.99 38.46 -33.31
CA ASN E 158 -14.98 38.47 -32.26
C ASN E 158 -13.81 37.69 -32.84
N LYS E 159 -12.95 37.09 -32.01
CA LYS E 159 -11.88 36.23 -32.51
C LYS E 159 -11.97 34.89 -31.80
N GLU E 160 -11.61 33.82 -32.50
CA GLU E 160 -11.66 32.48 -31.91
C GLU E 160 -10.36 32.15 -31.17
N TYR E 161 -10.52 31.64 -29.95
CA TYR E 161 -9.43 31.23 -29.08
C TYR E 161 -9.69 29.86 -28.46
N ARG E 162 -8.61 29.23 -28.00
CA ARG E 162 -8.68 28.02 -27.21
C ARG E 162 -7.71 28.19 -26.05
N LEU E 163 -7.86 27.37 -25.01
CA LEU E 163 -6.90 27.43 -23.91
C LEU E 163 -5.59 26.80 -24.37
N ILE E 164 -4.47 27.29 -23.82
CA ILE E 164 -3.15 26.80 -24.21
C ILE E 164 -2.96 25.32 -23.94
N ASN E 165 -3.67 24.75 -22.97
CA ASN E 165 -3.51 23.33 -22.66
C ASN E 165 -4.28 22.38 -23.57
N CYS E 166 -5.19 22.87 -24.41
CA CYS E 166 -6.10 21.96 -25.09
C CYS E 166 -5.44 21.03 -26.09
N ASN E 167 -4.24 21.35 -26.60
CA ASN E 167 -3.55 20.44 -27.51
C ASN E 167 -2.46 19.61 -26.85
N THR E 168 -2.28 19.72 -25.52
CA THR E 168 -1.25 18.95 -24.83
C THR E 168 -1.75 18.17 -23.61
N SER E 169 -2.72 18.73 -22.87
CA SER E 169 -3.14 18.09 -21.63
C SER E 169 -4.50 18.61 -21.20
N ALA E 170 -5.11 17.88 -20.27
CA ALA E 170 -6.30 18.35 -19.60
C ALA E 170 -5.86 19.13 -18.36
N ILE E 171 -6.62 20.18 -18.03
CA ILE E 171 -6.37 20.98 -16.83
C ILE E 171 -7.33 20.58 -15.73
N THR E 172 -6.79 20.42 -14.52
CA THR E 172 -7.59 20.14 -13.33
C THR E 172 -7.62 21.43 -12.52
N GLN E 173 -8.81 21.80 -12.05
CA GLN E 173 -8.95 23.00 -11.25
C GLN E 173 -8.38 22.75 -9.87
N ALA E 174 -7.54 23.65 -9.38
CA ALA E 174 -7.07 23.49 -8.02
C ALA E 174 -8.25 23.71 -7.08
N CYS E 175 -8.31 22.94 -6.01
CA CYS E 175 -9.38 23.14 -5.05
C CYS E 175 -9.21 24.48 -4.34
N PRO E 176 -10.22 25.37 -4.35
CA PRO E 176 -10.06 26.67 -3.67
C PRO E 176 -9.76 26.58 -2.19
N LYS E 177 -10.03 25.44 -1.56
CA LYS E 177 -9.82 25.22 -0.14
C LYS E 177 -8.40 24.75 0.20
N VAL E 178 -7.56 24.48 -0.80
CA VAL E 178 -6.21 23.94 -0.57
C VAL E 178 -5.20 25.07 -0.79
N SER E 179 -4.52 25.43 0.30
CA SER E 179 -3.52 26.49 0.29
C SER E 179 -2.23 26.02 -0.38
N PHE E 180 -1.55 26.97 -1.03
CA PHE E 180 -0.25 26.74 -1.66
C PHE E 180 0.89 27.34 -0.83
N GLU E 181 0.63 27.78 0.39
CA GLU E 181 1.66 28.42 1.21
C GLU E 181 2.70 27.43 1.73
N PRO E 182 4.00 27.61 1.45
CA PRO E 182 5.00 26.66 1.96
C PRO E 182 4.96 26.54 3.48
N ILE E 183 5.00 25.31 3.96
CA ILE E 183 5.03 24.97 5.37
C ILE E 183 6.33 24.23 5.60
N PRO E 184 7.16 24.59 6.60
CA PRO E 184 8.43 23.88 6.79
C PRO E 184 8.24 22.38 6.97
N ILE E 185 9.09 21.62 6.28
CA ILE E 185 9.11 20.16 6.36
C ILE E 185 10.47 19.74 6.92
N HIS E 186 10.46 18.90 7.95
CA HIS E 186 11.68 18.38 8.54
C HIS E 186 11.85 16.96 8.05
N TYR E 187 13.00 16.64 7.44
CA TYR E 187 13.22 15.23 7.03
C TYR E 187 13.89 14.48 8.18
N CYS E 188 13.20 13.49 8.75
CA CYS E 188 13.80 12.73 9.86
C CYS E 188 14.25 11.36 9.34
N ALA E 189 15.39 10.88 9.84
CA ALA E 189 15.92 9.56 9.40
C ALA E 189 15.40 8.44 10.32
N PRO E 190 15.28 7.17 9.84
CA PRO E 190 14.85 6.07 10.70
C PRO E 190 15.97 5.59 11.61
N ALA E 191 15.59 4.78 12.59
CA ALA E 191 16.56 4.20 13.51
C ALA E 191 17.60 3.41 12.71
N GLY E 192 18.85 3.49 13.16
CA GLY E 192 19.95 2.87 12.47
C GLY E 192 20.67 3.81 11.52
N PHE E 193 20.09 4.99 11.26
CA PHE E 193 20.64 5.99 10.37
C PHE E 193 20.73 7.31 11.14
N ALA E 194 21.58 8.20 10.66
CA ALA E 194 21.73 9.52 11.26
C ALA E 194 22.01 10.52 10.15
N ILE E 195 21.70 11.79 10.41
CA ILE E 195 21.98 12.87 9.48
C ILE E 195 23.10 13.72 10.09
N LEU E 196 24.17 13.91 9.33
CA LEU E 196 25.28 14.73 9.75
C LEU E 196 25.12 16.12 9.14
N LYS E 197 25.31 17.15 9.95
CA LYS E 197 25.20 18.54 9.54
C LYS E 197 26.56 19.21 9.58
N CYS E 198 26.90 19.92 8.50
CA CYS E 198 28.13 20.69 8.39
C CYS E 198 27.90 22.12 8.90
N LYS E 199 28.64 22.53 9.93
CA LYS E 199 28.50 23.85 10.55
C LYS E 199 29.57 24.84 10.12
N ASP E 200 30.38 24.51 9.11
CA ASP E 200 31.42 25.40 8.63
C ASP E 200 30.79 26.52 7.79
N LYS E 201 30.92 27.75 8.29
CA LYS E 201 30.29 28.93 7.68
C LYS E 201 30.77 29.18 6.25
N LYS E 202 31.95 28.70 5.86
CA LYS E 202 32.48 28.90 4.52
C LYS E 202 32.34 27.66 3.67
N PHE E 203 31.58 26.67 4.12
CA PHE E 203 31.43 25.44 3.37
C PHE E 203 30.74 25.72 2.04
N ASN E 204 31.34 25.23 0.96
CA ASN E 204 30.87 25.48 -0.40
C ASN E 204 30.04 24.34 -0.98
N GLY E 205 29.59 23.40 -0.15
CA GLY E 205 28.77 22.29 -0.58
C GLY E 205 29.51 21.00 -0.89
N THR E 206 30.83 21.05 -1.06
CA THR E 206 31.62 19.85 -1.35
C THR E 206 32.87 19.83 -0.48
N GLY E 207 33.45 18.63 -0.36
CA GLY E 207 34.73 18.45 0.28
C GLY E 207 34.67 18.28 1.79
N PRO E 208 35.86 18.21 2.41
CA PRO E 208 35.96 18.01 3.86
C PRO E 208 35.27 19.12 4.65
N CYS E 209 34.61 18.72 5.73
CA CYS E 209 33.97 19.64 6.67
C CYS E 209 34.55 19.36 8.04
N PRO E 210 35.33 20.29 8.62
CA PRO E 210 35.96 20.04 9.92
C PRO E 210 35.06 20.15 11.14
N SER E 211 33.83 20.63 11.02
CA SER E 211 32.93 20.83 12.15
C SER E 211 31.59 20.20 11.77
N VAL E 212 31.35 19.02 12.31
CA VAL E 212 30.22 18.19 11.96
C VAL E 212 29.46 17.84 13.23
N SER E 213 28.13 17.88 13.16
CA SER E 213 27.30 17.47 14.29
C SER E 213 26.30 16.46 13.76
N THR E 214 25.75 15.64 14.67
CA THR E 214 24.74 14.66 14.30
C THR E 214 23.37 15.11 14.80
N VAL E 215 22.40 15.04 13.90
CA VAL E 215 21.01 15.31 14.16
C VAL E 215 20.28 14.09 13.61
N GLN E 216 19.00 13.95 13.94
CA GLN E 216 18.21 12.85 13.33
C GLN E 216 17.22 13.50 12.34
N CYS E 217 16.87 14.76 12.57
CA CYS E 217 15.93 15.49 11.68
C CYS E 217 16.53 16.82 11.25
N THR E 218 16.56 17.10 9.94
CA THR E 218 16.94 18.44 9.49
C THR E 218 15.98 19.52 10.00
N HIS E 219 16.38 20.77 9.77
CA HIS E 219 15.54 21.91 10.10
C HIS E 219 14.36 21.95 9.15
N GLY E 220 13.41 22.83 9.43
CA GLY E 220 12.25 22.90 8.57
C GLY E 220 12.62 23.67 7.33
N ILE E 221 12.46 22.99 6.19
CA ILE E 221 12.77 23.53 4.87
C ILE E 221 11.44 23.80 4.19
N LYS E 222 11.19 25.06 3.85
CA LYS E 222 9.95 25.38 3.18
C LYS E 222 10.06 25.01 1.70
N PRO E 223 9.08 24.27 1.14
CA PRO E 223 9.15 23.92 -0.29
C PRO E 223 8.74 25.10 -1.18
N VAL E 224 9.58 26.14 -1.19
CA VAL E 224 9.30 27.32 -1.98
C VAL E 224 9.66 27.02 -3.43
N VAL E 225 8.72 27.25 -4.33
CA VAL E 225 8.91 26.97 -5.75
C VAL E 225 9.13 28.31 -6.45
N SER E 226 10.29 28.45 -7.09
CA SER E 226 10.61 29.68 -7.79
C SER E 226 11.72 29.40 -8.79
N THR E 227 11.91 30.34 -9.72
CA THR E 227 13.04 30.31 -10.65
C THR E 227 13.87 31.59 -10.49
N GLN E 228 15.13 31.49 -10.92
CA GLN E 228 16.09 32.59 -10.96
C GLN E 228 16.47 33.15 -9.59
N LEU E 229 15.48 33.55 -8.80
CA LEU E 229 15.67 34.07 -7.46
C LEU E 229 15.15 33.07 -6.43
N LEU E 230 16.00 32.75 -5.45
CA LEU E 230 15.62 31.84 -4.38
C LEU E 230 15.00 32.68 -3.27
N LEU E 231 13.77 32.36 -2.89
CA LEU E 231 13.04 33.14 -1.90
C LEU E 231 12.87 32.38 -0.59
N ASN E 232 12.84 33.15 0.51
CA ASN E 232 12.51 32.66 1.85
C ASN E 232 13.34 31.45 2.26
N GLY E 233 14.62 31.44 1.90
CA GLY E 233 15.52 30.37 2.25
C GLY E 233 16.48 30.77 3.35
N SER E 234 17.59 30.02 3.43
CA SER E 234 18.61 30.27 4.43
C SER E 234 19.63 31.26 3.88
N LEU E 235 20.18 32.07 4.78
CA LEU E 235 21.24 33.01 4.45
C LEU E 235 22.60 32.49 4.89
N ALA E 236 23.65 32.94 4.19
CA ALA E 236 25.00 32.60 4.57
C ALA E 236 25.32 33.27 5.88
N GLU E 237 26.30 32.73 6.61
CA GLU E 237 26.73 33.41 7.85
C GLU E 237 27.67 34.57 7.50
N GLU E 238 28.98 34.38 7.65
CA GLU E 238 29.94 35.51 7.45
C GLU E 238 29.98 36.09 6.03
N GLU E 239 29.95 35.26 4.98
CA GLU E 239 30.16 35.82 3.61
C GLU E 239 29.30 35.15 2.53
N VAL E 240 29.05 35.85 1.41
CA VAL E 240 28.30 35.26 0.26
C VAL E 240 29.03 33.98 -0.18
N ILE E 241 28.29 32.95 -0.64
CA ILE E 241 28.90 31.66 -0.96
C ILE E 241 28.47 31.23 -2.36
N ILE E 242 29.46 31.01 -3.21
CA ILE E 242 29.28 30.56 -4.59
C ILE E 242 29.41 29.04 -4.57
N ARG E 243 28.41 28.32 -5.05
CA ARG E 243 28.44 26.86 -5.09
C ARG E 243 28.17 26.38 -6.51
N SER E 244 29.00 25.47 -6.99
CA SER E 244 28.82 24.93 -8.32
C SER E 244 29.41 23.53 -8.37
N GLU E 245 28.74 22.63 -9.09
CA GLU E 245 29.26 21.28 -9.26
C GLU E 245 30.64 21.31 -9.92
N ASN E 246 30.80 22.19 -10.91
CA ASN E 246 32.07 22.39 -11.62
C ASN E 246 32.06 23.86 -12.04
N ILE E 247 32.83 24.69 -11.33
CA ILE E 247 32.79 26.13 -11.56
C ILE E 247 33.33 26.53 -12.94
N THR E 248 34.05 25.65 -13.63
CA THR E 248 34.60 25.96 -14.93
C THR E 248 33.82 25.32 -16.08
N ASN E 249 32.72 24.62 -15.77
CA ASN E 249 31.86 23.98 -16.75
C ASN E 249 30.67 24.90 -16.97
N ASN E 250 30.55 25.46 -18.18
CA ASN E 250 29.49 26.42 -18.42
C ASN E 250 28.12 25.77 -18.52
N ALA E 251 28.05 24.44 -18.53
CA ALA E 251 26.79 23.71 -18.59
C ALA E 251 26.17 23.49 -17.22
N LYS E 252 26.85 23.89 -16.14
CA LYS E 252 26.38 23.72 -14.78
C LYS E 252 25.86 25.05 -14.25
N ASN E 253 24.93 24.97 -13.31
CA ASN E 253 24.39 26.18 -12.69
C ASN E 253 25.24 26.57 -11.49
N ILE E 254 25.26 27.86 -11.22
CA ILE E 254 25.94 28.44 -10.06
C ILE E 254 24.87 28.89 -9.09
N LEU E 255 24.92 28.35 -7.87
CA LEU E 255 23.97 28.72 -6.83
C LEU E 255 24.69 29.71 -5.93
N VAL E 256 24.05 30.85 -5.67
CA VAL E 256 24.65 31.91 -4.87
C VAL E 256 23.82 32.05 -3.61
N GLN E 257 24.46 31.89 -2.46
CA GLN E 257 23.80 32.07 -1.16
C GLN E 257 24.24 33.43 -0.62
N LEU E 258 23.27 34.30 -0.36
CA LEU E 258 23.55 35.66 0.08
C LEU E 258 23.75 35.72 1.58
N ASN E 259 24.56 36.70 2.02
CA ASN E 259 24.77 36.89 3.45
C ASN E 259 23.60 37.62 4.09
N THR E 260 22.99 38.55 3.36
CA THR E 260 21.84 39.32 3.83
C THR E 260 20.72 39.19 2.81
N PRO E 261 19.46 39.29 3.23
CA PRO E 261 18.35 39.20 2.28
C PRO E 261 18.16 40.48 1.51
N VAL E 262 17.58 40.36 0.31
CA VAL E 262 17.10 41.52 -0.43
C VAL E 262 15.58 41.44 -0.39
N GLN E 263 14.93 42.48 0.10
CA GLN E 263 13.47 42.42 0.23
C GLN E 263 12.84 42.69 -1.12
N ILE E 264 11.85 41.88 -1.48
CA ILE E 264 11.09 42.03 -2.72
C ILE E 264 9.61 42.13 -2.38
N ASN E 265 8.99 43.25 -2.79
CA ASN E 265 7.58 43.51 -2.53
C ASN E 265 6.78 43.33 -3.82
N CYS E 266 5.97 42.27 -3.90
CA CYS E 266 5.23 41.93 -5.11
C CYS E 266 3.75 42.17 -4.89
N THR E 267 3.08 42.66 -5.93
CA THR E 267 1.65 42.92 -5.84
C THR E 267 0.93 42.66 -7.16
N ARG E 268 -0.37 42.37 -7.00
CA ARG E 268 -1.37 42.21 -8.05
C ARG E 268 -2.37 43.31 -7.66
N PRO E 269 -2.13 44.54 -8.12
CA PRO E 269 -2.87 45.70 -7.58
C PRO E 269 -4.35 45.76 -7.95
N SER E 270 -4.81 45.05 -8.96
CA SER E 270 -6.22 45.15 -9.31
C SER E 270 -7.09 44.35 -8.36
N ASN E 271 -8.33 44.81 -8.23
CA ASN E 271 -9.36 44.17 -7.40
C ASN E 271 -10.20 43.27 -8.30
N ASN E 272 -9.91 41.98 -8.30
CA ASN E 272 -10.55 41.04 -9.18
C ASN E 272 -11.76 40.40 -8.50
N THR E 273 -12.89 40.40 -9.22
CA THR E 273 -14.14 39.82 -8.76
C THR E 273 -14.20 38.42 -9.34
N VAL E 274 -14.40 37.43 -8.47
CA VAL E 274 -14.47 36.02 -8.83
C VAL E 274 -15.93 35.57 -8.87
N LYS E 275 -16.28 34.89 -9.96
CA LYS E 275 -17.60 34.35 -10.21
C LYS E 275 -17.49 32.83 -10.24
N SER E 276 -18.65 32.16 -10.13
CA SER E 276 -18.68 30.70 -10.15
C SER E 276 -19.93 30.22 -10.83
N ILE E 277 -19.77 29.14 -11.60
CA ILE E 277 -20.85 28.44 -12.29
C ILE E 277 -20.74 26.96 -11.99
N ARG E 278 -21.85 26.27 -12.17
CA ARG E 278 -21.90 24.82 -12.01
C ARG E 278 -21.75 24.19 -13.40
N ILE E 279 -20.86 23.22 -13.53
CA ILE E 279 -20.58 22.56 -14.79
C ILE E 279 -20.92 21.07 -14.77
N GLY E 280 -21.55 20.60 -13.70
CA GLY E 280 -21.91 19.21 -13.56
C GLY E 280 -22.42 18.99 -12.16
N PRO E 281 -22.89 17.78 -11.83
CA PRO E 281 -23.38 17.55 -10.46
C PRO E 281 -22.24 17.65 -9.45
N GLY E 282 -22.23 18.74 -8.70
CA GLY E 282 -21.23 19.00 -7.69
C GLY E 282 -19.93 19.55 -8.23
N GLN E 283 -19.87 19.87 -9.52
CA GLN E 283 -18.66 20.34 -10.20
C GLN E 283 -18.77 21.85 -10.41
N ALA E 284 -18.16 22.64 -9.54
CA ALA E 284 -18.21 24.09 -9.65
C ALA E 284 -16.94 24.59 -10.33
N PHE E 285 -17.12 25.52 -11.26
CA PHE E 285 -16.02 26.17 -11.98
C PHE E 285 -15.88 27.61 -11.51
N TYR E 286 -14.70 27.96 -11.01
CA TYR E 286 -14.42 29.29 -10.51
C TYR E 286 -13.61 30.02 -11.57
N TYR E 287 -13.98 31.26 -11.84
CA TYR E 287 -13.34 32.01 -12.91
C TYR E 287 -13.28 33.49 -12.57
N PHE E 288 -12.46 34.19 -13.35
CA PHE E 288 -12.21 35.61 -13.19
C PHE E 288 -13.37 36.35 -13.83
N GLY E 289 -14.18 37.00 -12.98
CA GLY E 289 -15.41 37.63 -13.40
C GLY E 289 -15.26 39.06 -13.88
N ASP E 290 -14.72 39.94 -13.04
CA ASP E 290 -14.61 41.35 -13.42
C ASP E 290 -13.48 41.99 -12.64
N VAL E 291 -13.25 43.27 -12.91
CA VAL E 291 -12.27 44.09 -12.19
C VAL E 291 -12.98 45.32 -11.66
N LEU E 292 -12.81 45.60 -10.37
CA LEU E 292 -13.39 46.77 -9.73
C LEU E 292 -12.32 47.85 -9.69
N GLY E 293 -12.61 49.00 -10.29
CA GLY E 293 -11.63 50.08 -10.38
C GLY E 293 -10.72 49.99 -11.57
N HIS E 294 -9.50 50.50 -11.43
CA HIS E 294 -8.57 50.57 -12.56
C HIS E 294 -7.89 49.25 -12.79
N VAL E 295 -7.49 49.01 -14.04
CA VAL E 295 -6.71 47.83 -14.40
C VAL E 295 -5.24 48.25 -14.45
N ARG E 296 -4.42 47.61 -13.63
CA ARG E 296 -3.00 47.93 -13.50
C ARG E 296 -2.16 46.66 -13.58
N MET E 297 -0.91 46.85 -14.01
CA MET E 297 0.02 45.76 -14.20
C MET E 297 0.62 45.30 -12.87
N ALA E 298 0.69 43.98 -12.69
CA ALA E 298 1.32 43.39 -11.51
C ALA E 298 2.81 43.67 -11.54
N HIS E 299 3.41 43.82 -10.37
CA HIS E 299 4.84 44.15 -10.36
C HIS E 299 5.48 43.81 -9.02
N CYS E 300 6.82 43.80 -9.03
CA CYS E 300 7.63 43.64 -7.82
C CYS E 300 8.62 44.79 -7.67
N ASN E 301 8.78 45.28 -6.44
CA ASN E 301 9.71 46.36 -6.11
C ASN E 301 10.92 45.84 -5.33
N ILE E 302 12.11 46.18 -5.82
CA ILE E 302 13.40 45.86 -5.21
C ILE E 302 14.14 47.18 -5.01
N SER E 303 14.74 47.38 -3.84
CA SER E 303 15.50 48.61 -3.64
C SER E 303 16.76 48.59 -4.50
N LYS E 304 17.02 49.68 -5.22
CA LYS E 304 18.19 49.74 -6.11
C LYS E 304 19.50 49.65 -5.35
N ALA E 305 19.60 50.32 -4.20
CA ALA E 305 20.86 50.31 -3.46
C ALA E 305 21.16 48.93 -2.92
N THR E 306 20.14 48.24 -2.40
CA THR E 306 20.34 46.92 -1.84
C THR E 306 20.75 45.94 -2.93
N TRP E 307 20.08 46.01 -4.09
CA TRP E 307 20.43 45.12 -5.18
C TRP E 307 21.85 45.39 -5.66
N ASN E 308 22.22 46.67 -5.80
CA ASN E 308 23.57 46.97 -6.28
C ASN E 308 24.64 46.50 -5.30
N GLU E 309 24.40 46.63 -3.99
CA GLU E 309 25.38 46.12 -3.03
C GLU E 309 25.46 44.61 -3.12
N THR E 310 24.30 43.96 -3.29
CA THR E 310 24.25 42.51 -3.41
C THR E 310 25.05 42.05 -4.61
N LEU E 311 24.89 42.72 -5.74
CA LEU E 311 25.65 42.33 -6.93
C LEU E 311 27.14 42.59 -6.71
N GLY E 312 27.50 43.68 -6.03
CA GLY E 312 28.91 43.92 -5.80
C GLY E 312 29.53 42.77 -5.02
N LYS E 313 28.78 42.25 -4.04
CA LYS E 313 29.25 41.12 -3.24
C LYS E 313 29.36 39.86 -4.09
N VAL E 314 28.39 39.63 -4.98
CA VAL E 314 28.44 38.47 -5.85
C VAL E 314 29.64 38.59 -6.77
N VAL E 315 29.88 39.80 -7.28
CA VAL E 315 31.01 40.03 -8.18
C VAL E 315 32.34 39.76 -7.48
N LYS E 316 32.54 40.22 -6.24
CA LYS E 316 33.81 39.92 -5.58
C LYS E 316 34.00 38.41 -5.44
N GLN E 317 32.92 37.69 -5.10
CA GLN E 317 33.08 36.26 -4.93
C GLN E 317 33.27 35.55 -6.26
N LEU E 318 32.72 36.09 -7.35
CA LEU E 318 32.97 35.49 -8.65
C LEU E 318 34.40 35.78 -9.09
N ARG E 319 34.93 36.97 -8.79
CA ARG E 319 36.30 37.30 -9.15
C ARG E 319 37.26 36.31 -8.51
N LYS E 320 36.93 35.85 -7.30
CA LYS E 320 37.79 34.87 -6.64
C LYS E 320 37.96 33.59 -7.44
N HIS E 321 37.04 33.27 -8.36
CA HIS E 321 37.10 32.07 -9.18
C HIS E 321 37.44 32.33 -10.64
N PHE E 322 37.13 33.51 -11.16
CA PHE E 322 37.29 33.84 -12.57
C PHE E 322 38.42 34.81 -12.87
N GLY E 323 39.06 35.38 -11.85
CA GLY E 323 40.17 36.30 -12.04
C GLY E 323 39.89 37.71 -11.56
N ASN E 324 40.88 38.30 -10.88
CA ASN E 324 40.73 39.63 -10.32
C ASN E 324 40.64 40.72 -11.40
N ASN E 325 41.13 40.45 -12.61
CA ASN E 325 41.12 41.41 -13.71
C ASN E 325 40.09 41.07 -14.78
N THR E 326 39.15 40.16 -14.50
CA THR E 326 38.13 39.76 -15.46
C THR E 326 36.93 40.68 -15.32
N ILE E 327 36.34 41.06 -16.46
CA ILE E 327 35.14 41.87 -16.44
C ILE E 327 33.96 40.93 -16.24
N ILE E 328 33.12 41.24 -15.25
CA ILE E 328 31.95 40.43 -14.92
C ILE E 328 30.69 41.16 -15.35
N ARG E 329 29.92 40.54 -16.25
CA ARG E 329 28.73 41.13 -16.82
C ARG E 329 27.50 40.31 -16.42
N PHE E 330 26.42 41.03 -16.10
CA PHE E 330 25.13 40.41 -15.84
C PHE E 330 24.22 40.79 -17.00
N ALA E 331 23.40 39.84 -17.43
CA ALA E 331 22.48 40.03 -18.55
C ALA E 331 21.23 39.21 -18.32
N GLN E 332 20.17 39.60 -19.04
CA GLN E 332 18.88 38.93 -18.97
C GLN E 332 18.96 37.53 -19.57
N SER E 333 18.03 36.67 -19.16
CA SER E 333 17.98 35.31 -19.68
C SER E 333 17.90 35.33 -21.20
N SER E 334 18.69 34.45 -21.83
CA SER E 334 18.81 34.45 -23.28
C SER E 334 17.60 33.91 -24.01
N GLY E 335 16.75 33.10 -23.38
CA GLY E 335 15.61 32.56 -24.09
C GLY E 335 15.06 31.33 -23.43
N GLY E 336 13.98 30.83 -24.02
CA GLY E 336 13.25 29.68 -23.54
C GLY E 336 11.85 30.04 -23.08
N ASP E 337 11.21 29.07 -22.43
CA ASP E 337 9.83 29.25 -21.98
C ASP E 337 9.76 30.35 -20.92
N LEU E 338 8.58 30.97 -20.83
CA LEU E 338 8.37 32.05 -19.85
C LEU E 338 8.71 31.58 -18.45
N GLU E 339 8.43 30.31 -18.14
CA GLU E 339 8.71 29.74 -16.82
C GLU E 339 10.17 29.80 -16.42
N VAL E 340 11.10 29.90 -17.38
CA VAL E 340 12.53 29.95 -17.08
C VAL E 340 13.17 31.29 -17.44
N THR E 341 12.54 32.10 -18.29
CA THR E 341 13.08 33.39 -18.67
C THR E 341 12.70 34.49 -17.68
N THR E 342 11.67 34.26 -16.87
CA THR E 342 11.20 35.16 -15.83
C THR E 342 11.42 34.55 -14.45
N HIS E 343 11.20 35.40 -13.45
CA HIS E 343 11.18 34.99 -12.05
C HIS E 343 9.77 34.51 -11.78
N SER E 344 9.62 33.20 -11.67
CA SER E 344 8.32 32.58 -11.47
C SER E 344 8.12 32.33 -9.98
N PHE E 345 6.95 32.69 -9.47
CA PHE E 345 6.66 32.40 -8.08
C PHE E 345 5.16 32.46 -7.85
N ASN E 346 4.72 31.81 -6.77
CA ASN E 346 3.34 31.88 -6.32
C ASN E 346 3.21 32.88 -5.17
N CYS E 347 2.38 33.91 -5.38
CA CYS E 347 2.13 34.99 -4.43
C CYS E 347 0.64 35.12 -4.14
N GLY E 348 0.23 34.66 -2.97
CA GLY E 348 -1.15 34.79 -2.55
C GLY E 348 -2.10 33.89 -3.29
N GLY E 349 -1.60 32.84 -3.93
CA GLY E 349 -2.40 31.96 -4.74
C GLY E 349 -2.29 32.24 -6.23
N GLU E 350 -1.76 33.39 -6.64
CA GLU E 350 -1.60 33.69 -8.06
C GLU E 350 -0.19 33.36 -8.48
N PHE E 351 -0.02 33.02 -9.75
CA PHE E 351 1.28 32.69 -10.31
C PHE E 351 1.80 33.87 -11.11
N PHE E 352 2.91 34.44 -10.62
CA PHE E 352 3.60 35.60 -11.15
C PHE E 352 4.80 35.17 -11.97
N TYR E 353 5.00 35.88 -13.08
CA TYR E 353 6.14 35.71 -14.00
C TYR E 353 6.75 37.09 -14.20
N CYS E 354 7.75 37.42 -13.39
CA CYS E 354 8.31 38.78 -13.33
C CYS E 354 9.54 38.90 -14.21
N ASN E 355 9.61 40.01 -14.94
CA ASN E 355 10.72 40.28 -15.85
C ASN E 355 11.88 40.88 -15.06
N THR E 356 12.96 40.11 -14.97
CA THR E 356 14.14 40.45 -14.18
C THR E 356 15.24 41.10 -15.00
N SER E 357 14.94 41.52 -16.24
CA SER E 357 15.95 42.17 -17.05
C SER E 357 16.43 43.49 -16.46
N GLY E 358 15.69 44.07 -15.51
CA GLY E 358 16.11 45.27 -14.84
C GLY E 358 17.10 45.01 -13.72
N LEU E 359 17.26 43.75 -13.32
CA LEU E 359 18.16 43.34 -12.25
C LEU E 359 19.50 42.84 -12.77
N PHE E 360 19.50 42.23 -13.96
CA PHE E 360 20.68 41.63 -14.55
C PHE E 360 21.01 42.36 -15.85
N ASN E 361 21.63 43.52 -15.70
CA ASN E 361 21.96 44.40 -16.81
C ASN E 361 23.10 45.30 -16.37
N SER E 362 24.31 44.76 -16.22
CA SER E 362 25.39 45.59 -15.72
C SER E 362 26.74 45.01 -16.12
N THR E 363 27.75 45.88 -16.15
CA THR E 363 29.13 45.46 -16.39
C THR E 363 29.99 45.97 -15.25
N TRP E 364 30.70 45.05 -14.61
CA TRP E 364 31.56 45.29 -13.45
C TRP E 364 33.01 45.14 -13.90
N ILE E 365 33.73 46.25 -13.93
CA ILE E 365 35.10 46.32 -14.42
C ILE E 365 36.01 46.63 -13.23
N SER E 366 37.02 45.79 -13.03
CA SER E 366 37.99 45.93 -11.94
C SER E 366 37.37 46.26 -10.59
N ASP E 380 14.16 55.41 -6.24
CA ASP E 380 14.82 54.55 -5.28
C ASP E 380 14.47 53.09 -5.57
N SER E 381 13.24 52.85 -6.02
CA SER E 381 12.78 51.50 -6.27
C SER E 381 13.00 51.09 -7.72
N LEU E 382 13.29 49.81 -7.90
CA LEU E 382 13.42 49.14 -9.18
C LEU E 382 12.16 48.31 -9.31
N ILE E 383 11.41 48.52 -10.40
CA ILE E 383 10.10 47.89 -10.57
C ILE E 383 10.20 46.87 -11.70
N LEU E 384 9.85 45.63 -11.38
CA LEU E 384 9.85 44.51 -12.30
C LEU E 384 8.43 44.26 -12.77
N PRO E 385 8.11 44.34 -14.06
CA PRO E 385 6.75 44.01 -14.49
C PRO E 385 6.53 42.52 -14.39
N CYS E 386 5.30 42.12 -14.06
CA CYS E 386 4.95 40.72 -13.89
C CYS E 386 3.68 40.37 -14.64
N TRP E 387 3.65 39.18 -15.22
CA TRP E 387 2.48 38.63 -15.86
C TRP E 387 1.86 37.61 -14.91
N ILE E 388 0.54 37.44 -15.00
CA ILE E 388 -0.20 36.47 -14.20
C ILE E 388 -0.70 35.37 -15.11
N LYS E 389 -0.53 34.11 -14.69
CA LYS E 389 -1.08 32.99 -15.45
C LYS E 389 -1.95 32.12 -14.55
N GLN E 390 -3.04 31.58 -15.13
CA GLN E 390 -3.91 30.64 -14.44
C GLN E 390 -3.69 29.18 -14.84
N ILE E 391 -3.12 28.90 -16.00
CA ILE E 391 -2.86 27.52 -16.44
C ILE E 391 -1.37 27.26 -16.21
N ILE E 392 -1.08 26.38 -15.26
CA ILE E 392 0.26 26.15 -14.74
C ILE E 392 0.72 24.76 -15.12
N ASN E 393 1.93 24.66 -15.69
CA ASN E 393 2.57 23.38 -16.03
C ASN E 393 3.73 23.25 -15.05
N MET E 394 3.50 22.47 -14.00
CA MET E 394 4.45 22.31 -12.90
C MET E 394 5.53 21.28 -13.20
N TRP E 395 6.67 21.48 -12.52
CA TRP E 395 7.78 20.53 -12.43
C TRP E 395 8.36 20.18 -13.80
N GLN E 396 8.23 21.08 -14.78
CA GLN E 396 8.73 20.86 -16.13
C GLN E 396 8.17 19.58 -16.77
N ARG E 397 6.92 19.23 -16.46
CA ARG E 397 6.27 18.06 -17.05
C ARG E 397 5.37 18.45 -18.21
N ILE E 398 5.14 17.50 -19.10
CA ILE E 398 4.21 17.63 -20.22
C ILE E 398 3.17 16.51 -20.08
N GLY E 399 1.90 16.88 -20.21
CA GLY E 399 0.78 15.97 -20.13
C GLY E 399 -0.13 16.22 -18.95
N GLN E 400 0.31 16.97 -17.95
CA GLN E 400 -0.46 17.37 -16.80
C GLN E 400 -0.46 18.88 -16.74
N ALA E 401 -1.59 19.46 -16.36
CA ALA E 401 -1.70 20.90 -16.22
C ALA E 401 -2.73 21.18 -15.15
N MET E 402 -2.55 22.32 -14.50
CA MET E 402 -3.44 22.78 -13.44
C MET E 402 -4.04 24.12 -13.82
N TYR E 403 -5.30 24.30 -13.45
CA TYR E 403 -5.96 25.59 -13.55
C TYR E 403 -6.01 26.15 -12.15
N ALA E 404 -5.45 27.34 -11.98
CA ALA E 404 -5.44 28.01 -10.69
C ALA E 404 -6.63 28.94 -10.63
N PRO E 405 -7.61 28.73 -9.74
CA PRO E 405 -8.76 29.63 -9.72
C PRO E 405 -8.32 30.99 -9.24
N PRO E 406 -9.01 32.05 -9.67
CA PRO E 406 -8.58 33.39 -9.25
C PRO E 406 -8.82 33.67 -7.79
N ILE E 407 -8.02 34.59 -7.27
CA ILE E 407 -8.10 35.07 -5.90
C ILE E 407 -8.85 36.38 -5.87
N GLN E 408 -9.86 36.45 -5.01
CA GLN E 408 -10.69 37.65 -4.86
C GLN E 408 -9.90 38.78 -4.21
N GLY E 409 -9.99 39.98 -4.79
CA GLY E 409 -9.35 41.17 -4.24
C GLY E 409 -7.98 41.54 -4.77
N VAL E 410 -7.17 42.18 -3.92
CA VAL E 410 -5.87 42.72 -4.27
C VAL E 410 -4.84 41.94 -3.50
N ILE E 411 -3.76 41.53 -4.18
CA ILE E 411 -2.72 40.70 -3.59
C ILE E 411 -1.44 41.49 -3.37
N ARG E 412 -0.87 41.36 -2.17
CA ARG E 412 0.44 41.92 -1.89
C ARG E 412 1.17 40.89 -1.03
N CYS E 413 2.46 40.69 -1.32
CA CYS E 413 3.30 39.82 -0.52
C CYS E 413 4.71 40.40 -0.48
N VAL E 414 5.40 40.17 0.63
CA VAL E 414 6.79 40.60 0.81
C VAL E 414 7.63 39.37 1.11
N SER E 415 8.67 39.16 0.30
CA SER E 415 9.54 38.00 0.42
C SER E 415 10.98 38.46 0.57
N ASN E 416 11.83 37.54 1.04
CA ASN E 416 13.27 37.73 1.11
C ASN E 416 13.91 37.00 -0.05
N ILE E 417 14.80 37.67 -0.78
CA ILE E 417 15.63 37.03 -1.79
C ILE E 417 16.87 36.61 -1.03
N THR E 418 17.08 35.29 -0.94
CA THR E 418 18.15 34.71 -0.17
C THR E 418 19.23 34.08 -1.04
N GLY E 419 19.01 33.99 -2.35
CA GLY E 419 20.02 33.43 -3.23
C GLY E 419 19.64 33.60 -4.68
N LEU E 420 20.59 33.27 -5.54
CA LEU E 420 20.46 33.39 -6.99
C LEU E 420 20.83 32.09 -7.68
N ILE E 421 20.23 31.85 -8.84
CA ILE E 421 20.66 30.79 -9.75
C ILE E 421 21.18 31.48 -11.00
N LEU E 422 22.47 31.31 -11.29
CA LEU E 422 23.13 31.91 -12.43
C LEU E 422 23.68 30.85 -13.37
N THR E 423 23.76 31.19 -14.65
CA THR E 423 24.39 30.37 -15.67
C THR E 423 25.49 31.26 -16.25
N ARG E 424 26.43 30.64 -16.96
CA ARG E 424 27.53 31.36 -17.58
C ARG E 424 27.61 31.02 -19.06
N ASP E 425 27.90 32.02 -19.88
CA ASP E 425 28.04 31.83 -21.31
C ASP E 425 29.25 30.94 -21.63
N SER E 431 38.07 34.48 -22.76
CA SER E 431 38.32 35.87 -23.09
C SER E 431 38.60 36.67 -21.83
N THR E 432 38.35 37.98 -21.87
CA THR E 432 38.58 38.87 -20.73
C THR E 432 37.29 39.27 -20.03
N THR E 433 36.13 38.87 -20.56
CA THR E 433 34.83 39.21 -20.00
C THR E 433 34.00 37.95 -19.86
N GLU E 434 33.36 37.79 -18.71
CA GLU E 434 32.45 36.69 -18.44
C GLU E 434 31.06 37.28 -18.25
N THR E 435 30.05 36.60 -18.79
CA THR E 435 28.66 37.04 -18.68
C THR E 435 27.84 35.99 -17.96
N PHE E 436 27.11 36.45 -16.95
CA PHE E 436 26.25 35.61 -16.12
C PHE E 436 24.80 35.98 -16.37
N ARG E 437 23.93 34.96 -16.44
CA ARG E 437 22.51 35.17 -16.71
C ARG E 437 21.65 34.40 -15.73
N PRO E 438 20.42 34.85 -15.47
CA PRO E 438 19.50 34.06 -14.65
C PRO E 438 19.20 32.69 -15.26
N GLY E 439 19.11 31.69 -14.38
CA GLY E 439 18.77 30.33 -14.78
C GLY E 439 17.68 29.79 -13.87
N GLY E 440 17.42 28.49 -13.94
CA GLY E 440 16.41 27.86 -13.11
C GLY E 440 15.45 27.03 -13.93
N GLY E 441 14.43 26.51 -13.22
CA GLY E 441 13.40 25.67 -13.78
C GLY E 441 13.46 24.24 -13.26
N ASP E 442 14.64 23.80 -12.85
CA ASP E 442 14.82 22.49 -12.22
C ASP E 442 14.78 22.74 -10.72
N MET E 443 13.67 22.36 -10.09
CA MET E 443 13.46 22.71 -8.69
C MET E 443 14.45 22.03 -7.76
N ARG E 444 15.13 20.98 -8.21
CA ARG E 444 16.09 20.31 -7.35
C ARG E 444 17.17 21.29 -6.90
N ASP E 445 17.52 22.25 -7.75
CA ASP E 445 18.56 23.21 -7.39
C ASP E 445 18.07 24.18 -6.34
N ASN E 446 16.75 24.30 -6.17
CA ASN E 446 16.23 25.18 -5.13
C ASN E 446 16.36 24.46 -3.79
N TRP E 447 16.22 23.13 -3.82
CA TRP E 447 16.29 22.30 -2.64
C TRP E 447 17.74 21.97 -2.31
N ARG E 448 18.62 21.96 -3.33
CA ARG E 448 20.04 21.76 -3.05
C ARG E 448 20.58 22.92 -2.24
N SER E 449 19.92 24.08 -2.33
CA SER E 449 20.36 25.28 -1.65
C SER E 449 20.04 25.23 -0.17
N GLU E 450 19.18 24.29 0.26
CA GLU E 450 18.85 24.10 1.67
C GLU E 450 19.41 22.81 2.24
N LEU E 451 19.52 21.76 1.41
CA LEU E 451 19.98 20.45 1.85
C LEU E 451 21.49 20.29 1.67
N TYR E 452 22.21 21.33 1.25
CA TYR E 452 23.64 21.22 0.98
C TYR E 452 24.45 20.88 2.24
N LYS E 453 23.94 21.19 3.41
CA LYS E 453 24.69 20.96 4.65
C LYS E 453 24.37 19.64 5.32
N TYR E 454 23.49 18.80 4.76
CA TYR E 454 23.10 17.55 5.36
C TYR E 454 23.55 16.35 4.53
N LYS E 455 23.95 15.31 5.25
CA LYS E 455 24.35 14.02 4.69
C LYS E 455 23.69 12.92 5.48
N VAL E 456 23.24 11.84 4.82
CA VAL E 456 22.66 10.69 5.50
C VAL E 456 23.71 9.60 5.58
N VAL E 457 23.92 9.06 6.79
CA VAL E 457 24.86 7.98 7.02
C VAL E 457 24.22 6.82 7.77
N LYS E 458 24.69 5.62 7.46
CA LYS E 458 24.29 4.38 8.12
C LYS E 458 25.25 4.07 9.25
N ILE E 459 24.70 3.67 10.38
CA ILE E 459 25.50 3.34 11.57
C ILE E 459 25.90 1.87 11.46
N GLU E 460 27.19 1.60 11.72
CA GLU E 460 27.76 0.26 11.62
C GLU E 460 28.23 -0.14 13.02
N PRO E 461 27.32 -0.64 13.86
CA PRO E 461 27.64 -0.84 15.29
C PRO E 461 28.59 -1.98 15.62
N LEU E 462 28.88 -2.90 14.69
CA LEU E 462 29.78 -4.02 14.97
C LEU E 462 31.22 -3.73 14.55
N GLY E 463 32.12 -3.77 15.54
CA GLY E 463 33.52 -3.57 15.32
C GLY E 463 34.29 -4.74 15.88
N VAL E 464 35.49 -4.95 15.35
CA VAL E 464 36.40 -6.00 15.80
C VAL E 464 37.75 -5.36 16.05
N ALA E 465 38.37 -5.69 17.18
CA ALA E 465 39.69 -5.12 17.47
C ALA E 465 40.51 -6.08 18.32
N PRO E 466 41.85 -6.03 18.23
CA PRO E 466 42.67 -6.90 19.08
C PRO E 466 42.68 -6.43 20.53
N THR E 467 42.67 -7.40 21.45
CA THR E 467 42.82 -7.14 22.88
C THR E 467 43.65 -8.26 23.49
N ARG E 468 43.93 -8.14 24.80
CA ARG E 468 44.57 -9.20 25.56
C ARG E 468 43.60 -10.20 26.18
N CYS E 469 42.29 -10.01 25.96
CA CYS E 469 41.26 -10.80 26.61
C CYS E 469 40.94 -12.07 25.83
N LYS E 470 41.05 -13.22 26.47
CA LYS E 470 40.78 -14.52 25.88
C LYS E 470 39.50 -15.07 26.49
N ARG E 471 38.67 -15.68 25.66
CA ARG E 471 37.46 -16.33 26.14
C ARG E 471 37.83 -17.57 26.96
N ARG E 472 37.16 -17.72 28.10
CA ARG E 472 37.36 -18.89 28.97
C ARG E 472 36.12 -19.77 28.94
N GLY F 10 25.97 11.46 24.53
CA GLY F 10 25.01 11.60 23.45
C GLY F 10 25.30 10.69 22.28
N PHE F 11 24.28 10.44 21.45
CA PHE F 11 24.43 9.54 20.31
C PHE F 11 25.55 9.98 19.39
N LEU F 12 26.51 9.07 19.17
CA LEU F 12 27.70 9.27 18.36
C LEU F 12 28.63 10.34 18.93
N GLY F 13 28.44 10.76 20.18
CA GLY F 13 29.32 11.78 20.76
C GLY F 13 30.76 11.33 20.82
N ALA F 14 30.98 10.03 20.98
CA ALA F 14 32.31 9.44 21.07
C ALA F 14 32.93 9.16 19.71
N ALA F 15 32.23 9.50 18.61
CA ALA F 15 32.73 9.19 17.28
C ALA F 15 34.12 9.77 17.04
N GLY F 16 34.41 10.94 17.61
CA GLY F 16 35.72 11.54 17.44
C GLY F 16 36.70 11.18 18.52
N SER F 17 36.29 10.37 19.50
CA SER F 17 37.12 9.99 20.62
C SER F 17 37.94 8.76 20.28
N THR F 18 38.88 8.42 21.15
CA THR F 18 39.72 7.26 20.88
C THR F 18 38.92 5.99 21.07
N MET F 19 39.45 4.89 20.51
CA MET F 19 38.74 3.62 20.60
C MET F 19 38.50 3.20 22.05
N GLY F 20 39.46 3.45 22.94
CA GLY F 20 39.26 3.09 24.34
C GLY F 20 38.12 3.87 24.97
N ALA F 21 38.16 5.20 24.87
CA ALA F 21 37.13 6.03 25.48
C ALA F 21 35.76 5.72 24.89
N ALA F 22 35.71 5.44 23.59
CA ALA F 22 34.43 5.21 22.95
C ALA F 22 33.86 3.86 23.30
N SER F 23 34.64 3.01 23.95
CA SER F 23 34.17 1.68 24.29
C SER F 23 33.25 1.75 25.50
N MET F 24 33.17 2.90 26.19
CA MET F 24 32.30 3.04 27.35
C MET F 24 30.97 3.71 27.00
N THR F 25 30.69 3.93 25.71
CA THR F 25 29.44 4.55 25.25
C THR F 25 28.67 3.59 24.35
N LEU F 26 28.97 2.29 24.41
CA LEU F 26 28.34 1.32 23.51
C LEU F 26 26.83 1.25 23.71
N THR F 27 26.34 1.52 24.93
CA THR F 27 24.91 1.50 25.16
C THR F 27 24.22 2.70 24.54
N VAL F 28 24.97 3.78 24.30
CA VAL F 28 24.38 4.99 23.75
C VAL F 28 24.02 4.75 22.30
N GLN F 29 24.92 4.14 21.54
CA GLN F 29 24.62 3.86 20.15
C GLN F 29 23.69 2.66 20.06
N ALA F 30 23.87 1.67 20.94
CA ALA F 30 23.04 0.47 20.88
C ALA F 30 21.56 0.80 21.03
N ARG F 31 21.21 1.76 21.91
CA ARG F 31 19.80 2.08 22.10
C ARG F 31 19.18 2.82 20.92
N ASN F 32 19.97 3.34 20.00
CA ASN F 32 19.47 4.13 18.87
C ASN F 32 19.45 3.33 17.57
N LEU F 33 19.64 2.01 17.63
CA LEU F 33 19.59 1.16 16.46
C LEU F 33 18.19 0.57 16.23
N LEU F 34 17.26 0.81 17.15
CA LEU F 34 15.94 0.21 17.10
C LEU F 34 14.89 1.18 17.63
N TRP F 60 3.06 9.47 2.96
CA TRP F 60 4.07 9.46 4.01
C TRP F 60 4.04 8.15 4.78
N GLY F 61 2.84 7.59 4.94
CA GLY F 61 2.69 6.37 5.73
C GLY F 61 3.46 5.19 5.16
N ILE F 62 3.54 5.09 3.82
CA ILE F 62 4.27 3.98 3.24
C ILE F 62 5.77 4.15 3.46
N LYS F 63 6.27 5.39 3.42
CA LYS F 63 7.70 5.58 3.63
C LYS F 63 8.07 5.21 5.06
N GLN F 64 7.23 5.58 6.02
CA GLN F 64 7.49 5.24 7.42
C GLN F 64 7.41 3.73 7.62
N LEU F 65 6.46 3.07 6.97
CA LEU F 65 6.35 1.62 7.14
C LEU F 65 7.57 0.90 6.57
N GLN F 66 8.02 1.30 5.37
CA GLN F 66 9.18 0.64 4.79
C GLN F 66 10.44 0.92 5.60
N ALA F 67 10.56 2.14 6.12
CA ALA F 67 11.72 2.46 6.94
C ALA F 67 11.72 1.66 8.24
N ARG F 68 10.54 1.45 8.83
CA ARG F 68 10.47 0.66 10.06
C ARG F 68 10.86 -0.78 9.81
N VAL F 69 10.39 -1.35 8.69
CA VAL F 69 10.71 -2.74 8.39
C VAL F 69 12.20 -2.89 8.12
N LEU F 70 12.80 -1.96 7.38
CA LEU F 70 14.21 -2.11 7.09
C LEU F 70 15.07 -1.89 8.33
N ALA F 71 14.64 -1.00 9.24
CA ALA F 71 15.38 -0.81 10.49
C ALA F 71 15.38 -2.09 11.32
N VAL F 72 14.23 -2.78 11.33
CA VAL F 72 14.12 -4.03 12.06
C VAL F 72 15.02 -5.10 11.45
N GLU F 73 15.04 -5.19 10.11
CA GLU F 73 15.89 -6.21 9.50
C GLU F 73 17.37 -5.95 9.79
N HIS F 74 17.81 -4.69 9.78
CA HIS F 74 19.22 -4.44 10.07
C HIS F 74 19.58 -4.79 11.50
N TYR F 75 18.68 -4.42 12.44
CA TYR F 75 18.92 -4.74 13.83
C TYR F 75 19.06 -6.24 14.01
N LEU F 76 18.11 -7.01 13.45
CA LEU F 76 18.14 -8.45 13.64
C LEU F 76 19.34 -9.07 12.95
N ARG F 77 19.79 -8.54 11.81
CA ARG F 77 20.95 -9.11 11.16
C ARG F 77 22.19 -8.97 12.04
N ASP F 78 22.34 -7.82 12.69
CA ASP F 78 23.49 -7.65 13.58
C ASP F 78 23.35 -8.52 14.82
N GLN F 79 22.13 -8.67 15.33
CA GLN F 79 21.95 -9.52 16.50
C GLN F 79 22.21 -10.99 16.16
N GLN F 80 21.85 -11.40 14.95
CA GLN F 80 22.11 -12.77 14.53
C GLN F 80 23.60 -13.02 14.42
N LEU F 81 24.35 -12.03 13.90
CA LEU F 81 25.80 -12.23 13.84
C LEU F 81 26.38 -12.35 15.25
N LEU F 82 25.89 -11.54 16.18
CA LEU F 82 26.39 -11.66 17.55
C LEU F 82 26.04 -13.03 18.15
N GLY F 83 24.82 -13.52 17.89
CA GLY F 83 24.41 -14.79 18.44
C GLY F 83 25.22 -15.96 17.95
N ILE F 84 25.46 -16.01 16.63
CA ILE F 84 26.19 -17.15 16.06
C ILE F 84 27.65 -17.17 16.51
N TRP F 85 28.19 -16.03 16.94
CA TRP F 85 29.55 -15.96 17.46
C TRP F 85 29.61 -16.23 18.96
N GLY F 86 28.46 -16.41 19.62
CA GLY F 86 28.41 -16.58 21.05
C GLY F 86 28.41 -15.30 21.84
N CYS F 87 28.02 -14.19 21.21
CA CYS F 87 28.04 -12.85 21.80
C CYS F 87 26.63 -12.27 21.90
N SER F 88 25.60 -13.13 21.98
CA SER F 88 24.21 -12.66 21.89
C SER F 88 23.80 -11.65 22.96
N GLY F 89 24.37 -11.73 24.15
CA GLY F 89 24.02 -10.84 25.24
C GLY F 89 25.05 -9.82 25.67
N LYS F 90 26.10 -9.58 24.90
CA LYS F 90 27.21 -8.75 25.33
C LYS F 90 27.43 -7.58 24.38
N LEU F 91 27.99 -6.50 24.93
CA LEU F 91 28.47 -5.36 24.16
C LEU F 91 29.96 -5.49 23.86
N ILE F 92 30.71 -6.02 24.81
CA ILE F 92 32.14 -6.31 24.65
C ILE F 92 32.25 -7.81 24.81
N CYS F 93 32.65 -8.51 23.75
CA CYS F 93 32.69 -9.96 23.73
C CYS F 93 34.07 -10.45 23.31
N CYS F 94 34.75 -11.15 24.21
CA CYS F 94 36.07 -11.70 23.94
C CYS F 94 35.88 -13.07 23.32
N THR F 95 36.76 -13.44 22.39
CA THR F 95 36.64 -14.71 21.66
C THR F 95 37.94 -15.50 21.74
N ASN F 96 37.92 -16.67 21.09
CA ASN F 96 39.06 -17.57 21.00
C ASN F 96 39.71 -17.57 19.62
N VAL F 97 39.46 -16.55 18.80
CA VAL F 97 40.10 -16.41 17.50
C VAL F 97 41.34 -15.53 17.68
N PRO F 98 42.54 -16.00 17.35
CA PRO F 98 43.72 -15.14 17.54
C PRO F 98 43.76 -14.03 16.52
N TRP F 99 44.43 -12.95 16.87
CA TRP F 99 44.60 -11.85 15.93
C TRP F 99 45.74 -12.19 14.99
N ASN F 100 45.48 -12.06 13.69
CA ASN F 100 46.48 -12.29 12.65
C ASN F 100 47.15 -10.97 12.32
N SER F 101 48.48 -10.92 12.48
CA SER F 101 49.21 -9.68 12.27
C SER F 101 49.11 -9.16 10.84
N SER F 102 48.64 -9.97 9.89
CA SER F 102 48.48 -9.48 8.52
C SER F 102 47.25 -8.58 8.40
N TRP F 103 46.32 -8.66 9.37
CA TRP F 103 45.12 -7.82 9.33
C TRP F 103 45.49 -6.42 9.78
N SER F 104 46.32 -6.33 10.81
CA SER F 104 46.84 -5.07 11.33
C SER F 104 48.06 -5.41 12.16
N ASN F 105 49.17 -4.71 11.92
CA ASN F 105 50.40 -4.93 12.65
C ASN F 105 50.68 -3.82 13.66
N ARG F 106 49.65 -3.08 14.03
CA ARG F 106 49.75 -2.02 15.03
C ARG F 106 49.70 -2.65 16.42
N ASN F 107 50.27 -1.95 17.40
CA ASN F 107 50.23 -2.42 18.77
C ASN F 107 48.93 -1.95 19.42
N LEU F 108 48.72 -2.32 20.69
CA LEU F 108 47.47 -1.95 21.33
C LEU F 108 47.43 -0.49 21.74
N SER F 109 48.58 0.13 22.02
CA SER F 109 48.51 1.52 22.43
C SER F 109 48.20 2.42 21.24
N GLU F 110 48.68 2.05 20.05
CA GLU F 110 48.36 2.82 18.86
C GLU F 110 46.88 2.72 18.52
N ILE F 111 46.34 1.51 18.62
CA ILE F 111 44.95 1.27 18.25
C ILE F 111 44.00 1.90 19.27
N TRP F 112 44.26 1.68 20.56
CA TRP F 112 43.32 2.13 21.59
C TRP F 112 43.52 3.56 22.10
N ASP F 113 44.75 4.11 22.09
CA ASP F 113 44.97 5.45 22.62
C ASP F 113 45.03 6.53 21.56
N ASN F 114 45.42 6.23 20.33
CA ASN F 114 45.52 7.24 19.28
C ASN F 114 44.37 7.19 18.28
N MET F 115 43.99 6.01 17.83
CA MET F 115 42.94 5.88 16.82
C MET F 115 41.53 5.98 17.37
N THR F 116 40.63 6.43 16.50
CA THR F 116 39.19 6.44 16.75
C THR F 116 38.64 5.21 16.03
N TRP F 117 37.38 4.87 16.31
CA TRP F 117 36.79 3.70 15.66
C TRP F 117 36.56 3.91 14.16
N LEU F 118 36.36 5.15 13.68
CA LEU F 118 36.17 5.35 12.24
C LEU F 118 37.45 5.02 11.48
N GLN F 119 38.60 5.45 12.01
CA GLN F 119 39.86 5.17 11.34
C GLN F 119 40.16 3.68 11.38
N TRP F 120 39.87 3.03 12.51
CA TRP F 120 40.11 1.60 12.61
C TRP F 120 39.25 0.83 11.63
N ASP F 121 37.97 1.18 11.53
CA ASP F 121 37.11 0.47 10.59
C ASP F 121 37.64 0.66 9.18
N LYS F 122 38.13 1.87 8.87
CA LYS F 122 38.68 2.09 7.54
C LYS F 122 39.95 1.28 7.25
N GLU F 123 40.87 1.18 8.20
CA GLU F 123 42.10 0.41 7.94
C GLU F 123 41.86 -1.09 7.74
N ILE F 124 40.95 -1.69 8.50
CA ILE F 124 40.75 -3.14 8.42
C ILE F 124 39.41 -3.54 7.81
N SER F 125 38.77 -2.65 7.04
CA SER F 125 37.48 -3.01 6.48
C SER F 125 37.61 -4.20 5.53
N ASN F 126 38.79 -4.35 4.90
CA ASN F 126 39.00 -5.39 3.91
C ASN F 126 39.13 -6.77 4.52
N TYR F 127 39.24 -6.86 5.84
CA TYR F 127 39.40 -8.15 6.51
C TYR F 127 38.16 -8.49 7.31
N THR F 128 37.09 -7.68 7.21
CA THR F 128 35.92 -7.89 8.05
C THR F 128 35.33 -9.27 7.82
N GLN F 129 35.20 -9.67 6.55
CA GLN F 129 34.56 -10.92 6.25
C GLN F 129 35.46 -12.09 6.57
N ILE F 130 36.78 -11.90 6.59
CA ILE F 130 37.63 -13.01 6.97
C ILE F 130 37.41 -13.31 8.46
N ILE F 131 37.40 -12.25 9.27
CA ILE F 131 37.30 -12.41 10.71
C ILE F 131 35.97 -13.04 11.07
N TYR F 132 34.89 -12.59 10.45
CA TYR F 132 33.58 -13.12 10.78
C TYR F 132 33.52 -14.61 10.53
N GLY F 133 34.11 -15.07 9.42
CA GLY F 133 34.08 -16.50 9.15
C GLY F 133 34.81 -17.29 10.22
N LEU F 134 35.95 -16.78 10.68
CA LEU F 134 36.68 -17.50 11.71
C LEU F 134 35.87 -17.55 13.00
N LEU F 135 35.18 -16.44 13.30
CA LEU F 135 34.40 -16.40 14.53
C LEU F 135 33.28 -17.42 14.47
N GLU F 136 32.69 -17.55 13.29
CA GLU F 136 31.60 -18.50 13.13
C GLU F 136 32.07 -19.91 13.35
N GLU F 137 33.27 -20.22 12.87
CA GLU F 137 33.75 -21.58 13.04
C GLU F 137 34.08 -21.87 14.49
N SER F 138 34.72 -20.91 15.18
CA SER F 138 35.12 -21.19 16.56
C SER F 138 33.95 -21.39 17.50
N GLN F 139 32.89 -20.59 17.37
CA GLN F 139 31.79 -20.77 18.28
C GLN F 139 31.10 -22.10 18.02
N ASN F 140 31.01 -22.49 16.74
CA ASN F 140 30.34 -23.75 16.47
C ASN F 140 31.15 -24.90 17.06
N GLN F 141 32.48 -24.81 16.96
CA GLN F 141 33.31 -25.87 17.52
C GLN F 141 33.16 -25.92 19.03
N GLN F 142 33.05 -24.75 19.66
CA GLN F 142 32.93 -24.72 21.11
C GLN F 142 31.64 -25.37 21.56
N GLU F 143 30.55 -25.17 20.81
CA GLU F 143 29.30 -25.80 21.23
C GLU F 143 29.40 -27.31 21.13
N LYS F 144 30.12 -27.82 20.13
CA LYS F 144 30.30 -29.26 20.02
C LYS F 144 31.00 -29.78 21.27
N ASN F 145 32.04 -29.07 21.70
CA ASN F 145 32.77 -29.57 22.84
C ASN F 145 31.91 -29.49 24.09
N GLU F 146 31.05 -28.47 24.19
CA GLU F 146 30.19 -28.40 25.35
C GLU F 146 29.27 -29.61 25.38
N GLN F 147 28.70 -29.95 24.22
CA GLN F 147 27.82 -31.11 24.18
C GLN F 147 28.60 -32.37 24.53
N ASP F 148 29.84 -32.45 24.04
CA ASP F 148 30.68 -33.61 24.31
C ASP F 148 30.98 -33.73 25.80
N LEU F 149 31.14 -32.60 26.49
CA LEU F 149 31.46 -32.69 27.91
C LEU F 149 30.22 -33.00 28.74
N LEU F 150 29.05 -32.49 28.34
CA LEU F 150 27.84 -32.77 29.14
C LEU F 150 27.36 -34.21 28.99
N ALA F 151 27.85 -34.95 28.00
CA ALA F 151 27.47 -36.34 27.84
C ALA F 151 28.29 -37.28 28.72
N LEU F 152 29.29 -36.79 29.44
CA LEU F 152 30.12 -37.63 30.30
C LEU F 152 29.56 -37.66 31.71
C1 NAG G . 10.52 -16.14 -29.64
C2 NAG G . 9.52 -15.01 -29.82
C3 NAG G . 9.83 -14.25 -31.10
C4 NAG G . 11.26 -13.71 -31.04
C5 NAG G . 12.21 -14.89 -30.82
C6 NAG G . 13.65 -14.46 -30.63
C7 NAG G . 7.16 -15.11 -29.09
C8 NAG G . 5.84 -15.78 -29.29
N2 NAG G . 8.16 -15.54 -29.87
O3 NAG G . 8.91 -13.18 -31.26
O4 NAG G . 11.56 -13.08 -32.28
O5 NAG G . 11.84 -15.59 -29.63
O6 NAG G . 13.84 -13.85 -29.36
O7 NAG G . 7.32 -14.23 -28.25
C1 NAG G . 12.19 -11.79 -32.12
C2 NAG G . 12.90 -11.47 -33.42
C3 NAG G . 13.60 -10.13 -33.29
C4 NAG G . 12.57 -9.06 -32.94
C5 NAG G . 11.85 -9.45 -31.65
C6 NAG G . 10.73 -8.49 -31.30
C7 NAG G . 13.89 -13.07 -35.00
C8 NAG G . 14.93 -14.13 -35.20
N2 NAG G . 13.84 -12.51 -33.79
O3 NAG G . 14.24 -9.80 -34.51
O4 NAG G . 13.21 -7.80 -32.75
O5 NAG G . 11.26 -10.74 -31.79
O6 NAG G . 9.80 -8.37 -32.37
O7 NAG G . 13.13 -12.72 -35.91
C1 NAG H . -32.48 -8.59 11.00
C2 NAG H . -32.39 -7.92 9.64
C3 NAG H . -33.44 -8.53 8.72
C4 NAG H . -33.21 -10.03 8.62
C5 NAG H . -33.27 -10.64 10.02
C6 NAG H . -32.95 -12.12 10.04
C7 NAG H . -31.76 -5.56 9.27
C8 NAG H . -32.15 -4.14 9.50
N2 NAG H . -32.60 -6.49 9.76
O3 NAG H . -33.35 -7.93 7.43
O4 NAG H . -34.25 -10.59 7.81
O5 NAG H . -32.29 -10.00 10.85
O6 NAG H . -31.56 -12.35 9.81
O7 NAG H . -30.73 -5.88 8.69
C1 NAG H . -33.76 -11.51 6.81
C2 NAG H . -34.93 -12.39 6.40
C3 NAG H . -34.46 -13.39 5.36
C4 NAG H . -33.88 -12.65 4.17
C5 NAG H . -32.74 -11.75 4.63
C6 NAG H . -32.19 -10.88 3.53
C7 NAG H . -36.84 -13.08 7.79
C8 NAG H . -37.27 -13.82 9.01
N2 NAG H . -35.53 -13.07 7.54
O3 NAG H . -35.56 -14.20 4.94
O4 NAG H . -33.38 -13.58 3.21
O5 NAG H . -33.22 -10.86 5.67
O6 NAG H . -33.22 -10.11 2.92
O7 NAG H . -37.65 -12.51 7.06
C1 NAG I . 7.84 34.42 1.90
C2 NAG I . 6.68 34.05 0.98
C3 NAG I . 5.62 35.14 1.05
C4 NAG I . 5.15 35.29 2.50
C5 NAG I . 6.35 35.62 3.37
C6 NAG I . 6.02 35.68 4.85
C7 NAG I . 6.92 32.81 -1.14
C8 NAG I . 7.49 32.84 -2.52
N2 NAG I . 7.15 33.89 -0.39
O3 NAG I . 4.52 34.79 0.22
O4 NAG I . 4.21 36.36 2.56
O5 NAG I . 7.34 34.59 3.23
O6 NAG I . 5.78 34.40 5.39
O7 NAG I . 6.30 31.84 -0.71
C1 NAG I . 3.02 36.04 3.32
C2 NAG I . 2.38 37.36 3.73
C3 NAG I . 1.13 37.07 4.55
C4 NAG I . 0.18 36.21 3.73
C5 NAG I . 0.88 34.93 3.30
C6 NAG I . 0.04 34.08 2.38
C7 NAG I . 3.52 39.48 4.18
C8 NAG I . 4.51 40.19 5.04
N2 NAG I . 3.31 38.20 4.46
O3 NAG I . 0.51 38.29 4.91
O4 NAG I . -0.97 35.88 4.51
O5 NAG I . 2.09 35.25 2.58
O6 NAG I . -0.38 34.82 1.24
O7 NAG I . 2.94 40.05 3.26
C1 NAG J . 24.74 -39.68 0.60
C2 NAG J . 25.70 -38.86 1.45
C3 NAG J . 27.11 -39.42 1.29
C4 NAG J . 27.12 -40.89 1.71
C5 NAG J . 26.11 -41.65 0.85
C6 NAG J . 25.98 -43.11 1.25
C7 NAG J . 25.58 -36.46 1.96
C8 NAG J . 25.56 -35.07 1.38
N2 NAG J . 25.67 -37.45 1.07
O3 NAG J . 28.01 -38.68 2.11
O4 NAG J . 28.42 -41.44 1.53
O5 NAG J . 24.81 -41.06 1.00
O6 NAG J . 25.18 -43.82 0.32
O7 NAG J . 25.50 -36.66 3.17
C1 NAG K . -11.40 4.87 -47.98
C2 NAG K . -10.06 5.00 -48.68
C3 NAG K . -9.82 6.46 -49.04
C4 NAG K . -10.97 6.96 -49.90
C5 NAG K . -12.28 6.80 -49.15
C6 NAG K . -13.49 7.18 -49.96
C7 NAG K . -7.89 3.90 -48.34
C8 NAG K . -6.86 3.49 -47.34
N2 NAG K . -8.96 4.51 -47.85
O3 NAG K . -8.59 6.60 -49.73
O4 NAG K . -10.77 8.34 -50.21
O5 NAG K . -12.44 5.40 -48.81
O6 NAG K . -13.74 6.25 -51.00
O7 NAG K . -7.75 3.68 -49.54
C1 NAG L . -21.14 12.62 -39.55
C2 NAG L . -21.66 11.46 -40.38
C3 NAG L . -22.52 12.00 -41.52
C4 NAG L . -23.65 12.85 -40.94
C5 NAG L . -23.05 13.98 -40.12
C6 NAG L . -24.09 14.84 -39.45
C7 NAG L . -20.34 9.40 -40.59
C8 NAG L . -19.15 8.75 -41.26
N2 NAG L . -20.56 10.67 -40.92
O3 NAG L . -23.06 10.91 -42.26
O4 NAG L . -24.42 13.39 -42.01
O5 NAG L . -22.24 13.42 -39.09
O6 NAG L . -23.52 16.03 -38.93
O7 NAG L . -21.04 8.79 -39.79
C1 NAG M . -22.27 -8.58 -28.46
C2 NAG M . -23.07 -9.72 -27.81
C3 NAG M . -22.66 -11.04 -28.42
C4 NAG M . -22.91 -10.99 -29.93
C5 NAG M . -22.11 -9.84 -30.53
C6 NAG M . -22.34 -9.65 -32.01
C7 NAG M . -23.73 -9.21 -25.48
C8 NAG M . -23.34 -9.33 -24.05
N2 NAG M . -22.86 -9.74 -26.37
O3 NAG M . -23.43 -12.09 -27.85
O4 NAG M . -22.50 -12.21 -30.53
O5 NAG M . -22.50 -8.60 -29.89
O6 NAG M . -23.71 -9.36 -32.28
O7 NAG M . -24.76 -8.67 -25.84
C1 NAG N . 3.50 -39.76 -13.86
C2 NAG N . 2.33 -40.51 -14.50
C3 NAG N . 1.47 -41.12 -13.42
C4 NAG N . 2.33 -42.06 -12.58
C5 NAG N . 3.51 -41.28 -11.99
C6 NAG N . 4.47 -42.16 -11.22
C7 NAG N . 1.87 -39.33 -16.62
C8 NAG N . 0.93 -38.43 -17.35
N2 NAG N . 1.54 -39.64 -15.36
O3 NAG N . 0.41 -41.85 -14.01
O4 NAG N . 1.55 -42.60 -11.52
O5 NAG N . 4.26 -40.67 -13.06
O6 NAG N . 5.45 -41.39 -10.54
O7 NAG N . 2.90 -39.76 -17.13
C1 NAG O . -8.74 -40.31 -13.31
C2 NAG O . -9.27 -40.52 -11.90
C3 NAG O . -10.06 -41.81 -11.85
C4 NAG O . -11.19 -41.75 -12.88
C5 NAG O . -10.60 -41.51 -14.26
C6 NAG O . -11.64 -41.34 -15.34
C7 NAG O . -8.01 -39.66 -9.96
C8 NAG O . -6.82 -39.88 -9.07
N2 NAG O . -8.18 -40.55 -10.94
O3 NAG O . -10.61 -41.99 -10.55
O4 NAG O . -11.91 -42.98 -12.88
O5 NAG O . -9.84 -40.30 -14.24
O6 NAG O . -12.30 -40.08 -15.23
O7 NAG O . -8.78 -38.71 -9.80
C1 NAG P . 12.98 -19.49 -41.11
C2 NAG P . 13.12 -20.78 -41.91
C3 NAG P . 14.58 -21.20 -41.95
C4 NAG P . 15.41 -20.07 -42.55
C5 NAG P . 15.22 -18.82 -41.71
C6 NAG P . 15.95 -17.62 -42.26
C7 NAG P . 11.20 -22.34 -41.86
C8 NAG P . 10.50 -23.42 -41.10
N2 NAG P . 12.31 -21.84 -41.31
O3 NAG P . 14.71 -22.38 -42.75
O4 NAG P . 16.79 -20.43 -42.56
O5 NAG P . 13.81 -18.48 -41.69
O6 NAG P . 15.79 -16.49 -41.42
O7 NAG P . 10.77 -21.94 -42.95
C1 NAG Q . 7.57 -0.16 -46.33
C2 NAG Q . 8.93 -0.56 -46.90
C3 NAG Q . 9.97 0.46 -46.50
C4 NAG Q . 9.54 1.84 -46.98
C5 NAG Q . 8.18 2.17 -46.40
C6 NAG Q . 7.62 3.49 -46.90
C7 NAG Q . 9.14 -2.99 -47.19
C8 NAG Q . 9.60 -4.28 -46.57
N2 NAG Q . 9.31 -1.89 -46.46
O3 NAG Q . 11.23 0.11 -47.05
O4 NAG Q . 10.49 2.82 -46.56
O5 NAG Q . 7.23 1.16 -46.78
O6 NAG Q . 6.55 3.94 -46.10
O7 NAG Q . 8.63 -2.97 -48.30
C1 NAG R . 6.71 -19.50 -46.51
C2 NAG R . 7.43 -18.15 -46.59
C3 NAG R . 7.01 -17.43 -47.86
C4 NAG R . 7.31 -18.31 -49.07
C5 NAG R . 6.60 -19.65 -48.91
C6 NAG R . 6.91 -20.62 -50.03
C7 NAG R . 7.86 -17.38 -44.30
C8 NAG R . 7.42 -16.46 -43.20
N2 NAG R . 7.15 -17.33 -45.42
O3 NAG R . 7.71 -16.20 -47.95
O4 NAG R . 6.88 -17.66 -50.26
O5 NAG R . 7.01 -20.27 -47.69
O6 NAG R . 6.08 -21.77 -49.97
O7 NAG R . 8.83 -18.12 -44.17
C1 NAG S . -9.24 -23.64 -40.61
C2 NAG S . -10.58 -23.17 -40.05
C3 NAG S . -11.59 -24.29 -40.22
C4 NAG S . -11.70 -24.66 -41.69
C5 NAG S . -10.32 -25.08 -42.19
C6 NAG S . -10.30 -25.38 -43.68
C7 NAG S . -10.78 -21.59 -38.17
C8 NAG S . -10.59 -21.41 -36.69
N2 NAG S . -10.47 -22.80 -38.64
O3 NAG S . -12.87 -23.87 -39.73
O4 NAG S . -12.61 -25.74 -41.86
O5 NAG S . -9.39 -24.01 -41.98
O6 NAG S . -9.03 -25.83 -44.09
O7 NAG S . -11.18 -20.69 -38.89
C1 NAG T . 15.58 -22.56 -30.59
C2 NAG T . 16.09 -21.18 -30.20
C3 NAG T . 17.58 -21.09 -30.50
C4 NAG T . 18.31 -22.19 -29.75
C5 NAG T . 17.74 -23.54 -30.16
C6 NAG T . 18.34 -24.70 -29.40
C7 NAG T . 14.60 -19.22 -30.28
C8 NAG T . 13.93 -18.22 -31.18
N2 NAG T . 15.36 -20.13 -30.89
O3 NAG T . 18.08 -19.81 -30.10
O4 NAG T . 19.71 -22.16 -30.06
O5 NAG T . 16.33 -23.57 -29.89
O6 NAG T . 17.94 -25.95 -29.94
O7 NAG T . 14.47 -19.20 -29.07
C1 NAG U . -8.70 -13.70 43.86
C2 NAG U . -7.65 -14.76 43.55
C3 NAG U . -7.91 -15.98 44.42
C4 NAG U . -7.87 -15.58 45.89
C5 NAG U . -8.91 -14.49 46.13
C6 NAG U . -8.89 -13.96 47.55
C7 NAG U . -6.57 -15.20 41.39
C8 NAG U . -6.78 -15.59 39.95
N2 NAG U . -7.67 -15.12 42.14
O3 NAG U . -6.92 -16.96 44.16
O4 NAG U . -8.16 -16.71 46.71
O5 NAG U . -8.66 -13.37 45.27
O6 NAG U . -9.99 -13.09 47.79
O7 NAG U . -5.45 -14.97 41.84
C1 NAG V . -45.52 5.61 -18.76
C2 NAG V . -46.14 4.22 -18.70
C3 NAG V . -46.12 3.58 -20.08
C4 NAG V . -46.86 4.48 -21.06
C5 NAG V . -46.20 5.86 -21.08
C6 NAG V . -46.92 6.86 -21.95
C7 NAG V . -46.03 2.44 -17.00
C8 NAG V . -45.15 1.63 -16.11
N2 NAG V . -45.42 3.36 -17.75
O3 NAG V . -46.73 2.30 -20.04
O4 NAG V . -46.81 3.92 -22.37
O5 NAG V . -46.21 6.40 -19.74
O6 NAG V . -48.15 7.24 -21.39
O7 NAG V . -47.25 2.26 -17.04
C1 NAG W . -35.65 13.73 -26.66
C2 NAG W . -36.75 14.47 -25.91
C3 NAG W . -37.73 15.06 -26.91
C4 NAG W . -37.00 15.98 -27.86
C5 NAG W . -35.91 15.19 -28.57
C6 NAG W . -35.06 16.02 -29.50
C7 NAG W . -37.44 13.69 -23.67
C8 NAG W . -38.21 12.67 -22.91
N2 NAG W . -37.44 13.57 -25.00
O3 NAG W . -38.74 15.78 -26.21
O4 NAG W . -37.91 16.50 -28.83
O5 NAG W . -35.02 14.63 -27.60
O6 NAG W . -34.25 15.22 -30.34
O7 NAG W . -36.83 14.60 -23.10
C1 NAG X . -30.17 21.19 -4.56
C2 NAG X . -29.83 22.29 -3.56
C3 NAG X . -30.75 22.19 -2.36
C4 NAG X . -32.20 22.28 -2.82
C5 NAG X . -32.48 21.17 -3.82
C6 NAG X . -33.87 21.22 -4.41
C7 NAG X . -27.48 23.00 -3.66
C8 NAG X . -26.10 22.78 -3.12
N2 NAG X . -28.44 22.22 -3.15
O3 NAG X . -30.47 23.24 -1.44
O4 NAG X . -33.08 22.15 -1.71
O5 NAG X . -31.56 21.28 -4.93
O6 NAG X . -34.09 22.43 -5.11
O7 NAG X . -27.71 23.83 -4.54
C1 NAG Y . -23.18 5.54 34.88
C2 NAG Y . -24.02 6.79 35.12
C3 NAG Y . -23.13 7.88 35.73
C4 NAG Y . -22.54 7.36 37.02
C5 NAG Y . -21.74 6.08 36.74
C6 NAG Y . -21.20 5.44 38.00
C7 NAG Y . -25.79 6.77 33.41
C8 NAG Y . -26.29 7.38 32.15
N2 NAG Y . -24.64 7.27 33.90
O3 NAG Y . -23.90 9.04 35.97
O4 NAG Y . -21.66 8.34 37.57
O5 NAG Y . -22.62 5.11 36.13
O6 NAG Y . -20.33 4.36 37.70
O7 NAG Y . -26.37 5.83 33.96
C1 NAG Z . -23.05 17.51 32.25
C2 NAG Z . -21.74 18.20 32.63
C3 NAG Z . -22.03 19.30 33.64
C4 NAG Z . -23.04 20.29 33.04
C5 NAG Z . -24.31 19.53 32.66
C6 NAG Z . -25.33 20.41 31.97
C7 NAG Z . -19.63 16.94 32.62
C8 NAG Z . -18.79 15.93 33.35
N2 NAG Z . -20.80 17.24 33.18
O3 NAG Z . -20.84 19.98 33.97
O4 NAG Z . -23.37 21.29 34.00
O5 NAG Z . -23.97 18.49 31.73
O6 NAG Z . -24.93 20.73 30.65
O7 NAG Z . -19.26 17.45 31.56
C1 NAG AA . -44.36 -11.09 12.13
C2 NAG AA . -45.46 -10.97 13.20
C3 NAG AA . -45.57 -12.27 13.96
C4 NAG AA . -45.85 -13.41 13.00
C5 NAG AA . -44.73 -13.47 11.96
C6 NAG AA . -44.95 -14.53 10.90
C7 NAG AA . -45.84 -8.73 14.14
C8 NAG AA . -45.38 -7.71 15.14
N2 NAG AA . -45.15 -9.87 14.10
O3 NAG AA . -46.62 -12.17 14.91
O4 NAG AA . -45.91 -14.65 13.69
O5 NAG AA . -44.66 -12.21 11.28
O6 NAG AA . -43.85 -14.59 10.00
O7 NAG AA . -46.80 -8.51 13.40
C1 NAG BA . -44.76 -11.26 -8.61
C2 NAG BA . -45.38 -12.51 -8.00
C3 NAG BA . -44.70 -13.74 -8.59
C4 NAG BA . -44.85 -13.72 -10.10
C5 NAG BA . -44.23 -12.44 -10.64
C6 NAG BA . -44.41 -12.28 -12.13
C7 NAG BA . -46.26 -12.12 -5.74
C8 NAG BA . -45.96 -12.18 -4.27
N2 NAG BA . -45.27 -12.50 -6.55
O3 NAG BA . -45.30 -14.91 -8.05
O4 NAG BA . -44.17 -14.84 -10.66
O5 NAG BA . -44.88 -11.31 -10.04
O6 NAG BA . -43.53 -11.29 -12.66
O7 NAG BA . -47.34 -11.73 -6.16
C1 NAG CA . -49.74 -5.51 9.20
C2 NAG CA . -49.46 -6.56 8.12
C3 NAG CA . -50.52 -6.45 7.04
C4 NAG CA . -51.90 -6.63 7.66
C5 NAG CA . -52.10 -5.58 8.75
C6 NAG CA . -53.41 -5.74 9.48
C7 NAG CA . -47.04 -6.98 8.05
C8 NAG CA . -45.76 -6.68 7.33
N2 NAG CA . -48.13 -6.39 7.56
O3 NAG CA . -50.29 -7.45 6.05
O4 NAG CA . -52.91 -6.47 6.66
O5 NAG CA . -51.06 -5.71 9.73
O6 NAG CA . -53.66 -4.64 10.36
O7 NAG CA . -47.08 -7.71 9.03
C1 NAG DA . -45.37 11.41 10.17
C2 NAG DA . -44.75 12.63 9.52
C3 NAG DA . -45.22 13.88 10.25
C4 NAG DA . -46.73 13.94 10.23
C5 NAG DA . -47.30 12.68 10.87
C6 NAG DA . -48.81 12.61 10.81
C7 NAG DA . -42.55 12.58 8.42
C8 NAG DA . -41.07 12.48 8.65
N2 NAG DA . -43.30 12.54 9.53
O3 NAG DA . -44.67 15.03 9.63
O4 NAG DA . -47.18 15.08 10.95
O5 NAG DA . -46.80 11.52 10.16
O6 NAG DA . -49.30 11.46 11.48
O7 NAG DA . -43.03 12.68 7.30
C1 NAG EA . -34.88 -11.91 18.14
C2 NAG EA . -34.14 -12.72 17.08
C3 NAG EA . -34.39 -14.21 17.33
C4 NAG EA . -33.92 -14.57 18.73
C5 NAG EA . -34.66 -13.70 19.74
C6 NAG EA . -34.19 -13.93 21.16
C7 NAG EA . -33.77 -11.79 14.83
C8 NAG EA . -34.41 -11.47 13.51
N2 NAG EA . -34.58 -12.34 15.75
O3 NAG EA . -33.67 -14.97 16.36
O4 NAG EA . -34.18 -15.94 19.00
O5 NAG EA . -34.43 -12.32 19.45
O6 NAG EA . -35.04 -13.27 22.10
O7 NAG EA . -32.59 -11.57 15.05
C1 NAG FA . 38.92 15.65 20.68
C2 NAG FA . 38.37 14.88 21.89
C3 NAG FA . 38.91 15.52 23.16
C4 NAG FA . 40.43 15.50 23.14
C5 NAG FA . 40.91 16.25 21.89
C6 NAG FA . 42.42 16.22 21.74
C7 NAG FA . 36.19 13.76 22.09
C8 NAG FA . 34.70 13.94 22.06
N2 NAG FA . 36.92 14.87 21.88
O3 NAG FA . 38.43 14.79 24.29
O4 NAG FA . 40.94 16.14 24.31
O5 NAG FA . 40.35 15.65 20.73
O6 NAG FA . 42.84 17.07 20.68
O7 NAG FA . 36.71 12.67 22.28
C1 NAG GA . -17.77 40.80 -21.79
C2 NAG GA . -18.07 41.76 -20.64
C3 NAG GA . -19.56 41.78 -20.37
C4 NAG GA . -20.30 42.18 -21.64
C5 NAG GA . -19.96 41.19 -22.75
C6 NAG GA . -20.59 41.55 -24.07
C7 NAG GA . -16.86 42.26 -18.55
C8 NAG GA . -16.18 41.68 -17.36
N2 NAG GA . -17.35 41.37 -19.43
O3 NAG GA . -19.85 42.70 -19.32
O4 NAG GA . -21.71 42.17 -21.40
O5 NAG GA . -18.53 41.18 -22.94
O6 NAG GA . -19.97 42.70 -24.63
O7 NAG GA . -16.97 43.47 -18.72
C1 NAG HA . -23.19 28.55 -28.59
C2 NAG HA . -22.31 29.49 -29.39
C3 NAG HA . -23.16 30.20 -30.44
C4 NAG HA . -23.84 29.17 -31.33
C5 NAG HA . -24.70 28.26 -30.46
C6 NAG HA . -25.37 27.15 -31.24
C7 NAG HA . -20.35 30.54 -28.34
C8 NAG HA . -19.88 31.61 -27.40
N2 NAG HA . -21.67 30.46 -28.52
O3 NAG HA . -22.32 31.04 -31.23
O4 NAG HA . -24.66 29.83 -32.28
O5 NAG HA . -23.87 27.63 -29.48
O6 NAG HA . -26.37 26.50 -30.46
O7 NAG HA . -19.56 29.77 -28.88
C1 NAG IA . 0.17 23.28 -28.94
C2 NAG IA . 1.42 22.76 -29.66
C3 NAG IA . 2.54 23.79 -29.52
C4 NAG IA . 2.08 25.11 -30.10
C5 NAG IA . 0.83 25.58 -29.37
C6 NAG IA . 0.25 26.86 -29.93
C7 NAG IA . 1.54 20.31 -29.71
C8 NAG IA . 2.05 19.08 -29.02
N2 NAG IA . 1.83 21.48 -29.12
O3 NAG IA . 3.69 23.32 -30.22
O4 NAG IA . 3.11 26.08 -29.96
O5 NAG IA . -0.19 24.57 -29.49
O6 NAG IA . -0.13 26.70 -31.29
O7 NAG IA . 0.90 20.24 -30.75
C1 NAG JA . 34.66 23.93 -3.27
C2 NAG JA . 35.19 24.43 -4.61
C3 NAG JA . 36.05 23.36 -5.24
C4 NAG JA . 37.20 23.03 -4.30
C5 NAG JA . 36.63 22.57 -2.95
C6 NAG JA . 37.70 22.31 -1.92
C7 NAG JA . 33.49 26.01 -5.45
C8 NAG JA . 32.40 26.22 -6.46
N2 NAG JA . 34.11 24.82 -5.51
O3 NAG JA . 36.57 23.83 -6.48
O4 NAG JA . 37.99 21.99 -4.86
O5 NAG JA . 35.78 23.60 -2.42
O6 NAG JA . 37.16 21.72 -0.75
O7 NAG JA . 33.77 26.84 -4.61
C1 NAG KA . 35.07 20.53 -15.04
C2 NAG KA . 35.64 19.14 -15.25
C3 NAG KA . 36.89 19.22 -16.11
C4 NAG KA . 36.53 19.89 -17.45
C5 NAG KA . 35.94 21.27 -17.17
C6 NAG KA . 35.47 21.97 -18.42
C7 NAG KA . 35.36 17.42 -13.50
C8 NAG KA . 35.83 16.93 -12.16
N2 NAG KA . 35.97 18.52 -13.97
O3 NAG KA . 37.39 17.92 -16.35
O4 NAG KA . 37.70 20.03 -18.25
O5 NAG KA . 34.79 21.13 -16.32
O6 NAG KA . 34.28 21.40 -18.92
O7 NAG KA . 34.48 16.84 -14.13
C1 NAG LA . 8.05 46.60 1.32
C2 NAG LA . 9.09 47.71 1.15
C3 NAG LA . 9.50 48.22 2.53
C4 NAG LA . 8.28 48.70 3.30
C5 NAG LA . 7.29 47.55 3.41
C6 NAG LA . 6.00 47.93 4.09
C7 NAG LA . 10.56 47.59 -0.82
C8 NAG LA . 11.78 46.98 -1.41
N2 NAG LA . 10.25 47.22 0.43
O3 NAG LA . 10.43 49.30 2.37
O4 NAG LA . 8.66 49.14 4.60
O5 NAG LA . 6.94 47.09 2.08
O6 NAG LA . 5.14 46.82 4.23
O7 NAG LA . 9.87 48.40 -1.45
C1 NAG MA . -12.09 45.23 -3.46
C2 NAG MA . -11.82 46.20 -2.32
C3 NAG MA . -12.67 45.81 -1.12
C4 NAG MA . -14.14 45.82 -1.53
C5 NAG MA . -14.33 44.85 -2.69
C6 NAG MA . -15.75 44.85 -3.22
C7 NAG MA . -9.55 47.14 -2.39
C8 NAG MA . -8.14 47.00 -1.90
N2 NAG MA . -10.41 46.22 -1.95
O3 NAG MA . -12.45 46.74 -0.06
O4 NAG MA . -14.95 45.41 -0.42
O5 NAG MA . -13.48 45.23 -3.78
O6 NAG MA . -16.00 43.72 -4.04
O7 NAG MA . -9.89 48.05 -3.14
C1 NAG NA . 6.48 50.11 -6.01
C2 NAG NA . 5.18 50.01 -5.21
C3 NAG NA . 4.13 50.91 -5.86
C4 NAG NA . 4.66 52.34 -5.91
C5 NAG NA . 5.98 52.36 -6.69
C6 NAG NA . 6.62 53.73 -6.72
C7 NAG NA . 5.05 47.79 -4.19
C8 NAG NA . 4.45 46.41 -4.28
N2 NAG NA . 4.70 48.65 -5.14
O3 NAG NA . 2.94 50.86 -5.09
O4 NAG NA . 3.71 53.19 -6.56
O5 NAG NA . 6.91 51.47 -6.06
O6 NAG NA . 7.73 53.75 -7.61
O7 NAG NA . 5.82 48.09 -3.29
C1 NAG OA . 11.70 41.69 -20.44
C2 NAG OA . 11.37 40.72 -21.57
C3 NAG OA . 12.39 40.91 -22.69
C4 NAG OA . 12.35 42.36 -23.16
C5 NAG OA . 12.65 43.27 -21.98
C6 NAG OA . 12.53 44.74 -22.34
C7 NAG OA . 10.35 38.51 -21.19
C8 NAG OA . 10.58 37.12 -20.65
N2 NAG OA . 11.40 39.34 -21.11
O3 NAG OA . 12.08 40.03 -23.77
O4 NAG OA . 13.32 42.56 -24.18
O5 NAG OA . 11.69 43.04 -20.94
O6 NAG OA . 12.89 45.57 -21.23
O7 NAG OA . 9.28 38.86 -21.67
C1 NAG PA . 13.88 38.19 6.03
C2 NAG PA . 12.67 37.60 6.73
C3 NAG PA . 12.53 38.23 8.12
C4 NAG PA . 13.81 37.99 8.90
C5 NAG PA . 14.99 38.57 8.13
C6 NAG PA . 16.32 38.30 8.80
C7 NAG PA . 10.72 36.81 5.44
C8 NAG PA . 9.52 37.23 4.66
N2 NAG PA . 11.46 37.81 5.96
O3 NAG PA . 11.42 37.66 8.79
O4 NAG PA . 13.73 38.62 10.18
O5 NAG PA . 15.05 37.97 6.83
O6 NAG PA . 17.37 39.04 8.18
O7 NAG PA . 11.03 35.63 5.59
#